data_3CFY
# 
_entry.id   3CFY 
# 
_audit_conform.dict_name       mmcif_pdbx.dic 
_audit_conform.dict_version    5.387 
_audit_conform.dict_location   http://mmcif.pdb.org/dictionaries/ascii/mmcif_pdbx.dic 
# 
loop_
_database_2.database_id 
_database_2.database_code 
_database_2.pdbx_database_accession 
_database_2.pdbx_DOI 
PDB   3CFY         pdb_00003cfy 10.2210/pdb3cfy/pdb 
RCSB  RCSB046728   ?            ?                   
WWPDB D_1000046728 ?            ?                   
# 
loop_
_pdbx_audit_revision_history.ordinal 
_pdbx_audit_revision_history.data_content_type 
_pdbx_audit_revision_history.major_revision 
_pdbx_audit_revision_history.minor_revision 
_pdbx_audit_revision_history.revision_date 
1 'Structure model' 1 0 2008-03-18 
2 'Structure model' 1 1 2011-07-13 
3 'Structure model' 1 2 2017-10-25 
4 'Structure model' 1 3 2018-11-14 
5 'Structure model' 1 4 2021-02-03 
6 'Structure model' 1 5 2024-02-21 
# 
_pdbx_audit_revision_details.ordinal             1 
_pdbx_audit_revision_details.revision_ordinal    1 
_pdbx_audit_revision_details.data_content_type   'Structure model' 
_pdbx_audit_revision_details.provider            repository 
_pdbx_audit_revision_details.type                'Initial release' 
_pdbx_audit_revision_details.description         ? 
_pdbx_audit_revision_details.details             ? 
# 
loop_
_pdbx_audit_revision_group.ordinal 
_pdbx_audit_revision_group.revision_ordinal 
_pdbx_audit_revision_group.data_content_type 
_pdbx_audit_revision_group.group 
1 2 'Structure model' 'Version format compliance' 
2 3 'Structure model' 'Refinement description'    
3 4 'Structure model' 'Data collection'           
4 4 'Structure model' 'Structure summary'         
5 5 'Structure model' 'Database references'       
6 5 'Structure model' 'Structure summary'         
7 6 'Structure model' 'Data collection'           
8 6 'Structure model' 'Database references'       
# 
loop_
_pdbx_audit_revision_category.ordinal 
_pdbx_audit_revision_category.revision_ordinal 
_pdbx_audit_revision_category.data_content_type 
_pdbx_audit_revision_category.category 
1 3 'Structure model' software           
2 4 'Structure model' audit_author       
3 5 'Structure model' audit_author       
4 5 'Structure model' citation_author    
5 5 'Structure model' struct_ref_seq_dif 
6 6 'Structure model' chem_comp_atom     
7 6 'Structure model' chem_comp_bond     
8 6 'Structure model' database_2         
# 
loop_
_pdbx_audit_revision_item.ordinal 
_pdbx_audit_revision_item.revision_ordinal 
_pdbx_audit_revision_item.data_content_type 
_pdbx_audit_revision_item.item 
1 3 'Structure model' '_software.name'                      
2 4 'Structure model' '_audit_author.identifier_ORCID'      
3 5 'Structure model' '_audit_author.identifier_ORCID'      
4 5 'Structure model' '_citation_author.identifier_ORCID'   
5 5 'Structure model' '_struct_ref_seq_dif.details'         
6 6 'Structure model' '_database_2.pdbx_DOI'                
7 6 'Structure model' '_database_2.pdbx_database_accession' 
# 
_pdbx_database_status.status_code                     REL 
_pdbx_database_status.entry_id                        3CFY 
_pdbx_database_status.recvd_initial_deposition_date   2008-03-04 
_pdbx_database_status.deposit_site                    RCSB 
_pdbx_database_status.process_site                    RCSB 
_pdbx_database_status.status_code_sf                  REL 
_pdbx_database_status.status_code_mr                  ? 
_pdbx_database_status.SG_entry                        Y 
_pdbx_database_status.pdb_format_compatible           Y 
_pdbx_database_status.status_code_cs                  ? 
_pdbx_database_status.methods_development_category    ? 
_pdbx_database_status.status_code_nmr_data            ? 
# 
_pdbx_database_related.db_name        TargetDB 
_pdbx_database_related.db_id          NYSGXRC-11019x 
_pdbx_database_related.details        . 
_pdbx_database_related.content_type   unspecified 
# 
loop_
_audit_author.name 
_audit_author.pdbx_ordinal 
_audit_author.identifier_ORCID 
'Patskovsky, Y.'                                                 1  ?                   
'Ramagopal, U.A.'                                                2  ?                   
'Fong, R.'                                                       3  ?                   
'Freeman, J.'                                                    4  ?                   
'Iizuka, M.'                                                     5  ?                   
'Groshong, C.'                                                   6  ?                   
'Smith, D.'                                                      7  ?                   
'Wasserman, S.R.'                                                8  ?                   
'Sauder, J.M.'                                                   9  0000-0002-0254-4955 
'Burley, S.K.'                                                   10 0000-0002-2487-9713 
'Almo, S.C.'                                                     11 ?                   
'New York SGX Research Center for Structural Genomics (NYSGXRC)' 12 ?                   
# 
_citation.id                        primary 
_citation.title                     
'Crystal Structure of Signal Receiver Domain of Putative Luxo Repressor Protein from Vibrio Parahaemolyticus.' 
_citation.journal_abbrev            'To be Published' 
_citation.journal_volume            ? 
_citation.page_first                ? 
_citation.page_last                 ? 
_citation.year                      ? 
_citation.journal_id_ASTM           ? 
_citation.country                   ? 
_citation.journal_id_ISSN           ? 
_citation.journal_id_CSD            0353 
_citation.book_publisher            ? 
_citation.pdbx_database_id_PubMed   ? 
_citation.pdbx_database_id_DOI      ? 
# 
loop_
_citation_author.citation_id 
_citation_author.name 
_citation_author.ordinal 
_citation_author.identifier_ORCID 
primary 'Patskovsky, Y.'  1  ?                   
primary 'Ramagopal, U.A.' 2  ?                   
primary 'Fong, R.'        3  ?                   
primary 'Freeman, J.'     4  ?                   
primary 'Iizuka, M.'      5  ?                   
primary 'Groshong, C.'    6  ?                   
primary 'Smith, D.'       7  ?                   
primary 'Wasserman, S.R.' 8  ?                   
primary 'Sauder, J.M.'    9  ?                   
primary 'Burley, S.K.'    10 0000-0002-2487-9713 
primary 'Almo, S.C.'      11 ?                   
# 
loop_
_entity.id 
_entity.type 
_entity.src_method 
_entity.pdbx_description 
_entity.formula_weight 
_entity.pdbx_number_of_molecules 
_entity.pdbx_ec 
_entity.pdbx_mutation 
_entity.pdbx_fragment 
_entity.details 
1 polymer man 'Putative LuxO repressor protein' 15597.812 1  ? ? 'Signal receiver domain: Residues 2-128' ? 
2 water   nat water                             18.015    18 ? ? ?                                        ? 
# 
_entity_poly.entity_id                      1 
_entity_poly.type                           'polypeptide(L)' 
_entity_poly.nstd_linkage                   no 
_entity_poly.nstd_monomer                   no 
_entity_poly.pdbx_seq_one_letter_code       
;MSLRPRVLLVEDSTSLAILYKQYVKDEPYDIFHVETGRDAIQFIERSKPQLIILDLKLPDMSGEDVLDWINQNDIPTSVI
IATAHGSVDLAVNLIQKGAEDFLEKPINADRLKTSVALHLKRAKLEDLVEGHHHHHH
;
_entity_poly.pdbx_seq_one_letter_code_can   
;MSLRPRVLLVEDSTSLAILYKQYVKDEPYDIFHVETGRDAIQFIERSKPQLIILDLKLPDMSGEDVLDWINQNDIPTSVI
IATAHGSVDLAVNLIQKGAEDFLEKPINADRLKTSVALHLKRAKLEDLVEGHHHHHH
;
_entity_poly.pdbx_strand_id                 A 
_entity_poly.pdbx_target_identifier         NYSGXRC-11019x 
# 
_pdbx_entity_nonpoly.entity_id   2 
_pdbx_entity_nonpoly.name        water 
_pdbx_entity_nonpoly.comp_id     HOH 
# 
loop_
_entity_poly_seq.entity_id 
_entity_poly_seq.num 
_entity_poly_seq.mon_id 
_entity_poly_seq.hetero 
1 1   MET n 
1 2   SER n 
1 3   LEU n 
1 4   ARG n 
1 5   PRO n 
1 6   ARG n 
1 7   VAL n 
1 8   LEU n 
1 9   LEU n 
1 10  VAL n 
1 11  GLU n 
1 12  ASP n 
1 13  SER n 
1 14  THR n 
1 15  SER n 
1 16  LEU n 
1 17  ALA n 
1 18  ILE n 
1 19  LEU n 
1 20  TYR n 
1 21  LYS n 
1 22  GLN n 
1 23  TYR n 
1 24  VAL n 
1 25  LYS n 
1 26  ASP n 
1 27  GLU n 
1 28  PRO n 
1 29  TYR n 
1 30  ASP n 
1 31  ILE n 
1 32  PHE n 
1 33  HIS n 
1 34  VAL n 
1 35  GLU n 
1 36  THR n 
1 37  GLY n 
1 38  ARG n 
1 39  ASP n 
1 40  ALA n 
1 41  ILE n 
1 42  GLN n 
1 43  PHE n 
1 44  ILE n 
1 45  GLU n 
1 46  ARG n 
1 47  SER n 
1 48  LYS n 
1 49  PRO n 
1 50  GLN n 
1 51  LEU n 
1 52  ILE n 
1 53  ILE n 
1 54  LEU n 
1 55  ASP n 
1 56  LEU n 
1 57  LYS n 
1 58  LEU n 
1 59  PRO n 
1 60  ASP n 
1 61  MET n 
1 62  SER n 
1 63  GLY n 
1 64  GLU n 
1 65  ASP n 
1 66  VAL n 
1 67  LEU n 
1 68  ASP n 
1 69  TRP n 
1 70  ILE n 
1 71  ASN n 
1 72  GLN n 
1 73  ASN n 
1 74  ASP n 
1 75  ILE n 
1 76  PRO n 
1 77  THR n 
1 78  SER n 
1 79  VAL n 
1 80  ILE n 
1 81  ILE n 
1 82  ALA n 
1 83  THR n 
1 84  ALA n 
1 85  HIS n 
1 86  GLY n 
1 87  SER n 
1 88  VAL n 
1 89  ASP n 
1 90  LEU n 
1 91  ALA n 
1 92  VAL n 
1 93  ASN n 
1 94  LEU n 
1 95  ILE n 
1 96  GLN n 
1 97  LYS n 
1 98  GLY n 
1 99  ALA n 
1 100 GLU n 
1 101 ASP n 
1 102 PHE n 
1 103 LEU n 
1 104 GLU n 
1 105 LYS n 
1 106 PRO n 
1 107 ILE n 
1 108 ASN n 
1 109 ALA n 
1 110 ASP n 
1 111 ARG n 
1 112 LEU n 
1 113 LYS n 
1 114 THR n 
1 115 SER n 
1 116 VAL n 
1 117 ALA n 
1 118 LEU n 
1 119 HIS n 
1 120 LEU n 
1 121 LYS n 
1 122 ARG n 
1 123 ALA n 
1 124 LYS n 
1 125 LEU n 
1 126 GLU n 
1 127 ASP n 
1 128 LEU n 
1 129 VAL n 
1 130 GLU n 
1 131 GLY n 
1 132 HIS n 
1 133 HIS n 
1 134 HIS n 
1 135 HIS n 
1 136 HIS n 
1 137 HIS n 
# 
_entity_src_gen.entity_id                          1 
_entity_src_gen.pdbx_src_id                        1 
_entity_src_gen.pdbx_alt_source_flag               sample 
_entity_src_gen.pdbx_seq_type                      ? 
_entity_src_gen.pdbx_beg_seq_num                   ? 
_entity_src_gen.pdbx_end_seq_num                   ? 
_entity_src_gen.gene_src_common_name               ? 
_entity_src_gen.gene_src_genus                     Vibrio 
_entity_src_gen.pdbx_gene_src_gene                 VP1469 
_entity_src_gen.gene_src_species                   'Vibrio parahaemolyticus' 
_entity_src_gen.gene_src_strain                    'RIMD 2210633 / Serotype O3:K6' 
_entity_src_gen.gene_src_tissue                    ? 
_entity_src_gen.gene_src_tissue_fraction           ? 
_entity_src_gen.gene_src_details                   ? 
_entity_src_gen.pdbx_gene_src_fragment             ? 
_entity_src_gen.pdbx_gene_src_scientific_name      'Vibrio parahaemolyticus RIMD 2210633' 
_entity_src_gen.pdbx_gene_src_ncbi_taxonomy_id     223926 
_entity_src_gen.pdbx_gene_src_variant              ? 
_entity_src_gen.pdbx_gene_src_cell_line            ? 
_entity_src_gen.pdbx_gene_src_atcc                 ? 
_entity_src_gen.pdbx_gene_src_organ                ? 
_entity_src_gen.pdbx_gene_src_organelle            ? 
_entity_src_gen.pdbx_gene_src_cell                 ? 
_entity_src_gen.pdbx_gene_src_cellular_location    ? 
_entity_src_gen.host_org_common_name               ? 
_entity_src_gen.pdbx_host_org_scientific_name      'Escherichia coli' 
_entity_src_gen.pdbx_host_org_ncbi_taxonomy_id     562 
_entity_src_gen.host_org_genus                     Escherichia 
_entity_src_gen.pdbx_host_org_gene                 ? 
_entity_src_gen.pdbx_host_org_organ                ? 
_entity_src_gen.host_org_species                   ? 
_entity_src_gen.pdbx_host_org_tissue               ? 
_entity_src_gen.pdbx_host_org_tissue_fraction      ? 
_entity_src_gen.pdbx_host_org_strain               ? 
_entity_src_gen.pdbx_host_org_variant              ? 
_entity_src_gen.pdbx_host_org_cell_line            ? 
_entity_src_gen.pdbx_host_org_atcc                 ? 
_entity_src_gen.pdbx_host_org_culture_collection   ? 
_entity_src_gen.pdbx_host_org_cell                 ? 
_entity_src_gen.pdbx_host_org_organelle            ? 
_entity_src_gen.pdbx_host_org_cellular_location    ? 
_entity_src_gen.pdbx_host_org_vector_type          Plasmid 
_entity_src_gen.pdbx_host_org_vector               pET 
_entity_src_gen.host_org_details                   ? 
_entity_src_gen.expression_system_id               ? 
_entity_src_gen.plasmid_name                       'BC-pSGX3(BC)' 
_entity_src_gen.plasmid_details                    ? 
_entity_src_gen.pdbx_description                   ? 
# 
loop_
_chem_comp.id 
_chem_comp.type 
_chem_comp.mon_nstd_flag 
_chem_comp.name 
_chem_comp.pdbx_synonyms 
_chem_comp.formula 
_chem_comp.formula_weight 
ALA 'L-peptide linking' y ALANINE         ? 'C3 H7 N O2'     89.093  
ARG 'L-peptide linking' y ARGININE        ? 'C6 H15 N4 O2 1' 175.209 
ASN 'L-peptide linking' y ASPARAGINE      ? 'C4 H8 N2 O3'    132.118 
ASP 'L-peptide linking' y 'ASPARTIC ACID' ? 'C4 H7 N O4'     133.103 
GLN 'L-peptide linking' y GLUTAMINE       ? 'C5 H10 N2 O3'   146.144 
GLU 'L-peptide linking' y 'GLUTAMIC ACID' ? 'C5 H9 N O4'     147.129 
GLY 'peptide linking'   y GLYCINE         ? 'C2 H5 N O2'     75.067  
HIS 'L-peptide linking' y HISTIDINE       ? 'C6 H10 N3 O2 1' 156.162 
HOH non-polymer         . WATER           ? 'H2 O'           18.015  
ILE 'L-peptide linking' y ISOLEUCINE      ? 'C6 H13 N O2'    131.173 
LEU 'L-peptide linking' y LEUCINE         ? 'C6 H13 N O2'    131.173 
LYS 'L-peptide linking' y LYSINE          ? 'C6 H15 N2 O2 1' 147.195 
MET 'L-peptide linking' y METHIONINE      ? 'C5 H11 N O2 S'  149.211 
PHE 'L-peptide linking' y PHENYLALANINE   ? 'C9 H11 N O2'    165.189 
PRO 'L-peptide linking' y PROLINE         ? 'C5 H9 N O2'     115.130 
SER 'L-peptide linking' y SERINE          ? 'C3 H7 N O3'     105.093 
THR 'L-peptide linking' y THREONINE       ? 'C4 H9 N O3'     119.119 
TRP 'L-peptide linking' y TRYPTOPHAN      ? 'C11 H12 N2 O2'  204.225 
TYR 'L-peptide linking' y TYROSINE        ? 'C9 H11 N O3'    181.189 
VAL 'L-peptide linking' y VALINE          ? 'C5 H11 N O2'    117.146 
# 
loop_
_pdbx_poly_seq_scheme.asym_id 
_pdbx_poly_seq_scheme.entity_id 
_pdbx_poly_seq_scheme.seq_id 
_pdbx_poly_seq_scheme.mon_id 
_pdbx_poly_seq_scheme.ndb_seq_num 
_pdbx_poly_seq_scheme.pdb_seq_num 
_pdbx_poly_seq_scheme.auth_seq_num 
_pdbx_poly_seq_scheme.pdb_mon_id 
_pdbx_poly_seq_scheme.auth_mon_id 
_pdbx_poly_seq_scheme.pdb_strand_id 
_pdbx_poly_seq_scheme.pdb_ins_code 
_pdbx_poly_seq_scheme.hetero 
A 1 1   MET 1   -1  ?   ?   ?   A . n 
A 1 2   SER 2   0   ?   ?   ?   A . n 
A 1 3   LEU 3   1   1   LEU LEU A . n 
A 1 4   ARG 4   2   2   ARG ARG A . n 
A 1 5   PRO 5   3   3   PRO PRO A . n 
A 1 6   ARG 6   4   4   ARG ARG A . n 
A 1 7   VAL 7   5   5   VAL VAL A . n 
A 1 8   LEU 8   6   6   LEU LEU A . n 
A 1 9   LEU 9   7   7   LEU LEU A . n 
A 1 10  VAL 10  8   8   VAL VAL A . n 
A 1 11  GLU 11  9   9   GLU GLU A . n 
A 1 12  ASP 12  10  10  ASP ASP A . n 
A 1 13  SER 13  11  11  SER SER A . n 
A 1 14  THR 14  12  12  THR GLY A . n 
A 1 15  SER 15  13  13  SER SER A . n 
A 1 16  LEU 16  14  14  LEU LEU A . n 
A 1 17  ALA 17  15  15  ALA ALA A . n 
A 1 18  ILE 18  16  16  ILE ILE A . n 
A 1 19  LEU 19  17  17  LEU LEU A . n 
A 1 20  TYR 20  18  18  TYR TYR A . n 
A 1 21  LYS 21  19  19  LYS LYS A . n 
A 1 22  GLN 22  20  20  GLN GLN A . n 
A 1 23  TYR 23  21  21  TYR TYR A . n 
A 1 24  VAL 24  22  22  VAL VAL A . n 
A 1 25  LYS 25  23  23  LYS LYS A . n 
A 1 26  ASP 26  24  24  ASP ASP A . n 
A 1 27  GLU 27  25  25  GLU GLU A . n 
A 1 28  PRO 28  26  26  PRO PRO A . n 
A 1 29  TYR 29  27  27  TYR TYR A . n 
A 1 30  ASP 30  28  28  ASP ASP A . n 
A 1 31  ILE 31  29  29  ILE ILE A . n 
A 1 32  PHE 32  30  30  PHE PHE A . n 
A 1 33  HIS 33  31  31  HIS HIS A . n 
A 1 34  VAL 34  32  32  VAL VAL A . n 
A 1 35  GLU 35  33  33  GLU GLU A . n 
A 1 36  THR 36  34  34  THR THR A . n 
A 1 37  GLY 37  35  35  GLY GLY A . n 
A 1 38  ARG 38  36  36  ARG ARG A . n 
A 1 39  ASP 39  37  37  ASP ASP A . n 
A 1 40  ALA 40  38  38  ALA ALA A . n 
A 1 41  ILE 41  39  39  ILE ILE A . n 
A 1 42  GLN 42  40  40  GLN GLN A . n 
A 1 43  PHE 43  41  41  PHE PHE A . n 
A 1 44  ILE 44  42  42  ILE ILE A . n 
A 1 45  GLU 45  43  43  GLU GLU A . n 
A 1 46  ARG 46  44  44  ARG ARG A . n 
A 1 47  SER 47  45  45  SER SER A . n 
A 1 48  LYS 48  46  46  LYS LYS A . n 
A 1 49  PRO 49  47  47  PRO PRO A . n 
A 1 50  GLN 50  48  48  GLN GLN A . n 
A 1 51  LEU 51  49  49  LEU LEU A . n 
A 1 52  ILE 52  50  50  ILE ILE A . n 
A 1 53  ILE 53  51  51  ILE ILE A . n 
A 1 54  LEU 54  52  52  LEU LEU A . n 
A 1 55  ASP 55  53  53  ASP ASP A . n 
A 1 56  LEU 56  54  54  LEU LEU A . n 
A 1 57  LYS 57  55  55  LYS LYS A . n 
A 1 58  LEU 58  56  56  LEU LEU A . n 
A 1 59  PRO 59  57  57  PRO PRO A . n 
A 1 60  ASP 60  58  58  ASP ASP A . n 
A 1 61  MET 61  59  59  MET MET A . n 
A 1 62  SER 62  60  60  SER SER A . n 
A 1 63  GLY 63  61  61  GLY GLY A . n 
A 1 64  GLU 64  62  62  GLU GLU A . n 
A 1 65  ASP 65  63  63  ASP ASP A . n 
A 1 66  VAL 66  64  64  VAL VAL A . n 
A 1 67  LEU 67  65  65  LEU LEU A . n 
A 1 68  ASP 68  66  66  ASP ASP A . n 
A 1 69  TRP 69  67  67  TRP TRP A . n 
A 1 70  ILE 70  68  68  ILE ILE A . n 
A 1 71  ASN 71  69  69  ASN ASN A . n 
A 1 72  GLN 72  70  70  GLN GLN A . n 
A 1 73  ASN 73  71  71  ASN ASN A . n 
A 1 74  ASP 74  72  72  ASP ASP A . n 
A 1 75  ILE 75  73  73  ILE ILE A . n 
A 1 76  PRO 76  74  74  PRO PRO A . n 
A 1 77  THR 77  75  75  THR THR A . n 
A 1 78  SER 78  76  76  SER SER A . n 
A 1 79  VAL 79  77  77  VAL VAL A . n 
A 1 80  ILE 80  78  78  ILE ILE A . n 
A 1 81  ILE 81  79  79  ILE ILE A . n 
A 1 82  ALA 82  80  80  ALA ALA A . n 
A 1 83  THR 83  81  81  THR THR A . n 
A 1 84  ALA 84  82  82  ALA ALA A . n 
A 1 85  HIS 85  83  83  HIS HIS A . n 
A 1 86  GLY 86  84  84  GLY GLY A . n 
A 1 87  SER 87  85  85  SER SER A . n 
A 1 88  VAL 88  86  86  VAL VAL A . n 
A 1 89  ASP 89  87  87  ASP ASP A . n 
A 1 90  LEU 90  88  88  LEU LEU A . n 
A 1 91  ALA 91  89  89  ALA ALA A . n 
A 1 92  VAL 92  90  90  VAL VAL A . n 
A 1 93  ASN 93  91  91  ASN ASN A . n 
A 1 94  LEU 94  92  92  LEU LEU A . n 
A 1 95  ILE 95  93  93  ILE ILE A . n 
A 1 96  GLN 96  94  94  GLN GLN A . n 
A 1 97  LYS 97  95  95  LYS LYS A . n 
A 1 98  GLY 98  96  96  GLY GLY A . n 
A 1 99  ALA 99  97  97  ALA ALA A . n 
A 1 100 GLU 100 98  98  GLU GLU A . n 
A 1 101 ASP 101 99  99  ASP ASP A . n 
A 1 102 PHE 102 100 100 PHE PHE A . n 
A 1 103 LEU 103 101 101 LEU LEU A . n 
A 1 104 GLU 104 102 102 GLU GLU A . n 
A 1 105 LYS 105 103 103 LYS LYS A . n 
A 1 106 PRO 106 104 104 PRO PRO A . n 
A 1 107 ILE 107 105 105 ILE ILE A . n 
A 1 108 ASN 108 106 106 ASN ASN A . n 
A 1 109 ALA 109 107 107 ALA ALA A . n 
A 1 110 ASP 110 108 108 ASP ASP A . n 
A 1 111 ARG 111 109 109 ARG ARG A . n 
A 1 112 LEU 112 110 110 LEU LEU A . n 
A 1 113 LYS 113 111 111 LYS LYS A . n 
A 1 114 THR 114 112 112 THR THR A . n 
A 1 115 SER 115 113 113 SER SER A . n 
A 1 116 VAL 116 114 114 VAL VAL A . n 
A 1 117 ALA 117 115 115 ALA ALA A . n 
A 1 118 LEU 118 116 116 LEU LEU A . n 
A 1 119 HIS 119 117 117 HIS HIS A . n 
A 1 120 LEU 120 118 118 LEU LEU A . n 
A 1 121 LYS 121 119 119 LYS LYS A . n 
A 1 122 ARG 122 120 120 ARG ARG A . n 
A 1 123 ALA 123 121 121 ALA ALA A . n 
A 1 124 LYS 124 122 122 LYS LYS A . n 
A 1 125 LEU 125 123 123 LEU LEU A . n 
A 1 126 GLU 126 124 124 GLU GLU A . n 
A 1 127 ASP 127 125 125 ASP ASP A . n 
A 1 128 LEU 128 126 126 LEU LEU A . n 
A 1 129 VAL 129 127 127 VAL VAL A . n 
A 1 130 GLU 130 128 128 GLU GLU A . n 
A 1 131 GLY 131 129 129 GLY GLY A . n 
A 1 132 HIS 132 130 130 HIS HIS A . n 
A 1 133 HIS 133 131 ?   ?   ?   A . n 
A 1 134 HIS 134 132 ?   ?   ?   A . n 
A 1 135 HIS 135 133 ?   ?   ?   A . n 
A 1 136 HIS 136 134 ?   ?   ?   A . n 
A 1 137 HIS 137 135 ?   ?   ?   A . n 
# 
loop_
_pdbx_nonpoly_scheme.asym_id 
_pdbx_nonpoly_scheme.entity_id 
_pdbx_nonpoly_scheme.mon_id 
_pdbx_nonpoly_scheme.ndb_seq_num 
_pdbx_nonpoly_scheme.pdb_seq_num 
_pdbx_nonpoly_scheme.auth_seq_num 
_pdbx_nonpoly_scheme.pdb_mon_id 
_pdbx_nonpoly_scheme.auth_mon_id 
_pdbx_nonpoly_scheme.pdb_strand_id 
_pdbx_nonpoly_scheme.pdb_ins_code 
B 2 HOH 1  136 1  HOH HOH A . 
B 2 HOH 2  137 2  HOH HOH A . 
B 2 HOH 3  138 3  HOH HOH A . 
B 2 HOH 4  139 4  HOH HOH A . 
B 2 HOH 5  140 5  HOH HOH A . 
B 2 HOH 6  141 6  HOH HOH A . 
B 2 HOH 7  142 7  HOH HOH A . 
B 2 HOH 8  143 8  HOH HOH A . 
B 2 HOH 9  144 9  HOH HOH A . 
B 2 HOH 10 145 10 HOH HOH A . 
B 2 HOH 11 146 11 HOH HOH A . 
B 2 HOH 12 147 12 HOH HOH A . 
B 2 HOH 13 148 13 HOH HOH A . 
B 2 HOH 14 149 14 HOH HOH A . 
B 2 HOH 15 150 15 HOH HOH A . 
B 2 HOH 16 151 16 HOH HOH A . 
B 2 HOH 17 152 17 HOH HOH A . 
B 2 HOH 18 153 18 HOH HOH A . 
# 
loop_
_pdbx_unobs_or_zero_occ_atoms.id 
_pdbx_unobs_or_zero_occ_atoms.PDB_model_num 
_pdbx_unobs_or_zero_occ_atoms.polymer_flag 
_pdbx_unobs_or_zero_occ_atoms.occupancy_flag 
_pdbx_unobs_or_zero_occ_atoms.auth_asym_id 
_pdbx_unobs_or_zero_occ_atoms.auth_comp_id 
_pdbx_unobs_or_zero_occ_atoms.auth_seq_id 
_pdbx_unobs_or_zero_occ_atoms.PDB_ins_code 
_pdbx_unobs_or_zero_occ_atoms.auth_atom_id 
_pdbx_unobs_or_zero_occ_atoms.label_alt_id 
_pdbx_unobs_or_zero_occ_atoms.label_asym_id 
_pdbx_unobs_or_zero_occ_atoms.label_comp_id 
_pdbx_unobs_or_zero_occ_atoms.label_seq_id 
_pdbx_unobs_or_zero_occ_atoms.label_atom_id 
1 1 Y 1 A THR 12 ? CB  ? A THR 14 CB  
2 1 Y 1 A THR 12 ? OG1 ? A THR 14 OG1 
3 1 Y 1 A THR 12 ? CG2 ? A THR 14 CG2 
# 
loop_
_software.name 
_software.classification 
_software.version 
_software.citation_id 
_software.pdbx_ordinal 
SHELX    'model building'  .        ? 1 
REFMAC   refinement        5.3.0034 ? 2 
MAR345   'data collection' CCD      ? 3 
HKL-2000 'data reduction'  .        ? 4 
HKL-2000 'data scaling'    .        ? 5 
SHELXD   phasing           .        ? 6 
# 
_cell.entry_id           3CFY 
_cell.length_a           58.203 
_cell.length_b           58.203 
_cell.length_c           96.692 
_cell.angle_alpha        90.00 
_cell.angle_beta         90.00 
_cell.angle_gamma        90.00 
_cell.Z_PDB              8 
_cell.pdbx_unique_axis   ? 
_cell.length_a_esd       ? 
_cell.length_b_esd       ? 
_cell.length_c_esd       ? 
_cell.angle_alpha_esd    ? 
_cell.angle_beta_esd     ? 
_cell.angle_gamma_esd    ? 
# 
_symmetry.entry_id                         3CFY 
_symmetry.space_group_name_H-M             'P 42 21 2' 
_symmetry.pdbx_full_space_group_name_H-M   ? 
_symmetry.cell_setting                     ? 
_symmetry.Int_Tables_number                94 
_symmetry.space_group_name_Hall            ? 
# 
_exptl.entry_id          3CFY 
_exptl.method            'X-RAY DIFFRACTION' 
_exptl.crystals_number   1 
# 
_exptl_crystal.id                    1 
_exptl_crystal.density_meas          ? 
_exptl_crystal.density_Matthews      2.62 
_exptl_crystal.density_percent_sol   53.14 
_exptl_crystal.description           ? 
_exptl_crystal.F_000                 ? 
_exptl_crystal.preparation           ? 
# 
_exptl_crystal_grow.crystal_id      1 
_exptl_crystal_grow.method          'VAPOR DIFFUSION, SITTING DROP' 
_exptl_crystal_grow.temp            294 
_exptl_crystal_grow.temp_details    ? 
_exptl_crystal_grow.pH              7.5 
_exptl_crystal_grow.pdbx_details    
'2.2M Ammonium sulfate pH 7.5, 100mM Sodium/potassium tartrate, 10% Glycerol, VAPOR DIFFUSION, SITTING DROP, temperature 294K' 
_exptl_crystal_grow.pdbx_pH_range   . 
# 
_diffrn.id                     1 
_diffrn.ambient_temp           77.0 
_diffrn.ambient_temp_details   ? 
_diffrn.crystal_id             1 
# 
_diffrn_detector.diffrn_id              1 
_diffrn_detector.detector               CCD 
_diffrn_detector.type                   'MAR CCD 165 mm' 
_diffrn_detector.pdbx_collection_date   2007-12-15 
_diffrn_detector.details                ? 
# 
_diffrn_radiation.diffrn_id                        1 
_diffrn_radiation.wavelength_id                    1 
_diffrn_radiation.pdbx_monochromatic_or_laue_m_l   M 
_diffrn_radiation.monochromator                    DIAMOND 
_diffrn_radiation.pdbx_diffrn_protocol             'SINGLE WAVELENGTH' 
_diffrn_radiation.pdbx_scattering_type             x-ray 
# 
_diffrn_radiation_wavelength.id           1 
_diffrn_radiation_wavelength.wavelength   0.9793 
_diffrn_radiation_wavelength.wt           1.0 
# 
_diffrn_source.diffrn_id                   1 
_diffrn_source.source                      SYNCHROTRON 
_diffrn_source.type                        'APS BEAMLINE 31-ID' 
_diffrn_source.pdbx_synchrotron_site       APS 
_diffrn_source.pdbx_synchrotron_beamline   31-ID 
_diffrn_source.pdbx_wavelength             ? 
_diffrn_source.pdbx_wavelength_list        0.9793 
# 
_reflns.entry_id                     3CFY 
_reflns.observed_criterion_sigma_I   -0.500 
_reflns.observed_criterion_sigma_F   ? 
_reflns.d_resolution_low             50.000 
_reflns.d_resolution_high            2.250 
_reflns.number_obs                   8444 
_reflns.number_all                   ? 
_reflns.percent_possible_obs         99.3 
_reflns.pdbx_Rmerge_I_obs            0.061 
_reflns.pdbx_Rsym_value              ? 
_reflns.pdbx_netI_over_sigmaI        6.1000 
_reflns.B_iso_Wilson_estimate        ? 
_reflns.pdbx_redundancy              7.400 
_reflns.R_free_details               ? 
_reflns.limit_h_max                  ? 
_reflns.limit_h_min                  ? 
_reflns.limit_k_max                  ? 
_reflns.limit_k_min                  ? 
_reflns.limit_l_max                  ? 
_reflns.limit_l_min                  ? 
_reflns.observed_criterion_F_max     ? 
_reflns.observed_criterion_F_min     ? 
_reflns.pdbx_chi_squared             ? 
_reflns.pdbx_scaling_rejects         ? 
_reflns.pdbx_diffrn_id               1 
_reflns.pdbx_ordinal                 1 
# 
_reflns_shell.d_res_high             2.25 
_reflns_shell.d_res_low              2.33 
_reflns_shell.percent_possible_all   98.4 
_reflns_shell.Rmerge_I_obs           0.82 
_reflns_shell.pdbx_Rsym_value        ? 
_reflns_shell.meanI_over_sigI_obs    1.100 
_reflns_shell.pdbx_redundancy        5.60 
_reflns_shell.percent_possible_obs   ? 
_reflns_shell.number_unique_all      ? 
_reflns_shell.number_measured_all    ? 
_reflns_shell.number_measured_obs    ? 
_reflns_shell.number_unique_obs      ? 
_reflns_shell.pdbx_chi_squared       ? 
_reflns_shell.pdbx_diffrn_id         ? 
_reflns_shell.pdbx_ordinal           1 
# 
_refine.entry_id                                 3CFY 
_refine.ls_number_reflns_obs                     5965 
_refine.ls_number_reflns_all                     ? 
_refine.pdbx_ls_sigma_I                          ? 
_refine.pdbx_ls_sigma_F                          ? 
_refine.pdbx_data_cutoff_high_absF               ? 
_refine.pdbx_data_cutoff_low_absF                ? 
_refine.pdbx_data_cutoff_high_rms_absF           ? 
_refine.ls_d_res_low                             20.00 
_refine.ls_d_res_high                            2.50 
_refine.ls_percent_reflns_obs                    99.46 
_refine.ls_R_factor_obs                          0.24763 
_refine.ls_R_factor_all                          ? 
_refine.ls_R_factor_R_work                       0.24645 
_refine.ls_R_factor_R_free                       0.2907 
_refine.ls_R_factor_R_free_error                 ? 
_refine.ls_R_factor_R_free_error_details         ? 
_refine.ls_percent_reflns_R_free                 2.7 
_refine.ls_number_reflns_R_free                  167 
_refine.ls_number_parameters                     ? 
_refine.ls_number_restraints                     ? 
_refine.occupancy_min                            ? 
_refine.occupancy_max                            ? 
_refine.correlation_coeff_Fo_to_Fc               0.941 
_refine.correlation_coeff_Fo_to_Fc_free          0.912 
_refine.B_iso_mean                               80.427 
_refine.aniso_B[1][1]                            -3.38 
_refine.aniso_B[2][2]                            -3.38 
_refine.aniso_B[3][3]                            6.76 
_refine.aniso_B[1][2]                            0.00 
_refine.aniso_B[1][3]                            0.00 
_refine.aniso_B[2][3]                            0.00 
_refine.solvent_model_details                    MASK 
_refine.solvent_model_param_ksol                 ? 
_refine.solvent_model_param_bsol                 ? 
_refine.pdbx_solvent_vdw_probe_radii             1.20 
_refine.pdbx_solvent_ion_probe_radii             0.80 
_refine.pdbx_solvent_shrinkage_radii             0.80 
_refine.pdbx_ls_cross_valid_method               THROUGHOUT 
_refine.details                                  'HYDROGENS HAVE BEEN ADDED IN THE RIDING POSITIONS' 
_refine.pdbx_starting_model                      ? 
_refine.pdbx_method_to_determine_struct          SAD 
_refine.pdbx_isotropic_thermal_model             ? 
_refine.pdbx_stereochemistry_target_values       'MAXIMUM LIKELIHOOD' 
_refine.pdbx_stereochem_target_val_spec_case     ? 
_refine.pdbx_R_Free_selection_details            RANDOM 
_refine.pdbx_overall_ESU_R                       0.489 
_refine.pdbx_overall_ESU_R_Free                  0.310 
_refine.overall_SU_ML                            0.297 
_refine.overall_SU_B                             15.227 
_refine.ls_redundancy_reflns_obs                 ? 
_refine.B_iso_min                                ? 
_refine.B_iso_max                                ? 
_refine.overall_SU_R_Cruickshank_DPI             ? 
_refine.overall_SU_R_free                        ? 
_refine.ls_wR_factor_R_free                      ? 
_refine.ls_wR_factor_R_work                      ? 
_refine.overall_FOM_free_R_set                   ? 
_refine.overall_FOM_work_R_set                   ? 
_refine.pdbx_overall_phase_error                 ? 
_refine.pdbx_refine_id                           'X-RAY DIFFRACTION' 
_refine.pdbx_diffrn_id                           1 
_refine.pdbx_TLS_residual_ADP_flag               ? 
_refine.pdbx_overall_SU_R_free_Cruickshank_DPI   ? 
_refine.pdbx_overall_SU_R_Blow_DPI               ? 
_refine.pdbx_overall_SU_R_free_Blow_DPI          ? 
# 
_refine_hist.pdbx_refine_id                   'X-RAY DIFFRACTION' 
_refine_hist.cycle_id                         LAST 
_refine_hist.pdbx_number_atoms_protein        1043 
_refine_hist.pdbx_number_atoms_nucleic_acid   0 
_refine_hist.pdbx_number_atoms_ligand         0 
_refine_hist.number_atoms_solvent             18 
_refine_hist.number_atoms_total               1061 
_refine_hist.d_res_high                       2.50 
_refine_hist.d_res_low                        20.00 
# 
loop_
_refine_ls_restr.type 
_refine_ls_restr.dev_ideal 
_refine_ls_restr.dev_ideal_target 
_refine_ls_restr.weight 
_refine_ls_restr.number 
_refine_ls_restr.pdbx_refine_id 
_refine_ls_restr.pdbx_restraint_function 
r_bond_refined_d             0.007  0.022  ? 1062 'X-RAY DIFFRACTION' ? 
r_bond_other_d               ?      ?      ? ?    'X-RAY DIFFRACTION' ? 
r_angle_refined_deg          1.185  1.987  ? 1442 'X-RAY DIFFRACTION' ? 
r_angle_other_deg            ?      ?      ? ?    'X-RAY DIFFRACTION' ? 
r_dihedral_angle_1_deg       4.930  5.000  ? 133  'X-RAY DIFFRACTION' ? 
r_dihedral_angle_2_deg       37.357 25.306 ? 49   'X-RAY DIFFRACTION' ? 
r_dihedral_angle_3_deg       20.373 15.000 ? 200  'X-RAY DIFFRACTION' ? 
r_dihedral_angle_4_deg       12.296 15.000 ? 6    'X-RAY DIFFRACTION' ? 
r_chiral_restr               0.075  0.200  ? 170  'X-RAY DIFFRACTION' ? 
r_gen_planes_refined         0.003  0.020  ? 785  'X-RAY DIFFRACTION' ? 
r_gen_planes_other           ?      ?      ? ?    'X-RAY DIFFRACTION' ? 
r_nbd_refined                0.125  0.300  ? 470  'X-RAY DIFFRACTION' ? 
r_nbd_other                  ?      ?      ? ?    'X-RAY DIFFRACTION' ? 
r_nbtor_refined              0.294  0.500  ? 714  'X-RAY DIFFRACTION' ? 
r_nbtor_other                ?      ?      ? ?    'X-RAY DIFFRACTION' ? 
r_xyhbond_nbd_refined        0.162  0.500  ? 51   'X-RAY DIFFRACTION' ? 
r_xyhbond_nbd_other          ?      ?      ? ?    'X-RAY DIFFRACTION' ? 
r_metal_ion_refined          ?      ?      ? ?    'X-RAY DIFFRACTION' ? 
r_metal_ion_other            ?      ?      ? ?    'X-RAY DIFFRACTION' ? 
r_symmetry_vdw_refined       0.106  0.300  ? 18   'X-RAY DIFFRACTION' ? 
r_symmetry_vdw_other         ?      ?      ? ?    'X-RAY DIFFRACTION' ? 
r_symmetry_hbond_refined     0.172  0.500  ? 4    'X-RAY DIFFRACTION' ? 
r_symmetry_hbond_other       ?      ?      ? ?    'X-RAY DIFFRACTION' ? 
r_symmetry_metal_ion_refined ?      ?      ? ?    'X-RAY DIFFRACTION' ? 
r_symmetry_metal_ion_other   ?      ?      ? ?    'X-RAY DIFFRACTION' ? 
r_mcbond_it                  3.652  2.000  ? 672  'X-RAY DIFFRACTION' ? 
r_mcbond_other               ?      ?      ? ?    'X-RAY DIFFRACTION' ? 
r_mcangle_it                 6.237  3.000  ? 1066 'X-RAY DIFFRACTION' ? 
r_scbond_it                  6.029  3.000  ? 426  'X-RAY DIFFRACTION' ? 
r_scangle_it                 9.683  5.000  ? 374  'X-RAY DIFFRACTION' ? 
r_rigid_bond_restr           ?      ?      ? ?    'X-RAY DIFFRACTION' ? 
r_sphericity_free            ?      ?      ? ?    'X-RAY DIFFRACTION' ? 
r_sphericity_bonded          ?      ?      ? ?    'X-RAY DIFFRACTION' ? 
# 
_refine_ls_shell.pdbx_total_number_of_bins_used   20 
_refine_ls_shell.d_res_high                       2.500 
_refine_ls_shell.d_res_low                        2.564 
_refine_ls_shell.number_reflns_R_work             421 
_refine_ls_shell.R_factor_R_work                  0.4 
_refine_ls_shell.percent_reflns_obs               100.00 
_refine_ls_shell.R_factor_R_free                  0.367 
_refine_ls_shell.R_factor_R_free_error            ? 
_refine_ls_shell.percent_reflns_R_free            ? 
_refine_ls_shell.number_reflns_R_free             17 
_refine_ls_shell.number_reflns_all                ? 
_refine_ls_shell.R_factor_all                     ? 
_refine_ls_shell.number_reflns_obs                ? 
_refine_ls_shell.redundancy_reflns_obs            ? 
_refine_ls_shell.pdbx_refine_id                   'X-RAY DIFFRACTION' 
# 
_struct.entry_id                  3CFY 
_struct.title                     
'Crystal structure of signal receiver domain of putative Luxo repressor protein from Vibrio parahaemolyticus' 
_struct.pdbx_model_details        ? 
_struct.pdbx_CASP_flag            ? 
_struct.pdbx_model_type_details   ? 
# 
_struct_keywords.entry_id        3CFY 
_struct_keywords.pdbx_keywords   'STRUCTURAL GENOMICS, UNKNOWN FUNCTION' 
_struct_keywords.text            
;STRUCTURAL GENOMICS, UNKNOWN FUNCTION, UNCHARACTERIZED PROTEIN, SIGNAL RECEIVER DOMAIN, AAA-ATPASE, PROTEIN STRUCTURE INITIATIVE, PSI-2, New York SGX Research Center for Structural Genomics, NYSGXRC, ATP-binding, DNA-binding, Nucleotide-binding, Transcription, Transcription regulation
;
# 
loop_
_struct_asym.id 
_struct_asym.pdbx_blank_PDB_chainid_flag 
_struct_asym.pdbx_modified 
_struct_asym.entity_id 
_struct_asym.details 
A N N 1 ? 
B N N 2 ? 
# 
_struct_ref.id                         1 
_struct_ref.db_name                    UNP 
_struct_ref.db_code                    Q87PN2_VIBPA 
_struct_ref.pdbx_db_accession          Q87PN2 
_struct_ref.entity_id                  1 
_struct_ref.pdbx_seq_one_letter_code   
;RPRVLLVEDSTSLAILYKQYVKDEPYDIFHVETGRDAIQFIERSKPQLIILDLKLPDMSGEDVLDWINQNDIPTSVIIAT
AHGSVDLAVNLIQKGAEDFLEKPINADRLKTSVALHLKRAKLEDLVE
;
_struct_ref.pdbx_align_begin           2 
_struct_ref.pdbx_db_isoform            ? 
# 
_struct_ref_seq.align_id                      1 
_struct_ref_seq.ref_id                        1 
_struct_ref_seq.pdbx_PDB_id_code              3CFY 
_struct_ref_seq.pdbx_strand_id                A 
_struct_ref_seq.seq_align_beg                 4 
_struct_ref_seq.pdbx_seq_align_beg_ins_code   ? 
_struct_ref_seq.seq_align_end                 130 
_struct_ref_seq.pdbx_seq_align_end_ins_code   ? 
_struct_ref_seq.pdbx_db_accession             Q87PN2 
_struct_ref_seq.db_align_beg                  2 
_struct_ref_seq.pdbx_db_align_beg_ins_code    ? 
_struct_ref_seq.db_align_end                  128 
_struct_ref_seq.pdbx_db_align_end_ins_code    ? 
_struct_ref_seq.pdbx_auth_seq_align_beg       2 
_struct_ref_seq.pdbx_auth_seq_align_end       128 
# 
loop_
_struct_ref_seq_dif.align_id 
_struct_ref_seq_dif.pdbx_pdb_id_code 
_struct_ref_seq_dif.mon_id 
_struct_ref_seq_dif.pdbx_pdb_strand_id 
_struct_ref_seq_dif.seq_num 
_struct_ref_seq_dif.pdbx_pdb_ins_code 
_struct_ref_seq_dif.pdbx_seq_db_name 
_struct_ref_seq_dif.pdbx_seq_db_accession_code 
_struct_ref_seq_dif.db_mon_id 
_struct_ref_seq_dif.pdbx_seq_db_seq_num 
_struct_ref_seq_dif.details 
_struct_ref_seq_dif.pdbx_auth_seq_num 
_struct_ref_seq_dif.pdbx_ordinal 
1 3CFY MET A 1   ? UNP Q87PN2 ? ? 'expression tag' -1  1  
1 3CFY SER A 2   ? UNP Q87PN2 ? ? 'expression tag' 0   2  
1 3CFY LEU A 3   ? UNP Q87PN2 ? ? 'expression tag' 1   3  
1 3CFY GLY A 131 ? UNP Q87PN2 ? ? 'expression tag' 129 4  
1 3CFY HIS A 132 ? UNP Q87PN2 ? ? 'expression tag' 130 5  
1 3CFY HIS A 133 ? UNP Q87PN2 ? ? 'expression tag' 131 6  
1 3CFY HIS A 134 ? UNP Q87PN2 ? ? 'expression tag' 132 7  
1 3CFY HIS A 135 ? UNP Q87PN2 ? ? 'expression tag' 133 8  
1 3CFY HIS A 136 ? UNP Q87PN2 ? ? 'expression tag' 134 9  
1 3CFY HIS A 137 ? UNP Q87PN2 ? ? 'expression tag' 135 10 
# 
_pdbx_struct_assembly.id                   1 
_pdbx_struct_assembly.details              author_and_software_defined_assembly 
_pdbx_struct_assembly.method_details       PISA 
_pdbx_struct_assembly.oligomeric_details   monomeric 
_pdbx_struct_assembly.oligomeric_count     1 
# 
_pdbx_struct_assembly_gen.assembly_id       1 
_pdbx_struct_assembly_gen.oper_expression   1 
_pdbx_struct_assembly_gen.asym_id_list      A,B 
# 
_pdbx_struct_oper_list.id                   1 
_pdbx_struct_oper_list.type                 'identity operation' 
_pdbx_struct_oper_list.name                 1_555 
_pdbx_struct_oper_list.symmetry_operation   x,y,z 
_pdbx_struct_oper_list.matrix[1][1]         1.0000000000 
_pdbx_struct_oper_list.matrix[1][2]         0.0000000000 
_pdbx_struct_oper_list.matrix[1][3]         0.0000000000 
_pdbx_struct_oper_list.vector[1]            0.0000000000 
_pdbx_struct_oper_list.matrix[2][1]         0.0000000000 
_pdbx_struct_oper_list.matrix[2][2]         1.0000000000 
_pdbx_struct_oper_list.matrix[2][3]         0.0000000000 
_pdbx_struct_oper_list.vector[2]            0.0000000000 
_pdbx_struct_oper_list.matrix[3][1]         0.0000000000 
_pdbx_struct_oper_list.matrix[3][2]         0.0000000000 
_pdbx_struct_oper_list.matrix[3][3]         1.0000000000 
_pdbx_struct_oper_list.vector[3]            0.0000000000 
# 
_struct_biol.id        1 
_struct_biol.details   
'AUTHORS STATE THAT THE MONOMERIC ASSEMBLY OF THE BIOLOGICAL UNIT THAT IS SHOWN IN REMARK 350 IS PUTATIVE AT THE TIME OF DEPOSITION.' 
# 
loop_
_struct_conf.conf_type_id 
_struct_conf.id 
_struct_conf.pdbx_PDB_helix_id 
_struct_conf.beg_label_comp_id 
_struct_conf.beg_label_asym_id 
_struct_conf.beg_label_seq_id 
_struct_conf.pdbx_beg_PDB_ins_code 
_struct_conf.end_label_comp_id 
_struct_conf.end_label_asym_id 
_struct_conf.end_label_seq_id 
_struct_conf.pdbx_end_PDB_ins_code 
_struct_conf.beg_auth_comp_id 
_struct_conf.beg_auth_asym_id 
_struct_conf.beg_auth_seq_id 
_struct_conf.end_auth_comp_id 
_struct_conf.end_auth_asym_id 
_struct_conf.end_auth_seq_id 
_struct_conf.pdbx_PDB_helix_class 
_struct_conf.details 
_struct_conf.pdbx_PDB_helix_length 
HELX_P HELX_P1 1 SER A 15  ? VAL A 24  ? SER A 13  VAL A 22  1 ? 10 
HELX_P HELX_P2 2 THR A 36  ? LYS A 48  ? THR A 34  LYS A 46  1 ? 13 
HELX_P HELX_P3 3 SER A 62  ? ASN A 73  ? SER A 60  ASN A 71  1 ? 12 
HELX_P HELX_P4 4 SER A 87  ? LYS A 97  ? SER A 85  LYS A 95  1 ? 11 
HELX_P HELX_P5 5 ASN A 108 ? LEU A 128 ? ASN A 106 LEU A 126 1 ? 21 
# 
_struct_conf_type.id          HELX_P 
_struct_conf_type.criteria    ? 
_struct_conf_type.reference   ? 
# 
loop_
_struct_mon_prot_cis.pdbx_id 
_struct_mon_prot_cis.label_comp_id 
_struct_mon_prot_cis.label_seq_id 
_struct_mon_prot_cis.label_asym_id 
_struct_mon_prot_cis.label_alt_id 
_struct_mon_prot_cis.pdbx_PDB_ins_code 
_struct_mon_prot_cis.auth_comp_id 
_struct_mon_prot_cis.auth_seq_id 
_struct_mon_prot_cis.auth_asym_id 
_struct_mon_prot_cis.pdbx_label_comp_id_2 
_struct_mon_prot_cis.pdbx_label_seq_id_2 
_struct_mon_prot_cis.pdbx_label_asym_id_2 
_struct_mon_prot_cis.pdbx_PDB_ins_code_2 
_struct_mon_prot_cis.pdbx_auth_comp_id_2 
_struct_mon_prot_cis.pdbx_auth_seq_id_2 
_struct_mon_prot_cis.pdbx_auth_asym_id_2 
_struct_mon_prot_cis.pdbx_PDB_model_num 
_struct_mon_prot_cis.pdbx_omega_angle 
1 LYS 105 A . ? LYS 103 A PRO 106 A ? PRO 104 A 1 0.12 
2 LYS 105 A . ? LYS 103 A PRO 106 A ? PRO 104 A 1 0.09 
# 
_struct_sheet.id               A 
_struct_sheet.type             ? 
_struct_sheet.number_strands   5 
_struct_sheet.details          ? 
# 
loop_
_struct_sheet_order.sheet_id 
_struct_sheet_order.range_id_1 
_struct_sheet_order.range_id_2 
_struct_sheet_order.offset 
_struct_sheet_order.sense 
A 1 2 ? parallel 
A 2 3 ? parallel 
A 3 4 ? parallel 
A 4 5 ? parallel 
# 
loop_
_struct_sheet_range.sheet_id 
_struct_sheet_range.id 
_struct_sheet_range.beg_label_comp_id 
_struct_sheet_range.beg_label_asym_id 
_struct_sheet_range.beg_label_seq_id 
_struct_sheet_range.pdbx_beg_PDB_ins_code 
_struct_sheet_range.end_label_comp_id 
_struct_sheet_range.end_label_asym_id 
_struct_sheet_range.end_label_seq_id 
_struct_sheet_range.pdbx_end_PDB_ins_code 
_struct_sheet_range.beg_auth_comp_id 
_struct_sheet_range.beg_auth_asym_id 
_struct_sheet_range.beg_auth_seq_id 
_struct_sheet_range.end_auth_comp_id 
_struct_sheet_range.end_auth_asym_id 
_struct_sheet_range.end_auth_seq_id 
A 1 ASP A 30  ? VAL A 34  ? ASP A 28 VAL A 32  
A 2 ARG A 6   ? VAL A 10  ? ARG A 4  VAL A 8   
A 3 LEU A 51  ? LEU A 54  ? LEU A 49 LEU A 52  
A 4 SER A 78  ? THR A 83  ? SER A 76 THR A 81  
A 5 ASP A 101 ? GLU A 104 ? ASP A 99 GLU A 102 
# 
loop_
_pdbx_struct_sheet_hbond.sheet_id 
_pdbx_struct_sheet_hbond.range_id_1 
_pdbx_struct_sheet_hbond.range_id_2 
_pdbx_struct_sheet_hbond.range_1_label_atom_id 
_pdbx_struct_sheet_hbond.range_1_label_comp_id 
_pdbx_struct_sheet_hbond.range_1_label_asym_id 
_pdbx_struct_sheet_hbond.range_1_label_seq_id 
_pdbx_struct_sheet_hbond.range_1_PDB_ins_code 
_pdbx_struct_sheet_hbond.range_1_auth_atom_id 
_pdbx_struct_sheet_hbond.range_1_auth_comp_id 
_pdbx_struct_sheet_hbond.range_1_auth_asym_id 
_pdbx_struct_sheet_hbond.range_1_auth_seq_id 
_pdbx_struct_sheet_hbond.range_2_label_atom_id 
_pdbx_struct_sheet_hbond.range_2_label_comp_id 
_pdbx_struct_sheet_hbond.range_2_label_asym_id 
_pdbx_struct_sheet_hbond.range_2_label_seq_id 
_pdbx_struct_sheet_hbond.range_2_PDB_ins_code 
_pdbx_struct_sheet_hbond.range_2_auth_atom_id 
_pdbx_struct_sheet_hbond.range_2_auth_comp_id 
_pdbx_struct_sheet_hbond.range_2_auth_asym_id 
_pdbx_struct_sheet_hbond.range_2_auth_seq_id 
A 1 2 O ASP A 30 ? O ASP A 28 N VAL A 7   ? N VAL A 5   
A 2 3 N LEU A 8  ? N LEU A 6  O ILE A 53  ? O ILE A 51  
A 3 4 N LEU A 54 ? N LEU A 52 O ILE A 80  ? O ILE A 78  
A 4 5 N ILE A 81 ? N ILE A 79 O LEU A 103 ? O LEU A 101 
# 
loop_
_pdbx_validate_torsion.id 
_pdbx_validate_torsion.PDB_model_num 
_pdbx_validate_torsion.auth_comp_id 
_pdbx_validate_torsion.auth_asym_id 
_pdbx_validate_torsion.auth_seq_id 
_pdbx_validate_torsion.PDB_ins_code 
_pdbx_validate_torsion.label_alt_id 
_pdbx_validate_torsion.phi 
_pdbx_validate_torsion.psi 
1 1 PRO A 26  ? ? -80.43  46.93  
2 1 ARG A 44  ? ? -92.65  -68.35 
3 1 LYS A 46  ? ? 51.49   70.11  
4 1 GLU A 128 ? ? -111.07 59.63  
# 
_pdbx_SG_project.id                    1 
_pdbx_SG_project.project_name          'PSI, Protein Structure Initiative' 
_pdbx_SG_project.full_name_of_center   'New York SGX Research Center for Structural Genomics' 
_pdbx_SG_project.initial_of_center     NYSGXRC 
# 
loop_
_pdbx_unobs_or_zero_occ_residues.id 
_pdbx_unobs_or_zero_occ_residues.PDB_model_num 
_pdbx_unobs_or_zero_occ_residues.polymer_flag 
_pdbx_unobs_or_zero_occ_residues.occupancy_flag 
_pdbx_unobs_or_zero_occ_residues.auth_asym_id 
_pdbx_unobs_or_zero_occ_residues.auth_comp_id 
_pdbx_unobs_or_zero_occ_residues.auth_seq_id 
_pdbx_unobs_or_zero_occ_residues.PDB_ins_code 
_pdbx_unobs_or_zero_occ_residues.label_asym_id 
_pdbx_unobs_or_zero_occ_residues.label_comp_id 
_pdbx_unobs_or_zero_occ_residues.label_seq_id 
1 1 Y 1 A MET -1  ? A MET 1   
2 1 Y 1 A SER 0   ? A SER 2   
3 1 Y 1 A HIS 131 ? A HIS 133 
4 1 Y 1 A HIS 132 ? A HIS 134 
5 1 Y 1 A HIS 133 ? A HIS 135 
6 1 Y 1 A HIS 134 ? A HIS 136 
7 1 Y 1 A HIS 135 ? A HIS 137 
# 
loop_
_chem_comp_atom.comp_id 
_chem_comp_atom.atom_id 
_chem_comp_atom.type_symbol 
_chem_comp_atom.pdbx_aromatic_flag 
_chem_comp_atom.pdbx_stereo_config 
_chem_comp_atom.pdbx_ordinal 
ALA N    N N N 1   
ALA CA   C N S 2   
ALA C    C N N 3   
ALA O    O N N 4   
ALA CB   C N N 5   
ALA OXT  O N N 6   
ALA H    H N N 7   
ALA H2   H N N 8   
ALA HA   H N N 9   
ALA HB1  H N N 10  
ALA HB2  H N N 11  
ALA HB3  H N N 12  
ALA HXT  H N N 13  
ARG N    N N N 14  
ARG CA   C N S 15  
ARG C    C N N 16  
ARG O    O N N 17  
ARG CB   C N N 18  
ARG CG   C N N 19  
ARG CD   C N N 20  
ARG NE   N N N 21  
ARG CZ   C N N 22  
ARG NH1  N N N 23  
ARG NH2  N N N 24  
ARG OXT  O N N 25  
ARG H    H N N 26  
ARG H2   H N N 27  
ARG HA   H N N 28  
ARG HB2  H N N 29  
ARG HB3  H N N 30  
ARG HG2  H N N 31  
ARG HG3  H N N 32  
ARG HD2  H N N 33  
ARG HD3  H N N 34  
ARG HE   H N N 35  
ARG HH11 H N N 36  
ARG HH12 H N N 37  
ARG HH21 H N N 38  
ARG HH22 H N N 39  
ARG HXT  H N N 40  
ASN N    N N N 41  
ASN CA   C N S 42  
ASN C    C N N 43  
ASN O    O N N 44  
ASN CB   C N N 45  
ASN CG   C N N 46  
ASN OD1  O N N 47  
ASN ND2  N N N 48  
ASN OXT  O N N 49  
ASN H    H N N 50  
ASN H2   H N N 51  
ASN HA   H N N 52  
ASN HB2  H N N 53  
ASN HB3  H N N 54  
ASN HD21 H N N 55  
ASN HD22 H N N 56  
ASN HXT  H N N 57  
ASP N    N N N 58  
ASP CA   C N S 59  
ASP C    C N N 60  
ASP O    O N N 61  
ASP CB   C N N 62  
ASP CG   C N N 63  
ASP OD1  O N N 64  
ASP OD2  O N N 65  
ASP OXT  O N N 66  
ASP H    H N N 67  
ASP H2   H N N 68  
ASP HA   H N N 69  
ASP HB2  H N N 70  
ASP HB3  H N N 71  
ASP HD2  H N N 72  
ASP HXT  H N N 73  
GLN N    N N N 74  
GLN CA   C N S 75  
GLN C    C N N 76  
GLN O    O N N 77  
GLN CB   C N N 78  
GLN CG   C N N 79  
GLN CD   C N N 80  
GLN OE1  O N N 81  
GLN NE2  N N N 82  
GLN OXT  O N N 83  
GLN H    H N N 84  
GLN H2   H N N 85  
GLN HA   H N N 86  
GLN HB2  H N N 87  
GLN HB3  H N N 88  
GLN HG2  H N N 89  
GLN HG3  H N N 90  
GLN HE21 H N N 91  
GLN HE22 H N N 92  
GLN HXT  H N N 93  
GLU N    N N N 94  
GLU CA   C N S 95  
GLU C    C N N 96  
GLU O    O N N 97  
GLU CB   C N N 98  
GLU CG   C N N 99  
GLU CD   C N N 100 
GLU OE1  O N N 101 
GLU OE2  O N N 102 
GLU OXT  O N N 103 
GLU H    H N N 104 
GLU H2   H N N 105 
GLU HA   H N N 106 
GLU HB2  H N N 107 
GLU HB3  H N N 108 
GLU HG2  H N N 109 
GLU HG3  H N N 110 
GLU HE2  H N N 111 
GLU HXT  H N N 112 
GLY N    N N N 113 
GLY CA   C N N 114 
GLY C    C N N 115 
GLY O    O N N 116 
GLY OXT  O N N 117 
GLY H    H N N 118 
GLY H2   H N N 119 
GLY HA2  H N N 120 
GLY HA3  H N N 121 
GLY HXT  H N N 122 
HIS N    N N N 123 
HIS CA   C N S 124 
HIS C    C N N 125 
HIS O    O N N 126 
HIS CB   C N N 127 
HIS CG   C Y N 128 
HIS ND1  N Y N 129 
HIS CD2  C Y N 130 
HIS CE1  C Y N 131 
HIS NE2  N Y N 132 
HIS OXT  O N N 133 
HIS H    H N N 134 
HIS H2   H N N 135 
HIS HA   H N N 136 
HIS HB2  H N N 137 
HIS HB3  H N N 138 
HIS HD1  H N N 139 
HIS HD2  H N N 140 
HIS HE1  H N N 141 
HIS HE2  H N N 142 
HIS HXT  H N N 143 
HOH O    O N N 144 
HOH H1   H N N 145 
HOH H2   H N N 146 
ILE N    N N N 147 
ILE CA   C N S 148 
ILE C    C N N 149 
ILE O    O N N 150 
ILE CB   C N S 151 
ILE CG1  C N N 152 
ILE CG2  C N N 153 
ILE CD1  C N N 154 
ILE OXT  O N N 155 
ILE H    H N N 156 
ILE H2   H N N 157 
ILE HA   H N N 158 
ILE HB   H N N 159 
ILE HG12 H N N 160 
ILE HG13 H N N 161 
ILE HG21 H N N 162 
ILE HG22 H N N 163 
ILE HG23 H N N 164 
ILE HD11 H N N 165 
ILE HD12 H N N 166 
ILE HD13 H N N 167 
ILE HXT  H N N 168 
LEU N    N N N 169 
LEU CA   C N S 170 
LEU C    C N N 171 
LEU O    O N N 172 
LEU CB   C N N 173 
LEU CG   C N N 174 
LEU CD1  C N N 175 
LEU CD2  C N N 176 
LEU OXT  O N N 177 
LEU H    H N N 178 
LEU H2   H N N 179 
LEU HA   H N N 180 
LEU HB2  H N N 181 
LEU HB3  H N N 182 
LEU HG   H N N 183 
LEU HD11 H N N 184 
LEU HD12 H N N 185 
LEU HD13 H N N 186 
LEU HD21 H N N 187 
LEU HD22 H N N 188 
LEU HD23 H N N 189 
LEU HXT  H N N 190 
LYS N    N N N 191 
LYS CA   C N S 192 
LYS C    C N N 193 
LYS O    O N N 194 
LYS CB   C N N 195 
LYS CG   C N N 196 
LYS CD   C N N 197 
LYS CE   C N N 198 
LYS NZ   N N N 199 
LYS OXT  O N N 200 
LYS H    H N N 201 
LYS H2   H N N 202 
LYS HA   H N N 203 
LYS HB2  H N N 204 
LYS HB3  H N N 205 
LYS HG2  H N N 206 
LYS HG3  H N N 207 
LYS HD2  H N N 208 
LYS HD3  H N N 209 
LYS HE2  H N N 210 
LYS HE3  H N N 211 
LYS HZ1  H N N 212 
LYS HZ2  H N N 213 
LYS HZ3  H N N 214 
LYS HXT  H N N 215 
MET N    N N N 216 
MET CA   C N S 217 
MET C    C N N 218 
MET O    O N N 219 
MET CB   C N N 220 
MET CG   C N N 221 
MET SD   S N N 222 
MET CE   C N N 223 
MET OXT  O N N 224 
MET H    H N N 225 
MET H2   H N N 226 
MET HA   H N N 227 
MET HB2  H N N 228 
MET HB3  H N N 229 
MET HG2  H N N 230 
MET HG3  H N N 231 
MET HE1  H N N 232 
MET HE2  H N N 233 
MET HE3  H N N 234 
MET HXT  H N N 235 
PHE N    N N N 236 
PHE CA   C N S 237 
PHE C    C N N 238 
PHE O    O N N 239 
PHE CB   C N N 240 
PHE CG   C Y N 241 
PHE CD1  C Y N 242 
PHE CD2  C Y N 243 
PHE CE1  C Y N 244 
PHE CE2  C Y N 245 
PHE CZ   C Y N 246 
PHE OXT  O N N 247 
PHE H    H N N 248 
PHE H2   H N N 249 
PHE HA   H N N 250 
PHE HB2  H N N 251 
PHE HB3  H N N 252 
PHE HD1  H N N 253 
PHE HD2  H N N 254 
PHE HE1  H N N 255 
PHE HE2  H N N 256 
PHE HZ   H N N 257 
PHE HXT  H N N 258 
PRO N    N N N 259 
PRO CA   C N S 260 
PRO C    C N N 261 
PRO O    O N N 262 
PRO CB   C N N 263 
PRO CG   C N N 264 
PRO CD   C N N 265 
PRO OXT  O N N 266 
PRO H    H N N 267 
PRO HA   H N N 268 
PRO HB2  H N N 269 
PRO HB3  H N N 270 
PRO HG2  H N N 271 
PRO HG3  H N N 272 
PRO HD2  H N N 273 
PRO HD3  H N N 274 
PRO HXT  H N N 275 
SER N    N N N 276 
SER CA   C N S 277 
SER C    C N N 278 
SER O    O N N 279 
SER CB   C N N 280 
SER OG   O N N 281 
SER OXT  O N N 282 
SER H    H N N 283 
SER H2   H N N 284 
SER HA   H N N 285 
SER HB2  H N N 286 
SER HB3  H N N 287 
SER HG   H N N 288 
SER HXT  H N N 289 
THR N    N N N 290 
THR CA   C N S 291 
THR C    C N N 292 
THR O    O N N 293 
THR CB   C N R 294 
THR OG1  O N N 295 
THR CG2  C N N 296 
THR OXT  O N N 297 
THR H    H N N 298 
THR H2   H N N 299 
THR HA   H N N 300 
THR HB   H N N 301 
THR HG1  H N N 302 
THR HG21 H N N 303 
THR HG22 H N N 304 
THR HG23 H N N 305 
THR HXT  H N N 306 
TRP N    N N N 307 
TRP CA   C N S 308 
TRP C    C N N 309 
TRP O    O N N 310 
TRP CB   C N N 311 
TRP CG   C Y N 312 
TRP CD1  C Y N 313 
TRP CD2  C Y N 314 
TRP NE1  N Y N 315 
TRP CE2  C Y N 316 
TRP CE3  C Y N 317 
TRP CZ2  C Y N 318 
TRP CZ3  C Y N 319 
TRP CH2  C Y N 320 
TRP OXT  O N N 321 
TRP H    H N N 322 
TRP H2   H N N 323 
TRP HA   H N N 324 
TRP HB2  H N N 325 
TRP HB3  H N N 326 
TRP HD1  H N N 327 
TRP HE1  H N N 328 
TRP HE3  H N N 329 
TRP HZ2  H N N 330 
TRP HZ3  H N N 331 
TRP HH2  H N N 332 
TRP HXT  H N N 333 
TYR N    N N N 334 
TYR CA   C N S 335 
TYR C    C N N 336 
TYR O    O N N 337 
TYR CB   C N N 338 
TYR CG   C Y N 339 
TYR CD1  C Y N 340 
TYR CD2  C Y N 341 
TYR CE1  C Y N 342 
TYR CE2  C Y N 343 
TYR CZ   C Y N 344 
TYR OH   O N N 345 
TYR OXT  O N N 346 
TYR H    H N N 347 
TYR H2   H N N 348 
TYR HA   H N N 349 
TYR HB2  H N N 350 
TYR HB3  H N N 351 
TYR HD1  H N N 352 
TYR HD2  H N N 353 
TYR HE1  H N N 354 
TYR HE2  H N N 355 
TYR HH   H N N 356 
TYR HXT  H N N 357 
VAL N    N N N 358 
VAL CA   C N S 359 
VAL C    C N N 360 
VAL O    O N N 361 
VAL CB   C N N 362 
VAL CG1  C N N 363 
VAL CG2  C N N 364 
VAL OXT  O N N 365 
VAL H    H N N 366 
VAL H2   H N N 367 
VAL HA   H N N 368 
VAL HB   H N N 369 
VAL HG11 H N N 370 
VAL HG12 H N N 371 
VAL HG13 H N N 372 
VAL HG21 H N N 373 
VAL HG22 H N N 374 
VAL HG23 H N N 375 
VAL HXT  H N N 376 
# 
loop_
_chem_comp_bond.comp_id 
_chem_comp_bond.atom_id_1 
_chem_comp_bond.atom_id_2 
_chem_comp_bond.value_order 
_chem_comp_bond.pdbx_aromatic_flag 
_chem_comp_bond.pdbx_stereo_config 
_chem_comp_bond.pdbx_ordinal 
ALA N   CA   sing N N 1   
ALA N   H    sing N N 2   
ALA N   H2   sing N N 3   
ALA CA  C    sing N N 4   
ALA CA  CB   sing N N 5   
ALA CA  HA   sing N N 6   
ALA C   O    doub N N 7   
ALA C   OXT  sing N N 8   
ALA CB  HB1  sing N N 9   
ALA CB  HB2  sing N N 10  
ALA CB  HB3  sing N N 11  
ALA OXT HXT  sing N N 12  
ARG N   CA   sing N N 13  
ARG N   H    sing N N 14  
ARG N   H2   sing N N 15  
ARG CA  C    sing N N 16  
ARG CA  CB   sing N N 17  
ARG CA  HA   sing N N 18  
ARG C   O    doub N N 19  
ARG C   OXT  sing N N 20  
ARG CB  CG   sing N N 21  
ARG CB  HB2  sing N N 22  
ARG CB  HB3  sing N N 23  
ARG CG  CD   sing N N 24  
ARG CG  HG2  sing N N 25  
ARG CG  HG3  sing N N 26  
ARG CD  NE   sing N N 27  
ARG CD  HD2  sing N N 28  
ARG CD  HD3  sing N N 29  
ARG NE  CZ   sing N N 30  
ARG NE  HE   sing N N 31  
ARG CZ  NH1  sing N N 32  
ARG CZ  NH2  doub N N 33  
ARG NH1 HH11 sing N N 34  
ARG NH1 HH12 sing N N 35  
ARG NH2 HH21 sing N N 36  
ARG NH2 HH22 sing N N 37  
ARG OXT HXT  sing N N 38  
ASN N   CA   sing N N 39  
ASN N   H    sing N N 40  
ASN N   H2   sing N N 41  
ASN CA  C    sing N N 42  
ASN CA  CB   sing N N 43  
ASN CA  HA   sing N N 44  
ASN C   O    doub N N 45  
ASN C   OXT  sing N N 46  
ASN CB  CG   sing N N 47  
ASN CB  HB2  sing N N 48  
ASN CB  HB3  sing N N 49  
ASN CG  OD1  doub N N 50  
ASN CG  ND2  sing N N 51  
ASN ND2 HD21 sing N N 52  
ASN ND2 HD22 sing N N 53  
ASN OXT HXT  sing N N 54  
ASP N   CA   sing N N 55  
ASP N   H    sing N N 56  
ASP N   H2   sing N N 57  
ASP CA  C    sing N N 58  
ASP CA  CB   sing N N 59  
ASP CA  HA   sing N N 60  
ASP C   O    doub N N 61  
ASP C   OXT  sing N N 62  
ASP CB  CG   sing N N 63  
ASP CB  HB2  sing N N 64  
ASP CB  HB3  sing N N 65  
ASP CG  OD1  doub N N 66  
ASP CG  OD2  sing N N 67  
ASP OD2 HD2  sing N N 68  
ASP OXT HXT  sing N N 69  
GLN N   CA   sing N N 70  
GLN N   H    sing N N 71  
GLN N   H2   sing N N 72  
GLN CA  C    sing N N 73  
GLN CA  CB   sing N N 74  
GLN CA  HA   sing N N 75  
GLN C   O    doub N N 76  
GLN C   OXT  sing N N 77  
GLN CB  CG   sing N N 78  
GLN CB  HB2  sing N N 79  
GLN CB  HB3  sing N N 80  
GLN CG  CD   sing N N 81  
GLN CG  HG2  sing N N 82  
GLN CG  HG3  sing N N 83  
GLN CD  OE1  doub N N 84  
GLN CD  NE2  sing N N 85  
GLN NE2 HE21 sing N N 86  
GLN NE2 HE22 sing N N 87  
GLN OXT HXT  sing N N 88  
GLU N   CA   sing N N 89  
GLU N   H    sing N N 90  
GLU N   H2   sing N N 91  
GLU CA  C    sing N N 92  
GLU CA  CB   sing N N 93  
GLU CA  HA   sing N N 94  
GLU C   O    doub N N 95  
GLU C   OXT  sing N N 96  
GLU CB  CG   sing N N 97  
GLU CB  HB2  sing N N 98  
GLU CB  HB3  sing N N 99  
GLU CG  CD   sing N N 100 
GLU CG  HG2  sing N N 101 
GLU CG  HG3  sing N N 102 
GLU CD  OE1  doub N N 103 
GLU CD  OE2  sing N N 104 
GLU OE2 HE2  sing N N 105 
GLU OXT HXT  sing N N 106 
GLY N   CA   sing N N 107 
GLY N   H    sing N N 108 
GLY N   H2   sing N N 109 
GLY CA  C    sing N N 110 
GLY CA  HA2  sing N N 111 
GLY CA  HA3  sing N N 112 
GLY C   O    doub N N 113 
GLY C   OXT  sing N N 114 
GLY OXT HXT  sing N N 115 
HIS N   CA   sing N N 116 
HIS N   H    sing N N 117 
HIS N   H2   sing N N 118 
HIS CA  C    sing N N 119 
HIS CA  CB   sing N N 120 
HIS CA  HA   sing N N 121 
HIS C   O    doub N N 122 
HIS C   OXT  sing N N 123 
HIS CB  CG   sing N N 124 
HIS CB  HB2  sing N N 125 
HIS CB  HB3  sing N N 126 
HIS CG  ND1  sing Y N 127 
HIS CG  CD2  doub Y N 128 
HIS ND1 CE1  doub Y N 129 
HIS ND1 HD1  sing N N 130 
HIS CD2 NE2  sing Y N 131 
HIS CD2 HD2  sing N N 132 
HIS CE1 NE2  sing Y N 133 
HIS CE1 HE1  sing N N 134 
HIS NE2 HE2  sing N N 135 
HIS OXT HXT  sing N N 136 
HOH O   H1   sing N N 137 
HOH O   H2   sing N N 138 
ILE N   CA   sing N N 139 
ILE N   H    sing N N 140 
ILE N   H2   sing N N 141 
ILE CA  C    sing N N 142 
ILE CA  CB   sing N N 143 
ILE CA  HA   sing N N 144 
ILE C   O    doub N N 145 
ILE C   OXT  sing N N 146 
ILE CB  CG1  sing N N 147 
ILE CB  CG2  sing N N 148 
ILE CB  HB   sing N N 149 
ILE CG1 CD1  sing N N 150 
ILE CG1 HG12 sing N N 151 
ILE CG1 HG13 sing N N 152 
ILE CG2 HG21 sing N N 153 
ILE CG2 HG22 sing N N 154 
ILE CG2 HG23 sing N N 155 
ILE CD1 HD11 sing N N 156 
ILE CD1 HD12 sing N N 157 
ILE CD1 HD13 sing N N 158 
ILE OXT HXT  sing N N 159 
LEU N   CA   sing N N 160 
LEU N   H    sing N N 161 
LEU N   H2   sing N N 162 
LEU CA  C    sing N N 163 
LEU CA  CB   sing N N 164 
LEU CA  HA   sing N N 165 
LEU C   O    doub N N 166 
LEU C   OXT  sing N N 167 
LEU CB  CG   sing N N 168 
LEU CB  HB2  sing N N 169 
LEU CB  HB3  sing N N 170 
LEU CG  CD1  sing N N 171 
LEU CG  CD2  sing N N 172 
LEU CG  HG   sing N N 173 
LEU CD1 HD11 sing N N 174 
LEU CD1 HD12 sing N N 175 
LEU CD1 HD13 sing N N 176 
LEU CD2 HD21 sing N N 177 
LEU CD2 HD22 sing N N 178 
LEU CD2 HD23 sing N N 179 
LEU OXT HXT  sing N N 180 
LYS N   CA   sing N N 181 
LYS N   H    sing N N 182 
LYS N   H2   sing N N 183 
LYS CA  C    sing N N 184 
LYS CA  CB   sing N N 185 
LYS CA  HA   sing N N 186 
LYS C   O    doub N N 187 
LYS C   OXT  sing N N 188 
LYS CB  CG   sing N N 189 
LYS CB  HB2  sing N N 190 
LYS CB  HB3  sing N N 191 
LYS CG  CD   sing N N 192 
LYS CG  HG2  sing N N 193 
LYS CG  HG3  sing N N 194 
LYS CD  CE   sing N N 195 
LYS CD  HD2  sing N N 196 
LYS CD  HD3  sing N N 197 
LYS CE  NZ   sing N N 198 
LYS CE  HE2  sing N N 199 
LYS CE  HE3  sing N N 200 
LYS NZ  HZ1  sing N N 201 
LYS NZ  HZ2  sing N N 202 
LYS NZ  HZ3  sing N N 203 
LYS OXT HXT  sing N N 204 
MET N   CA   sing N N 205 
MET N   H    sing N N 206 
MET N   H2   sing N N 207 
MET CA  C    sing N N 208 
MET CA  CB   sing N N 209 
MET CA  HA   sing N N 210 
MET C   O    doub N N 211 
MET C   OXT  sing N N 212 
MET CB  CG   sing N N 213 
MET CB  HB2  sing N N 214 
MET CB  HB3  sing N N 215 
MET CG  SD   sing N N 216 
MET CG  HG2  sing N N 217 
MET CG  HG3  sing N N 218 
MET SD  CE   sing N N 219 
MET CE  HE1  sing N N 220 
MET CE  HE2  sing N N 221 
MET CE  HE3  sing N N 222 
MET OXT HXT  sing N N 223 
PHE N   CA   sing N N 224 
PHE N   H    sing N N 225 
PHE N   H2   sing N N 226 
PHE CA  C    sing N N 227 
PHE CA  CB   sing N N 228 
PHE CA  HA   sing N N 229 
PHE C   O    doub N N 230 
PHE C   OXT  sing N N 231 
PHE CB  CG   sing N N 232 
PHE CB  HB2  sing N N 233 
PHE CB  HB3  sing N N 234 
PHE CG  CD1  doub Y N 235 
PHE CG  CD2  sing Y N 236 
PHE CD1 CE1  sing Y N 237 
PHE CD1 HD1  sing N N 238 
PHE CD2 CE2  doub Y N 239 
PHE CD2 HD2  sing N N 240 
PHE CE1 CZ   doub Y N 241 
PHE CE1 HE1  sing N N 242 
PHE CE2 CZ   sing Y N 243 
PHE CE2 HE2  sing N N 244 
PHE CZ  HZ   sing N N 245 
PHE OXT HXT  sing N N 246 
PRO N   CA   sing N N 247 
PRO N   CD   sing N N 248 
PRO N   H    sing N N 249 
PRO CA  C    sing N N 250 
PRO CA  CB   sing N N 251 
PRO CA  HA   sing N N 252 
PRO C   O    doub N N 253 
PRO C   OXT  sing N N 254 
PRO CB  CG   sing N N 255 
PRO CB  HB2  sing N N 256 
PRO CB  HB3  sing N N 257 
PRO CG  CD   sing N N 258 
PRO CG  HG2  sing N N 259 
PRO CG  HG3  sing N N 260 
PRO CD  HD2  sing N N 261 
PRO CD  HD3  sing N N 262 
PRO OXT HXT  sing N N 263 
SER N   CA   sing N N 264 
SER N   H    sing N N 265 
SER N   H2   sing N N 266 
SER CA  C    sing N N 267 
SER CA  CB   sing N N 268 
SER CA  HA   sing N N 269 
SER C   O    doub N N 270 
SER C   OXT  sing N N 271 
SER CB  OG   sing N N 272 
SER CB  HB2  sing N N 273 
SER CB  HB3  sing N N 274 
SER OG  HG   sing N N 275 
SER OXT HXT  sing N N 276 
THR N   CA   sing N N 277 
THR N   H    sing N N 278 
THR N   H2   sing N N 279 
THR CA  C    sing N N 280 
THR CA  CB   sing N N 281 
THR CA  HA   sing N N 282 
THR C   O    doub N N 283 
THR C   OXT  sing N N 284 
THR CB  OG1  sing N N 285 
THR CB  CG2  sing N N 286 
THR CB  HB   sing N N 287 
THR OG1 HG1  sing N N 288 
THR CG2 HG21 sing N N 289 
THR CG2 HG22 sing N N 290 
THR CG2 HG23 sing N N 291 
THR OXT HXT  sing N N 292 
TRP N   CA   sing N N 293 
TRP N   H    sing N N 294 
TRP N   H2   sing N N 295 
TRP CA  C    sing N N 296 
TRP CA  CB   sing N N 297 
TRP CA  HA   sing N N 298 
TRP C   O    doub N N 299 
TRP C   OXT  sing N N 300 
TRP CB  CG   sing N N 301 
TRP CB  HB2  sing N N 302 
TRP CB  HB3  sing N N 303 
TRP CG  CD1  doub Y N 304 
TRP CG  CD2  sing Y N 305 
TRP CD1 NE1  sing Y N 306 
TRP CD1 HD1  sing N N 307 
TRP CD2 CE2  doub Y N 308 
TRP CD2 CE3  sing Y N 309 
TRP NE1 CE2  sing Y N 310 
TRP NE1 HE1  sing N N 311 
TRP CE2 CZ2  sing Y N 312 
TRP CE3 CZ3  doub Y N 313 
TRP CE3 HE3  sing N N 314 
TRP CZ2 CH2  doub Y N 315 
TRP CZ2 HZ2  sing N N 316 
TRP CZ3 CH2  sing Y N 317 
TRP CZ3 HZ3  sing N N 318 
TRP CH2 HH2  sing N N 319 
TRP OXT HXT  sing N N 320 
TYR N   CA   sing N N 321 
TYR N   H    sing N N 322 
TYR N   H2   sing N N 323 
TYR CA  C    sing N N 324 
TYR CA  CB   sing N N 325 
TYR CA  HA   sing N N 326 
TYR C   O    doub N N 327 
TYR C   OXT  sing N N 328 
TYR CB  CG   sing N N 329 
TYR CB  HB2  sing N N 330 
TYR CB  HB3  sing N N 331 
TYR CG  CD1  doub Y N 332 
TYR CG  CD2  sing Y N 333 
TYR CD1 CE1  sing Y N 334 
TYR CD1 HD1  sing N N 335 
TYR CD2 CE2  doub Y N 336 
TYR CD2 HD2  sing N N 337 
TYR CE1 CZ   doub Y N 338 
TYR CE1 HE1  sing N N 339 
TYR CE2 CZ   sing Y N 340 
TYR CE2 HE2  sing N N 341 
TYR CZ  OH   sing N N 342 
TYR OH  HH   sing N N 343 
TYR OXT HXT  sing N N 344 
VAL N   CA   sing N N 345 
VAL N   H    sing N N 346 
VAL N   H2   sing N N 347 
VAL CA  C    sing N N 348 
VAL CA  CB   sing N N 349 
VAL CA  HA   sing N N 350 
VAL C   O    doub N N 351 
VAL C   OXT  sing N N 352 
VAL CB  CG1  sing N N 353 
VAL CB  CG2  sing N N 354 
VAL CB  HB   sing N N 355 
VAL CG1 HG11 sing N N 356 
VAL CG1 HG12 sing N N 357 
VAL CG1 HG13 sing N N 358 
VAL CG2 HG21 sing N N 359 
VAL CG2 HG22 sing N N 360 
VAL CG2 HG23 sing N N 361 
VAL OXT HXT  sing N N 362 
# 
_atom_sites.entry_id                    3CFY 
_atom_sites.fract_transf_matrix[1][1]   -0.01209520 
_atom_sites.fract_transf_matrix[1][2]   0.00217942 
_atom_sites.fract_transf_matrix[1][3]   -0.01200596 
_atom_sites.fract_transf_matrix[2][1]   -0.00742756 
_atom_sites.fract_transf_matrix[2][2]   0.01209712 
_atom_sites.fract_transf_matrix[2][3]   0.00967873 
_atom_sites.fract_transf_matrix[3][1]   0.00582750 
_atom_sites.fract_transf_matrix[3][2]   0.00722575 
_atom_sites.fract_transf_matrix[3][3]   -0.00455914 
_atom_sites.fract_transf_vector[1]      0.237359 
_atom_sites.fract_transf_vector[2]      -0.011612 
_atom_sites.fract_transf_vector[3]      0.155510 
# 
loop_
_atom_type.symbol 
C 
N 
O 
S 
# 
loop_
_atom_site.group_PDB 
_atom_site.id 
_atom_site.type_symbol 
_atom_site.label_atom_id 
_atom_site.label_alt_id 
_atom_site.label_comp_id 
_atom_site.label_asym_id 
_atom_site.label_entity_id 
_atom_site.label_seq_id 
_atom_site.pdbx_PDB_ins_code 
_atom_site.Cartn_x 
_atom_site.Cartn_y 
_atom_site.Cartn_z 
_atom_site.occupancy 
_atom_site.B_iso_or_equiv 
_atom_site.pdbx_formal_charge 
_atom_site.auth_seq_id 
_atom_site.auth_comp_id 
_atom_site.auth_asym_id 
_atom_site.auth_atom_id 
_atom_site.pdbx_PDB_model_num 
ATOM   1    N N   . LEU A 1 3   ? 17.793  3.085   -5.353  1.00 114.23 ? 1   LEU A N   1 
ATOM   2    C CA  . LEU A 1 3   ? 17.999  1.864   -6.188  1.00 115.29 ? 1   LEU A CA  1 
ATOM   3    C C   . LEU A 1 3   ? 16.947  0.792   -5.881  1.00 112.19 ? 1   LEU A C   1 
ATOM   4    O O   . LEU A 1 3   ? 16.215  0.354   -6.773  1.00 112.51 ? 1   LEU A O   1 
ATOM   5    C CB  . LEU A 1 3   ? 19.417  1.303   -5.987  1.00 118.17 ? 1   LEU A CB  1 
ATOM   6    C CG  . LEU A 1 3   ? 20.622  2.145   -6.430  1.00 119.94 ? 1   LEU A CG  1 
ATOM   7    C CD1 . LEU A 1 3   ? 21.860  1.795   -5.612  1.00 116.28 ? 1   LEU A CD1 1 
ATOM   8    C CD2 . LEU A 1 3   ? 20.896  1.996   -7.926  1.00 119.52 ? 1   LEU A CD2 1 
ATOM   9    N N   . ARG A 1 4   ? 16.880  0.385   -4.613  1.00 105.45 ? 2   ARG A N   1 
ATOM   10   C CA  . ARG A 1 4   ? 15.971  -0.665  -4.149  1.00 92.23  ? 2   ARG A CA  1 
ATOM   11   C C   . ARG A 1 4   ? 14.661  -0.061  -3.639  1.00 84.74  ? 2   ARG A C   1 
ATOM   12   O O   . ARG A 1 4   ? 14.689  0.837   -2.798  1.00 84.92  ? 2   ARG A O   1 
ATOM   13   C CB  . ARG A 1 4   ? 16.649  -1.489  -3.049  1.00 89.40  ? 2   ARG A CB  1 
ATOM   14   C CG  . ARG A 1 4   ? 15.860  -2.687  -2.542  1.00 82.60  ? 2   ARG A CG  1 
ATOM   15   C CD  . ARG A 1 4   ? 16.770  -3.606  -1.756  1.00 82.62  ? 2   ARG A CD  1 
ATOM   16   N NE  . ARG A 1 4   ? 16.038  -4.508  -0.871  1.00 89.35  ? 2   ARG A NE  1 
ATOM   17   C CZ  . ARG A 1 4   ? 15.861  -5.809  -1.086  1.00 91.30  ? 2   ARG A CZ  1 
ATOM   18   N NH1 . ARG A 1 4   ? 15.180  -6.537  -0.207  1.00 87.91  ? 2   ARG A NH1 1 
ATOM   19   N NH2 . ARG A 1 4   ? 16.364  -6.390  -2.170  1.00 83.69  ? 2   ARG A NH2 1 
ATOM   20   N N   . PRO A 1 5   ? 13.515  -0.539  -4.164  1.00 79.58  ? 3   PRO A N   1 
ATOM   21   C CA  . PRO A 1 5   ? 12.163  -0.106  -3.770  1.00 75.41  ? 3   PRO A CA  1 
ATOM   22   C C   . PRO A 1 5   ? 11.806  -0.336  -2.298  1.00 71.03  ? 3   PRO A C   1 
ATOM   23   O O   . PRO A 1 5   ? 12.247  -1.319  -1.701  1.00 69.13  ? 3   PRO A O   1 
ATOM   24   C CB  . PRO A 1 5   ? 11.249  -0.958  -4.659  1.00 72.75  ? 3   PRO A CB  1 
ATOM   25   C CG  . PRO A 1 5   ? 12.098  -1.341  -5.817  1.00 79.31  ? 3   PRO A CG  1 
ATOM   26   C CD  . PRO A 1 5   ? 13.466  -1.536  -5.247  1.00 78.18  ? 3   PRO A CD  1 
ATOM   27   N N   . ARG A 1 6   ? 11.020  0.587   -1.740  1.00 68.52  ? 4   ARG A N   1 
ATOM   28   C CA  . ARG A 1 6   ? 10.473  0.484   -0.388  1.00 69.07  ? 4   ARG A CA  1 
ATOM   29   C C   . ARG A 1 6   ? 8.968   0.263   -0.448  1.00 67.77  ? 4   ARG A C   1 
ATOM   30   O O   . ARG A 1 6   ? 8.260   0.984   -1.152  1.00 73.01  ? 4   ARG A O   1 
ATOM   31   C CB  . ARG A 1 6   ? 10.714  1.774   0.391   1.00 71.56  ? 4   ARG A CB  1 
ATOM   32   C CG  . ARG A 1 6   ? 12.093  1.950   0.971   1.00 83.74  ? 4   ARG A CG  1 
ATOM   33   C CD  . ARG A 1 6   ? 12.074  3.104   1.967   1.00 95.55  ? 4   ARG A CD  1 
ATOM   34   N NE  . ARG A 1 6   ? 13.233  3.982   1.823   1.00 107.46 ? 4   ARG A NE  1 
ATOM   35   C CZ  . ARG A 1 6   ? 13.323  4.976   0.939   1.00 114.26 ? 4   ARG A CZ  1 
ATOM   36   N NH1 . ARG A 1 6   ? 14.422  5.713   0.891   1.00 121.70 ? 4   ARG A NH1 1 
ATOM   37   N NH2 . ARG A 1 6   ? 12.323  5.236   0.101   1.00 108.46 ? 4   ARG A NH2 1 
ATOM   38   N N   . VAL A 1 7   ? 8.483   -0.725  0.297   1.00 61.96  ? 5   VAL A N   1 
ATOM   39   C CA  . VAL A 1 7   ? 7.049   -0.993  0.390   1.00 51.37  ? 5   VAL A CA  1 
ATOM   40   C C   . VAL A 1 7   ? 6.617   -0.773  1.835   1.00 53.09  ? 5   VAL A C   1 
ATOM   41   O O   . VAL A 1 7   ? 7.233   -1.315  2.749   1.00 56.14  ? 5   VAL A O   1 
ATOM   42   C CB  . VAL A 1 7   ? 6.714   -2.431  -0.097  1.00 49.96  ? 5   VAL A CB  1 
ATOM   43   C CG1 . VAL A 1 7   ? 5.297   -2.861  0.307   1.00 48.50  ? 5   VAL A CG1 1 
ATOM   44   C CG2 . VAL A 1 7   ? 6.873   -2.522  -1.598  1.00 40.36  ? 5   VAL A CG2 1 
ATOM   45   N N   . LEU A 1 8   ? 5.590   0.055   2.042   1.00 51.52  ? 6   LEU A N   1 
ATOM   46   C CA  . LEU A 1 8   ? 4.990   0.219   3.371   1.00 53.23  ? 6   LEU A CA  1 
ATOM   47   C C   . LEU A 1 8   ? 3.729   -0.627  3.502   1.00 49.59  ? 6   LEU A C   1 
ATOM   48   O O   . LEU A 1 8   ? 2.947   -0.738  2.566   1.00 57.61  ? 6   LEU A O   1 
ATOM   49   C CB  . LEU A 1 8   ? 4.686   1.689   3.683   1.00 46.71  ? 6   LEU A CB  1 
ATOM   50   C CG  . LEU A 1 8   ? 4.115   2.031   5.071   1.00 48.45  ? 6   LEU A CG  1 
ATOM   51   C CD1 . LEU A 1 8   ? 5.079   1.700   6.220   1.00 31.16  ? 6   LEU A CD1 1 
ATOM   52   C CD2 . LEU A 1 8   ? 3.660   3.484   5.136   1.00 50.32  ? 6   LEU A CD2 1 
ATOM   53   N N   . LEU A 1 9   ? 3.553   -1.219  4.675   1.00 48.72  ? 7   LEU A N   1 
ATOM   54   C CA  . LEU A 1 9   ? 2.424   -2.073  4.980   1.00 47.94  ? 7   LEU A CA  1 
ATOM   55   C C   . LEU A 1 9   ? 1.735   -1.428  6.156   1.00 51.13  ? 7   LEU A C   1 
ATOM   56   O O   . LEU A 1 9   ? 2.347   -1.265  7.210   1.00 56.13  ? 7   LEU A O   1 
ATOM   57   C CB  . LEU A 1 9   ? 2.947   -3.434  5.412   1.00 53.83  ? 7   LEU A CB  1 
ATOM   58   C CG  . LEU A 1 9   ? 2.337   -4.759  4.971   1.00 60.52  ? 7   LEU A CG  1 
ATOM   59   C CD1 . LEU A 1 9   ? 3.064   -5.856  5.725   1.00 51.30  ? 7   LEU A CD1 1 
ATOM   60   C CD2 . LEU A 1 9   ? 0.840   -4.829  5.225   1.00 60.01  ? 7   LEU A CD2 1 
ATOM   61   N N   . VAL A 1 10  ? 0.475   -1.043  5.985   1.00 52.49  ? 8   VAL A N   1 
ATOM   62   C CA  . VAL A 1 10  ? -0.262  -0.361  7.054   1.00 51.12  ? 8   VAL A CA  1 
ATOM   63   C C   . VAL A 1 10  ? -1.375  -1.258  7.588   1.00 60.28  ? 8   VAL A C   1 
ATOM   64   O O   . VAL A 1 10  ? -2.460  -1.303  7.022   1.00 62.53  ? 8   VAL A O   1 
ATOM   65   C CB  . VAL A 1 10  ? -0.839  0.992   6.581   1.00 47.24  ? 8   VAL A CB  1 
ATOM   66   C CG1 . VAL A 1 10  ? -1.402  1.767   7.752   1.00 41.62  ? 8   VAL A CG1 1 
ATOM   67   C CG2 . VAL A 1 10  ? 0.232   1.816   5.880   1.00 41.00  ? 8   VAL A CG2 1 
ATOM   68   N N   . GLU A 1 11  ? -1.087  -1.976  8.672   1.00 68.77  ? 9   GLU A N   1 
ATOM   69   C CA  . GLU A 1 11  ? -2.025  -2.940  9.254   1.00 79.82  ? 9   GLU A CA  1 
ATOM   70   C C   . GLU A 1 11  ? -2.107  -2.803  10.763  1.00 82.15  ? 9   GLU A C   1 
ATOM   71   O O   . GLU A 1 11  ? -1.082  -2.822  11.443  1.00 83.53  ? 9   GLU A O   1 
ATOM   72   C CB  . GLU A 1 11  ? -1.595  -4.375  8.925   1.00 87.08  ? 9   GLU A CB  1 
ATOM   73   C CG  . GLU A 1 11  ? -2.082  -4.918  7.588   1.00 102.29 ? 9   GLU A CG  1 
ATOM   74   C CD  . GLU A 1 11  ? -3.537  -5.372  7.605   1.00 115.23 ? 9   GLU A CD  1 
ATOM   75   O OE1 . GLU A 1 11  ? -4.059  -5.731  8.686   1.00 116.62 ? 9   GLU A OE1 1 
ATOM   76   O OE2 . GLU A 1 11  ? -4.156  -5.375  6.521   1.00 119.45 ? 9   GLU A OE2 1 
ATOM   77   N N   . ASP A 1 12  ? -3.328  -2.677  11.283  1.00 88.06  ? 10  ASP A N   1 
ATOM   78   C CA  . ASP A 1 12  ? -3.564  -2.729  12.730  1.00 92.75  ? 10  ASP A CA  1 
ATOM   79   C C   . ASP A 1 12  ? -3.315  -4.137  13.280  1.00 93.76  ? 10  ASP A C   1 
ATOM   80   O O   . ASP A 1 12  ? -2.731  -4.294  14.353  1.00 96.69  ? 10  ASP A O   1 
ATOM   81   C CB  . ASP A 1 12  ? -4.969  -2.212  13.102  1.00 95.85  ? 10  ASP A CB  1 
ATOM   82   C CG  . ASP A 1 12  ? -6.109  -2.978  12.412  1.00 104.14 ? 10  ASP A CG  1 
ATOM   83   O OD1 . ASP A 1 12  ? -5.895  -3.591  11.342  1.00 104.24 ? 10  ASP A OD1 1 
ATOM   84   O OD2 . ASP A 1 12  ? -7.240  -2.950  12.949  1.00 108.53 ? 10  ASP A OD2 1 
ATOM   85   N N   . SER A 1 13  ? -3.744  -5.148  12.527  1.00 95.16  ? 11  SER A N   1 
ATOM   86   C CA  . SER A 1 13  ? -3.476  -6.542  12.854  1.00 96.88  ? 11  SER A CA  1 
ATOM   87   C C   . SER A 1 13  ? -2.035  -6.890  12.496  1.00 97.48  ? 11  SER A C   1 
ATOM   88   O O   . SER A 1 13  ? -1.753  -7.401  11.405  1.00 97.74  ? 11  SER A O   1 
ATOM   89   C CB  . SER A 1 13  ? -4.453  -7.467  12.123  1.00 97.62  ? 11  SER A CB  1 
ATOM   90   O OG  . SER A 1 13  ? -4.049  -8.823  12.232  1.00 99.62  ? 11  SER A OG  1 
ATOM   91   N N   . THR A 1 14  ? -1.129  -6.626  13.433  1.00 99.68  ? 12  THR A N   1 
ATOM   92   C CA  . THR A 1 14  ? 0.301   -6.840  13.223  1.00 103.80 ? 12  THR A CA  1 
ATOM   93   C C   . THR A 1 14  ? 0.767   -8.285  13.284  1.00 105.11 ? 12  THR A C   1 
ATOM   94   O O   . THR A 1 14  ? 1.970   -8.548  13.333  1.00 105.72 ? 12  THR A O   1 
ATOM   95   N N   . SER A 1 15  ? -0.185  -9.215  13.304  1.00 104.89 ? 13  SER A N   1 
ATOM   96   C CA  . SER A 1 15  ? 0.095   -10.635 13.154  1.00 101.28 ? 13  SER A CA  1 
ATOM   97   C C   . SER A 1 15  ? 0.004   -10.979 11.670  1.00 99.27  ? 13  SER A C   1 
ATOM   98   O O   . SER A 1 15  ? 0.796   -11.773 11.153  1.00 103.12 ? 13  SER A O   1 
ATOM   99   C CB  . SER A 1 15  ? -0.899  -11.471 13.966  1.00 101.81 ? 13  SER A CB  1 
ATOM   100  O OG  . SER A 1 15  ? -1.046  -10.962 15.284  1.00 99.55  ? 13  SER A OG  1 
ATOM   101  N N   . LEU A 1 16  ? -0.956  -10.349 10.991  1.00 93.47  ? 14  LEU A N   1 
ATOM   102  C CA  . LEU A 1 16  ? -1.183  -10.530 9.555   1.00 90.17  ? 14  LEU A CA  1 
ATOM   103  C C   . LEU A 1 16  ? -0.111  -9.836  8.711   1.00 93.85  ? 14  LEU A C   1 
ATOM   104  O O   . LEU A 1 16  ? 0.137   -10.210 7.561   1.00 93.30  ? 14  LEU A O   1 
ATOM   105  C CB  . LEU A 1 16  ? -2.570  -10.000 9.187   1.00 84.12  ? 14  LEU A CB  1 
ATOM   106  C CG  . LEU A 1 16  ? -3.166  -10.322 7.816   1.00 78.66  ? 14  LEU A CG  1 
ATOM   107  C CD1 . LEU A 1 16  ? -3.239  -11.822 7.553   1.00 81.95  ? 14  LEU A CD1 1 
ATOM   108  C CD2 . LEU A 1 16  ? -4.539  -9.697  7.695   1.00 77.15  ? 14  LEU A CD2 1 
ATOM   109  N N   . ALA A 1 17  ? 0.517   -8.823  9.302   1.00 95.32  ? 15  ALA A N   1 
ATOM   110  C CA  . ALA A 1 17  ? 1.602   -8.084  8.673   1.00 94.39  ? 15  ALA A CA  1 
ATOM   111  C C   . ALA A 1 17  ? 2.860   -8.921  8.482   1.00 96.26  ? 15  ALA A C   1 
ATOM   112  O O   . ALA A 1 17  ? 3.538   -8.788  7.464   1.00 100.08 ? 15  ALA A O   1 
ATOM   113  C CB  . ALA A 1 17  ? 1.921   -6.875  9.488   1.00 91.14  ? 15  ALA A CB  1 
ATOM   114  N N   . ILE A 1 18  ? 3.172   -9.772  9.459   1.00 96.71  ? 16  ILE A N   1 
ATOM   115  C CA  . ILE A 1 18  ? 4.352   -10.640 9.381   1.00 100.07 ? 16  ILE A CA  1 
ATOM   116  C C   . ILE A 1 18  ? 4.142   -11.743 8.339   1.00 98.59  ? 16  ILE A C   1 
ATOM   117  O O   . ILE A 1 18  ? 5.093   -12.171 7.683   1.00 99.41  ? 16  ILE A O   1 
ATOM   118  C CB  . ILE A 1 18  ? 4.743   -11.256 10.759  1.00 102.33 ? 16  ILE A CB  1 
ATOM   119  C CG1 . ILE A 1 18  ? 4.561   -10.240 11.891  1.00 103.20 ? 16  ILE A CG1 1 
ATOM   120  C CG2 . ILE A 1 18  ? 6.195   -11.765 10.742  1.00 105.55 ? 16  ILE A CG2 1 
ATOM   121  C CD1 . ILE A 1 18  ? 4.485   -10.866 13.265  1.00 98.41  ? 16  ILE A CD1 1 
ATOM   122  N N   . LEU A 1 19  ? 2.891   -12.182 8.185   1.00 97.02  ? 17  LEU A N   1 
ATOM   123  C CA  . LEU A 1 19  ? 2.514   -13.135 7.141   1.00 93.78  ? 17  LEU A CA  1 
ATOM   124  C C   . LEU A 1 19  ? 2.670   -12.506 5.758   1.00 95.20  ? 17  LEU A C   1 
ATOM   125  O O   . LEU A 1 19  ? 3.105   -13.165 4.808   1.00 94.82  ? 17  LEU A O   1 
ATOM   126  C CB  . LEU A 1 19  ? 1.073   -13.612 7.341   1.00 90.04  ? 17  LEU A CB  1 
ATOM   127  C CG  . LEU A 1 19  ? 0.465   -14.463 6.221   1.00 91.06  ? 17  LEU A CG  1 
ATOM   128  C CD1 . LEU A 1 19  ? 1.150   -15.826 6.114   1.00 95.79  ? 17  LEU A CD1 1 
ATOM   129  C CD2 . LEU A 1 19  ? -1.035  -14.621 6.390   1.00 93.82  ? 17  LEU A CD2 1 
ATOM   130  N N   . TYR A 1 20  ? 2.317   -11.227 5.665   1.00 97.21  ? 18  TYR A N   1 
ATOM   131  C CA  . TYR A 1 20  ? 2.494   -10.458 4.438   1.00 100.20 ? 18  TYR A CA  1 
ATOM   132  C C   . TYR A 1 20  ? 3.975   -10.183 4.153   1.00 99.87  ? 18  TYR A C   1 
ATOM   133  O O   . TYR A 1 20  ? 4.377   -10.065 2.994   1.00 99.32  ? 18  TYR A O   1 
ATOM   134  C CB  . TYR A 1 20  ? 1.703   -9.145  4.493   1.00 103.59 ? 18  TYR A CB  1 
ATOM   135  C CG  . TYR A 1 20  ? 0.187   -9.282  4.444   1.00 107.09 ? 18  TYR A CG  1 
ATOM   136  C CD1 . TYR A 1 20  ? -0.635  -8.261  4.923   1.00 105.48 ? 18  TYR A CD1 1 
ATOM   137  C CD2 . TYR A 1 20  ? -0.425  -10.426 3.917   1.00 114.14 ? 18  TYR A CD2 1 
ATOM   138  C CE1 . TYR A 1 20  ? -2.025  -8.367  4.874   1.00 106.72 ? 18  TYR A CE1 1 
ATOM   139  C CE2 . TYR A 1 20  ? -1.816  -10.546 3.870   1.00 111.83 ? 18  TYR A CE2 1 
ATOM   140  C CZ  . TYR A 1 20  ? -2.608  -9.513  4.348   1.00 108.77 ? 18  TYR A CZ  1 
ATOM   141  O OH  . TYR A 1 20  ? -3.980  -9.629  4.304   1.00 106.97 ? 18  TYR A OH  1 
ATOM   142  N N   . LYS A 1 21  ? 4.772   -10.084 5.219   1.00 98.78  ? 19  LYS A N   1 
ATOM   143  C CA  . LYS A 1 21  ? 6.229   -9.997  5.113   1.00 95.61  ? 19  LYS A CA  1 
ATOM   144  C C   . LYS A 1 21  ? 6.834   -11.350 4.739   1.00 93.47  ? 19  LYS A C   1 
ATOM   145  O O   . LYS A 1 21  ? 7.880   -11.395 4.091   1.00 95.24  ? 19  LYS A O   1 
ATOM   146  C CB  . LYS A 1 21  ? 6.849   -9.504  6.424   1.00 95.83  ? 19  LYS A CB  1 
ATOM   147  C CG  . LYS A 1 21  ? 6.737   -8.010  6.666   1.00 92.33  ? 19  LYS A CG  1 
ATOM   148  C CD  . LYS A 1 21  ? 7.213   -7.656  8.066   1.00 94.32  ? 19  LYS A CD  1 
ATOM   149  C CE  . LYS A 1 21  ? 7.477   -6.169  8.197   1.00 103.27 ? 19  LYS A CE  1 
ATOM   150  N NZ  . LYS A 1 21  ? 7.765   -5.763  9.603   1.00 106.34 ? 19  LYS A NZ  1 
ATOM   151  N N   . GLN A 1 22  ? 6.177   -12.434 5.165   1.00 90.89  ? 20  GLN A N   1 
ATOM   152  C CA  A GLN A 1 22  ? 6.610   -13.797 4.852   0.50 91.11  ? 20  GLN A CA  1 
ATOM   153  C CA  B GLN A 1 22  ? 6.615   -13.790 4.848   0.50 92.71  ? 20  GLN A CA  1 
ATOM   154  C C   . GLN A 1 22  ? 6.372   -14.093 3.373   1.00 94.65  ? 20  GLN A C   1 
ATOM   155  O O   . GLN A 1 22  ? 7.182   -14.765 2.728   1.00 96.72  ? 20  GLN A O   1 
ATOM   156  C CB  A GLN A 1 22  ? 5.886   -14.818 5.749   0.50 88.01  ? 20  GLN A CB  1 
ATOM   157  C CB  B GLN A 1 22  ? 5.891   -14.811 5.734   0.50 91.42  ? 20  GLN A CB  1 
ATOM   158  C CG  A GLN A 1 22  ? 6.339   -16.282 5.612   0.50 75.89  ? 20  GLN A CG  1 
ATOM   159  C CG  B GLN A 1 22  ? 6.583   -16.169 5.853   0.50 85.65  ? 20  GLN A CG  1 
ATOM   160  C CD  A GLN A 1 22  ? 5.399   -17.131 4.760   0.50 64.99  ? 20  GLN A CD  1 
ATOM   161  C CD  B GLN A 1 22  ? 7.810   -16.145 6.754   0.50 81.96  ? 20  GLN A CD  1 
ATOM   162  O OE1 A GLN A 1 22  ? 4.178   -16.990 4.830   0.50 61.96  ? 20  GLN A OE1 1 
ATOM   163  O OE1 B GLN A 1 22  ? 8.769   -16.883 6.527   0.50 78.20  ? 20  GLN A OE1 1 
ATOM   164  N NE2 A GLN A 1 22  ? 5.969   -18.029 3.967   0.50 55.64  ? 20  GLN A NE2 1 
ATOM   165  N NE2 B GLN A 1 22  ? 7.785   -15.298 7.782   0.50 77.81  ? 20  GLN A NE2 1 
ATOM   166  N N   . TYR A 1 23  ? 5.257   -13.578 2.849   1.00 97.96  ? 21  TYR A N   1 
ATOM   167  C CA  . TYR A 1 23  ? 4.886   -13.724 1.439   1.00 100.56 ? 21  TYR A CA  1 
ATOM   168  C C   . TYR A 1 23  ? 5.911   -13.102 0.494   1.00 97.65  ? 21  TYR A C   1 
ATOM   169  O O   . TYR A 1 23  ? 6.263   -13.692 -0.530  1.00 96.38  ? 21  TYR A O   1 
ATOM   170  C CB  . TYR A 1 23  ? 3.529   -13.071 1.170   1.00 104.95 ? 21  TYR A CB  1 
ATOM   171  C CG  . TYR A 1 23  ? 2.319   -13.814 1.695   1.00 108.66 ? 21  TYR A CG  1 
ATOM   172  C CD1 . TYR A 1 23  ? 1.194   -13.114 2.126   1.00 105.76 ? 21  TYR A CD1 1 
ATOM   173  C CD2 . TYR A 1 23  ? 2.290   -15.209 1.747   1.00 112.71 ? 21  TYR A CD2 1 
ATOM   174  C CE1 . TYR A 1 23  ? 0.071   -13.776 2.595   1.00 106.11 ? 21  TYR A CE1 1 
ATOM   175  C CE2 . TYR A 1 23  ? 1.170   -15.884 2.218   1.00 113.46 ? 21  TYR A CE2 1 
ATOM   176  C CZ  . TYR A 1 23  ? 0.065   -15.158 2.640   1.00 110.98 ? 21  TYR A CZ  1 
ATOM   177  O OH  . TYR A 1 23  ? -1.050  -15.811 3.108   1.00 114.31 ? 21  TYR A OH  1 
ATOM   178  N N   . VAL A 1 24  ? 6.381   -11.908 0.854   1.00 95.08  ? 22  VAL A N   1 
ATOM   179  C CA  . VAL A 1 24  ? 7.278   -11.122 0.005   1.00 92.38  ? 22  VAL A CA  1 
ATOM   180  C C   . VAL A 1 24  ? 8.747   -11.165 0.489   1.00 93.05  ? 22  VAL A C   1 
ATOM   181  O O   . VAL A 1 24  ? 9.557   -10.305 0.122   1.00 87.71  ? 22  VAL A O   1 
ATOM   182  C CB  . VAL A 1 24  ? 6.748   -9.656  -0.182  1.00 90.37  ? 22  VAL A CB  1 
ATOM   183  C CG1 . VAL A 1 24  ? 5.304   -9.664  -0.675  1.00 83.53  ? 22  VAL A CG1 1 
ATOM   184  C CG2 . VAL A 1 24  ? 6.841   -8.852  1.106   1.00 94.39  ? 22  VAL A CG2 1 
ATOM   185  N N   . LYS A 1 25  ? 9.069   -12.190 1.288   1.00 96.90  ? 23  LYS A N   1 
ATOM   186  C CA  . LYS A 1 25  ? 10.410  -12.407 1.871   1.00 97.81  ? 23  LYS A CA  1 
ATOM   187  C C   . LYS A 1 25  ? 11.542  -12.483 0.848   1.00 96.43  ? 23  LYS A C   1 
ATOM   188  O O   . LYS A 1 25  ? 12.631  -11.951 1.081   1.00 95.81  ? 23  LYS A O   1 
ATOM   189  C CB  . LYS A 1 25  ? 10.436  -13.689 2.722   1.00 100.24 ? 23  LYS A CB  1 
ATOM   190  C CG  . LYS A 1 25  ? 10.411  -13.487 4.244   1.00 106.73 ? 23  LYS A CG  1 
ATOM   191  C CD  . LYS A 1 25  ? 11.662  -12.788 4.797   1.00 117.14 ? 23  LYS A CD  1 
ATOM   192  C CE  . LYS A 1 25  ? 12.868  -13.724 4.917   1.00 120.20 ? 23  LYS A CE  1 
ATOM   193  N NZ  . LYS A 1 25  ? 13.727  -13.749 3.694   1.00 120.22 ? 23  LYS A NZ  1 
ATOM   194  N N   . ASP A 1 26  ? 11.276  -13.154 -0.273  1.00 96.15  ? 24  ASP A N   1 
ATOM   195  C CA  . ASP A 1 26  ? 12.261  -13.327 -1.340  1.00 94.39  ? 24  ASP A CA  1 
ATOM   196  C C   . ASP A 1 26  ? 11.940  -12.468 -2.569  1.00 86.41  ? 24  ASP A C   1 
ATOM   197  O O   . ASP A 1 26  ? 12.242  -12.839 -3.705  1.00 84.09  ? 24  ASP A O   1 
ATOM   198  C CB  . ASP A 1 26  ? 12.395  -14.811 -1.708  1.00 100.04 ? 24  ASP A CB  1 
ATOM   199  C CG  . ASP A 1 26  ? 13.098  -15.621 -0.626  1.00 108.84 ? 24  ASP A CG  1 
ATOM   200  O OD1 . ASP A 1 26  ? 14.265  -15.305 -0.302  1.00 110.93 ? 24  ASP A OD1 1 
ATOM   201  O OD2 . ASP A 1 26  ? 12.485  -16.580 -0.104  1.00 114.12 ? 24  ASP A OD2 1 
ATOM   202  N N   . GLU A 1 27  ? 11.332  -11.313 -2.314  1.00 80.73  ? 25  GLU A N   1 
ATOM   203  C CA  . GLU A 1 27  ? 11.030  -10.326 -3.343  1.00 74.01  ? 25  GLU A CA  1 
ATOM   204  C C   . GLU A 1 27  ? 12.047  -9.188  -3.248  1.00 68.63  ? 25  GLU A C   1 
ATOM   205  O O   . GLU A 1 27  ? 12.509  -8.875  -2.150  1.00 66.82  ? 25  GLU A O   1 
ATOM   206  C CB  . GLU A 1 27  ? 9.604   -9.809  -3.161  1.00 76.02  ? 25  GLU A CB  1 
ATOM   207  C CG  . GLU A 1 27  ? 8.524   -10.762 -3.656  1.00 80.28  ? 25  GLU A CG  1 
ATOM   208  C CD  . GLU A 1 27  ? 8.271   -10.642 -5.151  1.00 90.36  ? 25  GLU A CD  1 
ATOM   209  O OE1 . GLU A 1 27  ? 7.808   -9.569  -5.601  1.00 88.05  ? 25  GLU A OE1 1 
ATOM   210  O OE2 . GLU A 1 27  ? 8.517   -11.634 -5.870  1.00 96.09  ? 25  GLU A OE2 1 
ATOM   211  N N   . PRO A 1 28  ? 12.408  -8.567  -4.393  1.00 65.85  ? 26  PRO A N   1 
ATOM   212  C CA  . PRO A 1 28  ? 13.497  -7.585  -4.440  1.00 63.69  ? 26  PRO A CA  1 
ATOM   213  C C   . PRO A 1 28  ? 13.126  -6.173  -3.973  1.00 64.44  ? 26  PRO A C   1 
ATOM   214  O O   . PRO A 1 28  ? 13.458  -5.190  -4.646  1.00 67.08  ? 26  PRO A O   1 
ATOM   215  C CB  . PRO A 1 28  ? 13.854  -7.559  -5.924  1.00 64.24  ? 26  PRO A CB  1 
ATOM   216  C CG  . PRO A 1 28  ? 12.558  -7.788  -6.592  1.00 58.21  ? 26  PRO A CG  1 
ATOM   217  C CD  . PRO A 1 28  ? 11.817  -8.768  -5.732  1.00 64.69  ? 26  PRO A CD  1 
ATOM   218  N N   . TYR A 1 29  ? 12.448  -6.078  -2.835  1.00 60.15  ? 27  TYR A N   1 
ATOM   219  C CA  . TYR A 1 29  ? 12.157  -4.795  -2.210  1.00 62.44  ? 27  TYR A CA  1 
ATOM   220  C C   . TYR A 1 29  ? 12.137  -4.917  -0.692  1.00 67.74  ? 27  TYR A C   1 
ATOM   221  O O   . TYR A 1 29  ? 11.973  -6.015  -0.156  1.00 71.14  ? 27  TYR A O   1 
ATOM   222  C CB  . TYR A 1 29  ? 10.833  -4.208  -2.720  1.00 61.88  ? 27  TYR A CB  1 
ATOM   223  C CG  . TYR A 1 29  ? 9.661   -5.172  -2.795  1.00 57.83  ? 27  TYR A CG  1 
ATOM   224  C CD1 . TYR A 1 29  ? 9.244   -5.686  -4.022  1.00 53.81  ? 27  TYR A CD1 1 
ATOM   225  C CD2 . TYR A 1 29  ? 8.953   -5.547  -1.646  1.00 50.01  ? 27  TYR A CD2 1 
ATOM   226  C CE1 . TYR A 1 29  ? 8.164   -6.549  -4.108  1.00 51.86  ? 27  TYR A CE1 1 
ATOM   227  C CE2 . TYR A 1 29  ? 7.869   -6.418  -1.721  1.00 43.51  ? 27  TYR A CE2 1 
ATOM   228  C CZ  . TYR A 1 29  ? 7.485   -6.912  -2.955  1.00 53.88  ? 27  TYR A CZ  1 
ATOM   229  O OH  . TYR A 1 29  ? 6.420   -7.771  -3.047  1.00 61.16  ? 27  TYR A OH  1 
ATOM   230  N N   . ASP A 1 30  ? 12.297  -3.786  -0.011  1.00 71.25  ? 28  ASP A N   1 
ATOM   231  C CA  . ASP A 1 30  ? 12.229  -3.744  1.446   1.00 72.19  ? 28  ASP A CA  1 
ATOM   232  C C   . ASP A 1 30  ? 10.794  -3.501  1.902   1.00 69.47  ? 28  ASP A C   1 
ATOM   233  O O   . ASP A 1 30  ? 10.096  -2.642  1.353   1.00 69.89  ? 28  ASP A O   1 
ATOM   234  C CB  . ASP A 1 30  ? 13.156  -2.658  2.009   1.00 74.18  ? 28  ASP A CB  1 
ATOM   235  C CG  . ASP A 1 30  ? 14.619  -2.860  1.617   1.00 75.54  ? 28  ASP A CG  1 
ATOM   236  O OD1 . ASP A 1 30  ? 15.100  -4.018  1.629   1.00 73.41  ? 28  ASP A OD1 1 
ATOM   237  O OD2 . ASP A 1 30  ? 15.288  -1.849  1.308   1.00 62.84  ? 28  ASP A OD2 1 
ATOM   238  N N   . ILE A 1 31  ? 10.359  -4.267  2.900   1.00 64.74  ? 29  ILE A N   1 
ATOM   239  C CA  . ILE A 1 31  ? 9.014   -4.115  3.452   1.00 61.98  ? 29  ILE A CA  1 
ATOM   240  C C   . ILE A 1 31  ? 9.039   -3.616  4.909   1.00 62.20  ? 29  ILE A C   1 
ATOM   241  O O   . ILE A 1 31  ? 9.757   -4.151  5.753   1.00 65.47  ? 29  ILE A O   1 
ATOM   242  C CB  . ILE A 1 31  ? 8.125   -5.390  3.222   1.00 61.97  ? 29  ILE A CB  1 
ATOM   243  C CG1 . ILE A 1 31  ? 6.707   -5.182  3.767   1.00 66.59  ? 29  ILE A CG1 1 
ATOM   244  C CG2 . ILE A 1 31  ? 8.783   -6.653  3.784   1.00 57.48  ? 29  ILE A CG2 1 
ATOM   245  C CD1 . ILE A 1 31  ? 5.617   -5.732  2.878   1.00 68.00  ? 29  ILE A CD1 1 
ATOM   246  N N   . PHE A 1 32  ? 8.284   -2.551  5.166   1.00 62.07  ? 30  PHE A N   1 
ATOM   247  C CA  . PHE A 1 32  ? 8.203   -1.931  6.482   1.00 62.69  ? 30  PHE A CA  1 
ATOM   248  C C   . PHE A 1 32  ? 6.754   -1.926  6.935   1.00 62.61  ? 30  PHE A C   1 
ATOM   249  O O   . PHE A 1 32  ? 5.845   -1.791  6.115   1.00 67.60  ? 30  PHE A O   1 
ATOM   250  C CB  . PHE A 1 32  ? 8.728   -0.493  6.444   1.00 67.43  ? 30  PHE A CB  1 
ATOM   251  C CG  . PHE A 1 32  ? 10.144  -0.370  5.953   1.00 77.83  ? 30  PHE A CG  1 
ATOM   252  C CD1 . PHE A 1 32  ? 11.217  -0.594  6.812   1.00 86.44  ? 30  PHE A CD1 1 
ATOM   253  C CD2 . PHE A 1 32  ? 10.409  -0.017  4.631   1.00 80.93  ? 30  PHE A CD2 1 
ATOM   254  C CE1 . PHE A 1 32  ? 12.531  -0.477  6.358   1.00 87.87  ? 30  PHE A CE1 1 
ATOM   255  C CE2 . PHE A 1 32  ? 11.721  0.105   4.170   1.00 82.65  ? 30  PHE A CE2 1 
ATOM   256  C CZ  . PHE A 1 32  ? 12.781  -0.124  5.035   1.00 81.36  ? 30  PHE A CZ  1 
ATOM   257  N N   . HIS A 1 33  ? 6.544   -2.053  8.240   1.00 58.03  ? 31  HIS A N   1 
ATOM   258  C CA  . HIS A 1 33  ? 5.203   -2.183  8.786   1.00 58.82  ? 31  HIS A CA  1 
ATOM   259  C C   . HIS A 1 33  ? 4.894   -1.121  9.841   1.00 58.81  ? 31  HIS A C   1 
ATOM   260  O O   . HIS A 1 33  ? 5.712   -0.855  10.722  1.00 63.01  ? 31  HIS A O   1 
ATOM   261  C CB  . HIS A 1 33  ? 5.006   -3.598  9.348   1.00 63.69  ? 31  HIS A CB  1 
ATOM   262  C CG  . HIS A 1 33  ? 3.761   -3.768  10.159  1.00 73.84  ? 31  HIS A CG  1 
ATOM   263  N ND1 . HIS A 1 33  ? 3.780   -4.207  11.465  1.00 80.98  ? 31  HIS A ND1 1 
ATOM   264  C CD2 . HIS A 1 33  ? 2.460   -3.544  9.855   1.00 80.79  ? 31  HIS A CD2 1 
ATOM   265  C CE1 . HIS A 1 33  ? 2.543   -4.255  11.928  1.00 85.96  ? 31  HIS A CE1 1 
ATOM   266  N NE2 . HIS A 1 33  ? 1.724   -3.855  10.972  1.00 82.31  ? 31  HIS A NE2 1 
ATOM   267  N N   . VAL A 1 34  ? 3.716   -0.507  9.725   1.00 57.85  ? 32  VAL A N   1 
ATOM   268  C CA  . VAL A 1 34  ? 3.176   0.392   10.753  1.00 58.56  ? 32  VAL A CA  1 
ATOM   269  C C   . VAL A 1 34  ? 1.765   -0.051  11.173  1.00 59.31  ? 32  VAL A C   1 
ATOM   270  O O   . VAL A 1 34  ? 1.085   -0.750  10.421  1.00 59.36  ? 32  VAL A O   1 
ATOM   271  C CB  . VAL A 1 34  ? 3.166   1.872   10.298  1.00 51.68  ? 32  VAL A CB  1 
ATOM   272  C CG1 . VAL A 1 34  ? 4.584   2.408   10.174  1.00 54.66  ? 32  VAL A CG1 1 
ATOM   273  C CG2 . VAL A 1 34  ? 2.420   2.028   8.989   1.00 61.21  ? 32  VAL A CG2 1 
ATOM   274  N N   . GLU A 1 35  ? 1.332   0.359   12.366  1.00 64.86  ? 33  GLU A N   1 
ATOM   275  C CA  . GLU A 1 35  ? 0.069   -0.123  12.941  1.00 70.05  ? 33  GLU A CA  1 
ATOM   276  C C   . GLU A 1 35  ? -1.072  0.892   12.906  1.00 70.43  ? 33  GLU A C   1 
ATOM   277  O O   . GLU A 1 35  ? -2.243  0.509   12.865  1.00 73.19  ? 33  GLU A O   1 
ATOM   278  C CB  . GLU A 1 35  ? 0.268   -0.627  14.381  1.00 78.39  ? 33  GLU A CB  1 
ATOM   279  C CG  . GLU A 1 35  ? 1.159   -1.870  14.529  1.00 83.95  ? 33  GLU A CG  1 
ATOM   280  C CD  . GLU A 1 35  ? 2.623   -1.532  14.804  1.00 91.15  ? 33  GLU A CD  1 
ATOM   281  O OE1 . GLU A 1 35  ? 2.895   -0.627  15.625  1.00 87.62  ? 33  GLU A OE1 1 
ATOM   282  O OE2 . GLU A 1 35  ? 3.503   -2.182  14.205  1.00 94.06  ? 33  GLU A OE2 1 
ATOM   283  N N   . THR A 1 36  ? -0.727  2.179   12.940  1.00 68.47  ? 34  THR A N   1 
ATOM   284  C CA  . THR A 1 36  ? -1.716  3.256   12.993  1.00 64.47  ? 34  THR A CA  1 
ATOM   285  C C   . THR A 1 36  ? -1.628  4.157   11.773  1.00 65.90  ? 34  THR A C   1 
ATOM   286  O O   . THR A 1 36  ? -0.608  4.176   11.082  1.00 67.24  ? 34  THR A O   1 
ATOM   287  C CB  . THR A 1 36  ? -1.530  4.143   14.237  1.00 65.03  ? 34  THR A CB  1 
ATOM   288  O OG1 . THR A 1 36  ? -0.279  4.834   14.150  1.00 64.11  ? 34  THR A OG1 1 
ATOM   289  C CG2 . THR A 1 36  ? -1.565  3.311   15.520  1.00 71.31  ? 34  THR A CG2 1 
ATOM   290  N N   . GLY A 1 37  ? -2.699  4.912   11.532  1.00 65.97  ? 35  GLY A N   1 
ATOM   291  C CA  . GLY A 1 37  ? -2.776  5.844   10.411  1.00 62.22  ? 35  GLY A CA  1 
ATOM   292  C C   . GLY A 1 37  ? -1.803  7.007   10.493  1.00 65.97  ? 35  GLY A C   1 
ATOM   293  O O   . GLY A 1 37  ? -1.283  7.456   9.469   1.00 67.06  ? 35  GLY A O   1 
ATOM   294  N N   . ARG A 1 38  ? -1.545  7.494   11.704  1.00 66.18  ? 36  ARG A N   1 
ATOM   295  C CA  . ARG A 1 38  ? -0.618  8.610   11.883  1.00 68.13  ? 36  ARG A CA  1 
ATOM   296  C C   . ARG A 1 38  ? 0.849   8.215   11.724  1.00 67.32  ? 36  ARG A C   1 
ATOM   297  O O   . ARG A 1 38  ? 1.657   9.023   11.269  1.00 68.44  ? 36  ARG A O   1 
ATOM   298  C CB  . ARG A 1 38  ? -0.853  9.352   13.206  1.00 68.78  ? 36  ARG A CB  1 
ATOM   299  C CG  . ARG A 1 38  ? -0.516  8.576   14.479  1.00 83.92  ? 36  ARG A CG  1 
ATOM   300  C CD  . ARG A 1 38  ? 0.442   9.374   15.357  1.00 89.80  ? 36  ARG A CD  1 
ATOM   301  N NE  . ARG A 1 38  ? 0.122   10.803  15.367  1.00 88.88  ? 36  ARG A NE  1 
ATOM   302  C CZ  . ARG A 1 38  ? 0.974   11.774  15.692  1.00 88.90  ? 36  ARG A CZ  1 
ATOM   303  N NH1 . ARG A 1 38  ? 0.572   13.038  15.667  1.00 81.83  ? 36  ARG A NH1 1 
ATOM   304  N NH2 . ARG A 1 38  ? 2.228   11.491  16.039  1.00 82.46  ? 36  ARG A NH2 1 
ATOM   305  N N   . ASP A 1 39  ? 1.183   6.975   12.082  1.00 68.26  ? 37  ASP A N   1 
ATOM   306  C CA  . ASP A 1 39  ? 2.530   6.431   11.859  1.00 67.04  ? 37  ASP A CA  1 
ATOM   307  C C   . ASP A 1 39  ? 2.783   6.156   10.377  1.00 66.22  ? 37  ASP A C   1 
ATOM   308  O O   . ASP A 1 39  ? 3.923   6.250   9.909   1.00 63.75  ? 37  ASP A O   1 
ATOM   309  C CB  . ASP A 1 39  ? 2.756   5.153   12.671  1.00 65.75  ? 37  ASP A CB  1 
ATOM   310  C CG  . ASP A 1 39  ? 2.937   5.420   14.156  1.00 67.72  ? 37  ASP A CG  1 
ATOM   311  O OD1 . ASP A 1 39  ? 3.380   6.531   14.528  1.00 75.82  ? 37  ASP A OD1 1 
ATOM   312  O OD2 . ASP A 1 39  ? 2.643   4.505   14.953  1.00 69.37  ? 37  ASP A OD2 1 
ATOM   313  N N   . ALA A 1 40  ? 1.716   5.807   9.658   1.00 62.78  ? 38  ALA A N   1 
ATOM   314  C CA  . ALA A 1 40  ? 1.761   5.639   8.211   1.00 58.68  ? 38  ALA A CA  1 
ATOM   315  C C   . ALA A 1 40  ? 2.094   6.963   7.538   1.00 62.33  ? 38  ALA A C   1 
ATOM   316  O O   . ALA A 1 40  ? 3.067   7.045   6.792   1.00 63.57  ? 38  ALA A O   1 
ATOM   317  C CB  . ALA A 1 40  ? 0.448   5.101   7.701   1.00 52.72  ? 38  ALA A CB  1 
ATOM   318  N N   . ILE A 1 41  ? 1.296   7.990   7.839   1.00 61.79  ? 39  ILE A N   1 
ATOM   319  C CA  . ILE A 1 41  ? 1.482   9.348   7.329   1.00 61.39  ? 39  ILE A CA  1 
ATOM   320  C C   . ILE A 1 41  ? 2.896   9.870   7.573   1.00 64.53  ? 39  ILE A C   1 
ATOM   321  O O   . ILE A 1 41  ? 3.514   10.428  6.663   1.00 68.62  ? 39  ILE A O   1 
ATOM   322  C CB  . ILE A 1 41  ? 0.421   10.306  7.923   1.00 61.26  ? 39  ILE A CB  1 
ATOM   323  C CG1 . ILE A 1 41  ? -0.861  10.236  7.091   1.00 58.98  ? 39  ILE A CG1 1 
ATOM   324  C CG2 . ILE A 1 41  ? 0.931   11.753  8.002   1.00 64.77  ? 39  ILE A CG2 1 
ATOM   325  C CD1 . ILE A 1 41  ? -1.996  11.076  7.636   1.00 63.01  ? 39  ILE A CD1 1 
ATOM   326  N N   . GLN A 1 42  ? 3.410   9.639   8.780   1.00 65.62  ? 40  GLN A N   1 
ATOM   327  C CA  . GLN A 1 42  ? 4.753   10.070  9.160   1.00 70.28  ? 40  GLN A CA  1 
ATOM   328  C C   . GLN A 1 42  ? 5.848   9.305   8.428   1.00 69.68  ? 40  GLN A C   1 
ATOM   329  O O   . GLN A 1 42  ? 6.920   9.851   8.172   1.00 78.28  ? 40  GLN A O   1 
ATOM   330  C CB  . GLN A 1 42  ? 4.952   9.962   10.673  1.00 73.85  ? 40  GLN A CB  1 
ATOM   331  C CG  . GLN A 1 42  ? 4.281   11.077  11.479  1.00 75.13  ? 40  GLN A CG  1 
ATOM   332  C CD  . GLN A 1 42  ? 4.424   10.898  12.987  1.00 79.31  ? 40  GLN A CD  1 
ATOM   333  O OE1 . GLN A 1 42  ? 4.092   11.800  13.758  1.00 85.42  ? 40  GLN A OE1 1 
ATOM   334  N NE2 . GLN A 1 42  ? 4.928   9.739   13.413  1.00 83.60  ? 40  GLN A NE2 1 
ATOM   335  N N   . PHE A 1 43  ? 5.575   8.046   8.095   1.00 70.06  ? 41  PHE A N   1 
ATOM   336  C CA  . PHE A 1 43  ? 6.492   7.243   7.288   1.00 61.82  ? 41  PHE A CA  1 
ATOM   337  C C   . PHE A 1 43  ? 6.515   7.753   5.849   1.00 61.23  ? 41  PHE A C   1 
ATOM   338  O O   . PHE A 1 43  ? 7.568   7.782   5.220   1.00 62.69  ? 41  PHE A O   1 
ATOM   339  C CB  . PHE A 1 43  ? 6.097   5.762   7.322   1.00 58.83  ? 41  PHE A CB  1 
ATOM   340  C CG  . PHE A 1 43  ? 7.148   4.834   6.769   1.00 58.51  ? 41  PHE A CG  1 
ATOM   341  C CD1 . PHE A 1 43  ? 7.180   4.515   5.410   1.00 65.81  ? 41  PHE A CD1 1 
ATOM   342  C CD2 . PHE A 1 43  ? 8.104   4.275   7.606   1.00 52.81  ? 41  PHE A CD2 1 
ATOM   343  C CE1 . PHE A 1 43  ? 8.151   3.661   4.896   1.00 66.33  ? 41  PHE A CE1 1 
ATOM   344  C CE2 . PHE A 1 43  ? 9.079   3.419   7.101   1.00 58.09  ? 41  PHE A CE2 1 
ATOM   345  C CZ  . PHE A 1 43  ? 9.104   3.115   5.743   1.00 61.05  ? 41  PHE A CZ  1 
ATOM   346  N N   . ILE A 1 44  ? 5.346   8.138   5.340   1.00 63.70  ? 42  ILE A N   1 
ATOM   347  C CA  . ILE A 1 44  ? 5.208   8.665   3.982   1.00 69.07  ? 42  ILE A CA  1 
ATOM   348  C C   . ILE A 1 44  ? 5.950   9.999   3.829   1.00 75.03  ? 42  ILE A C   1 
ATOM   349  O O   . ILE A 1 44  ? 6.677   10.196  2.857   1.00 76.16  ? 42  ILE A O   1 
ATOM   350  C CB  . ILE A 1 44  ? 3.715   8.823   3.579   1.00 66.76  ? 42  ILE A CB  1 
ATOM   351  C CG1 . ILE A 1 44  ? 2.999   7.475   3.605   1.00 61.89  ? 42  ILE A CG1 1 
ATOM   352  C CG2 . ILE A 1 44  ? 3.576   9.412   2.185   1.00 59.19  ? 42  ILE A CG2 1 
ATOM   353  C CD1 . ILE A 1 44  ? 1.514   7.602   3.862   1.00 73.58  ? 42  ILE A CD1 1 
ATOM   354  N N   . GLU A 1 45  ? 5.781   10.893  4.802   1.00 81.46  ? 43  GLU A N   1 
ATOM   355  C CA  . GLU A 1 45  ? 6.403   12.221  4.764   1.00 85.90  ? 43  GLU A CA  1 
ATOM   356  C C   . GLU A 1 45  ? 7.927   12.183  4.924   1.00 88.00  ? 43  GLU A C   1 
ATOM   357  O O   . GLU A 1 45  ? 8.628   13.034  4.375   1.00 92.02  ? 43  GLU A O   1 
ATOM   358  C CB  . GLU A 1 45  ? 5.779   13.146  5.818   1.00 87.94  ? 43  GLU A CB  1 
ATOM   359  C CG  . GLU A 1 45  ? 4.333   13.568  5.533   1.00 91.99  ? 43  GLU A CG  1 
ATOM   360  C CD  . GLU A 1 45  ? 4.217   14.729  4.548   1.00 99.97  ? 43  GLU A CD  1 
ATOM   361  O OE1 . GLU A 1 45  ? 4.990   15.705  4.665   1.00 101.82 ? 43  GLU A OE1 1 
ATOM   362  O OE2 . GLU A 1 45  ? 3.334   14.673  3.664   1.00 101.41 ? 43  GLU A OE2 1 
ATOM   363  N N   . ARG A 1 46  ? 8.431   11.191  5.659   1.00 88.82  ? 44  ARG A N   1 
ATOM   364  C CA  . ARG A 1 46  ? 9.870   11.041  5.892   1.00 91.86  ? 44  ARG A CA  1 
ATOM   365  C C   . ARG A 1 46  ? 10.539  10.120  4.861   1.00 92.80  ? 44  ARG A C   1 
ATOM   366  O O   . ARG A 1 46  ? 11.328  10.584  4.030   1.00 91.71  ? 44  ARG A O   1 
ATOM   367  C CB  . ARG A 1 46  ? 10.135  10.560  7.330   1.00 93.75  ? 44  ARG A CB  1 
ATOM   368  C CG  . ARG A 1 46  ? 11.585  10.672  7.800   1.00 102.42 ? 44  ARG A CG  1 
ATOM   369  C CD  . ARG A 1 46  ? 12.287  9.319   7.840   1.00 115.90 ? 44  ARG A CD  1 
ATOM   370  N NE  . ARG A 1 46  ? 13.741  9.465   7.757   1.00 128.00 ? 44  ARG A NE  1 
ATOM   371  C CZ  . ARG A 1 46  ? 14.461  9.268   6.653   1.00 131.28 ? 44  ARG A CZ  1 
ATOM   372  N NH1 . ARG A 1 46  ? 13.878  8.899   5.519   1.00 127.22 ? 44  ARG A NH1 1 
ATOM   373  N NH2 . ARG A 1 46  ? 15.776  9.434   6.684   1.00 132.13 ? 44  ARG A NH2 1 
ATOM   374  N N   . SER A 1 47  ? 10.211  8.828   4.918   1.00 91.57  ? 45  SER A N   1 
ATOM   375  C CA  . SER A 1 47  ? 10.867  7.796   4.104   1.00 88.36  ? 45  SER A CA  1 
ATOM   376  C C   . SER A 1 47  ? 10.466  7.800   2.623   1.00 89.66  ? 45  SER A C   1 
ATOM   377  O O   . SER A 1 47  ? 11.250  7.370   1.776   1.00 93.99  ? 45  SER A O   1 
ATOM   378  C CB  . SER A 1 47  ? 10.643  6.403   4.710   1.00 85.98  ? 45  SER A CB  1 
ATOM   379  O OG  . SER A 1 47  ? 11.073  6.345   6.060   1.00 83.91  ? 45  SER A OG  1 
ATOM   380  N N   . LYS A 1 48  ? 9.259   8.292   2.333   1.00 89.97  ? 46  LYS A N   1 
ATOM   381  C CA  . LYS A 1 48  ? 8.669   8.337   0.974   1.00 91.88  ? 46  LYS A CA  1 
ATOM   382  C C   . LYS A 1 48  ? 8.692   6.992   0.224   1.00 88.16  ? 46  LYS A C   1 
ATOM   383  O O   . LYS A 1 48  ? 9.443   6.848   -0.751  1.00 86.76  ? 46  LYS A O   1 
ATOM   384  C CB  . LYS A 1 48  ? 9.308   9.450   0.118   1.00 95.01  ? 46  LYS A CB  1 
ATOM   385  C CG  . LYS A 1 48  ? 9.161   10.866  0.676   1.00 102.30 ? 46  LYS A CG  1 
ATOM   386  C CD  . LYS A 1 48  ? 10.035  11.864  -0.083  1.00 100.78 ? 46  LYS A CD  1 
ATOM   387  C CE  . LYS A 1 48  ? 10.013  13.239  0.580   1.00 108.71 ? 46  LYS A CE  1 
ATOM   388  N NZ  . LYS A 1 48  ? 10.963  14.200  -0.056  1.00 109.45 ? 46  LYS A NZ  1 
ATOM   389  N N   . PRO A 1 49  ? 7.871   6.009   0.667   1.00 83.56  ? 47  PRO A N   1 
ATOM   390  C CA  . PRO A 1 49  ? 7.924   4.675   0.059   1.00 77.68  ? 47  PRO A CA  1 
ATOM   391  C C   . PRO A 1 49  ? 7.333   4.649   -1.352  1.00 74.36  ? 47  PRO A C   1 
ATOM   392  O O   . PRO A 1 49  ? 6.578   5.551   -1.720  1.00 74.66  ? 47  PRO A O   1 
ATOM   393  C CB  . PRO A 1 49  ? 7.092   3.815   1.017   1.00 76.18  ? 47  PRO A CB  1 
ATOM   394  C CG  . PRO A 1 49  ? 6.147   4.754   1.640   1.00 78.57  ? 47  PRO A CG  1 
ATOM   395  C CD  . PRO A 1 49  ? 6.855   6.076   1.737   1.00 81.98  ? 47  PRO A CD  1 
ATOM   396  N N   . GLN A 1 50  ? 7.700   3.629   -2.127  1.00 69.90  ? 48  GLN A N   1 
ATOM   397  C CA  . GLN A 1 50  ? 7.262   3.493   -3.519  1.00 64.96  ? 48  GLN A CA  1 
ATOM   398  C C   . GLN A 1 50  ? 5.825   2.990   -3.636  1.00 63.08  ? 48  GLN A C   1 
ATOM   399  O O   . GLN A 1 50  ? 5.100   3.388   -4.553  1.00 63.24  ? 48  GLN A O   1 
ATOM   400  C CB  . GLN A 1 50  ? 8.207   2.571   -4.300  1.00 66.12  ? 48  GLN A CB  1 
ATOM   401  C CG  . GLN A 1 50  ? 9.397   3.275   -4.961  1.00 69.79  ? 48  GLN A CG  1 
ATOM   402  C CD  . GLN A 1 50  ? 10.428  3.785   -3.964  1.00 70.93  ? 48  GLN A CD  1 
ATOM   403  O OE1 . GLN A 1 50  ? 10.910  3.043   -3.108  1.00 73.75  ? 48  GLN A OE1 1 
ATOM   404  N NE2 . GLN A 1 50  ? 10.772  5.060   -4.076  1.00 72.14  ? 48  GLN A NE2 1 
ATOM   405  N N   . LEU A 1 51  ? 5.426   2.120   -2.709  1.00 55.82  ? 49  LEU A N   1 
ATOM   406  C CA  . LEU A 1 51  ? 4.089   1.540   -2.701  1.00 50.12  ? 49  LEU A CA  1 
ATOM   407  C C   . LEU A 1 51  ? 3.598   1.328   -1.275  1.00 51.94  ? 49  LEU A C   1 
ATOM   408  O O   . LEU A 1 51  ? 4.380   0.993   -0.391  1.00 58.01  ? 49  LEU A O   1 
ATOM   409  C CB  . LEU A 1 51  ? 4.073   0.220   -3.482  1.00 47.32  ? 49  LEU A CB  1 
ATOM   410  C CG  . LEU A 1 51  ? 2.734   -0.497  -3.697  1.00 48.93  ? 49  LEU A CG  1 
ATOM   411  C CD1 . LEU A 1 51  ? 2.573   -0.925  -5.144  1.00 44.58  ? 49  LEU A CD1 1 
ATOM   412  C CD2 . LEU A 1 51  ? 2.570   -1.683  -2.739  1.00 43.66  ? 49  LEU A CD2 1 
ATOM   413  N N   . ILE A 1 52  ? 2.299   1.532   -1.068  1.00 52.81  ? 50  ILE A N   1 
ATOM   414  C CA  . ILE A 1 52  ? 1.644   1.279   0.212   1.00 52.99  ? 50  ILE A CA  1 
ATOM   415  C C   . ILE A 1 52  ? 0.633   0.156   0.049   1.00 50.77  ? 50  ILE A C   1 
ATOM   416  O O   . ILE A 1 52  ? -0.182  0.186   -0.876  1.00 52.24  ? 50  ILE A O   1 
ATOM   417  C CB  . ILE A 1 52  ? 0.907   2.544   0.727   1.00 56.21  ? 50  ILE A CB  1 
ATOM   418  C CG1 . ILE A 1 52  ? 1.905   3.622   1.122   1.00 60.21  ? 50  ILE A CG1 1 
ATOM   419  C CG2 . ILE A 1 52  ? 0.010   2.236   1.933   1.00 48.13  ? 50  ILE A CG2 1 
ATOM   420  C CD1 . ILE A 1 52  ? 1.273   4.972   1.283   1.00 71.95  ? 50  ILE A CD1 1 
ATOM   421  N N   . ILE A 1 53  ? 0.703   -0.840  0.929   1.00 50.07  ? 51  ILE A N   1 
ATOM   422  C CA  . ILE A 1 53  ? -0.385  -1.804  1.075   1.00 47.68  ? 51  ILE A CA  1 
ATOM   423  C C   . ILE A 1 53  ? -1.224  -1.338  2.254   1.00 50.37  ? 51  ILE A C   1 
ATOM   424  O O   . ILE A 1 53  ? -0.815  -1.481  3.404   1.00 58.86  ? 51  ILE A O   1 
ATOM   425  C CB  . ILE A 1 53  ? 0.124   -3.233  1.320   1.00 44.05  ? 51  ILE A CB  1 
ATOM   426  C CG1 . ILE A 1 53  ? 1.166   -3.619  0.266   1.00 46.39  ? 51  ILE A CG1 1 
ATOM   427  C CG2 . ILE A 1 53  ? -1.056  -4.214  1.315   1.00 51.39  ? 51  ILE A CG2 1 
ATOM   428  C CD1 . ILE A 1 53  ? 2.005   -4.837  0.620   1.00 51.13  ? 51  ILE A CD1 1 
ATOM   429  N N   . LEU A 1 54  ? -2.396  -0.778  1.961   1.00 57.23  ? 52  LEU A N   1 
ATOM   430  C CA  . LEU A 1 54  ? -3.191  -0.053  2.957   1.00 57.06  ? 52  LEU A CA  1 
ATOM   431  C C   . LEU A 1 54  ? -4.447  -0.777  3.430   1.00 63.29  ? 52  LEU A C   1 
ATOM   432  O O   . LEU A 1 54  ? -5.317  -1.109  2.628   1.00 71.35  ? 52  LEU A O   1 
ATOM   433  C CB  . LEU A 1 54  ? -3.564  1.329   2.408   1.00 56.67  ? 52  LEU A CB  1 
ATOM   434  C CG  . LEU A 1 54  ? -4.395  2.328   3.219   1.00 58.91  ? 52  LEU A CG  1 
ATOM   435  C CD1 . LEU A 1 54  ? -3.821  2.592   4.612   1.00 57.08  ? 52  LEU A CD1 1 
ATOM   436  C CD2 . LEU A 1 54  ? -4.496  3.622   2.425   1.00 54.14  ? 52  LEU A CD2 1 
ATOM   437  N N   . ASP A 1 55  ? -4.541  -0.999  4.740   1.00 66.63  ? 53  ASP A N   1 
ATOM   438  C CA  . ASP A 1 55  ? -5.755  -1.524  5.354   1.00 69.46  ? 53  ASP A CA  1 
ATOM   439  C C   . ASP A 1 55  ? -6.728  -0.378  5.591   1.00 71.80  ? 53  ASP A C   1 
ATOM   440  O O   . ASP A 1 55  ? -6.317  0.718   5.971   1.00 73.01  ? 53  ASP A O   1 
ATOM   441  C CB  . ASP A 1 55  ? -5.436  -2.230  6.676   1.00 71.48  ? 53  ASP A CB  1 
ATOM   442  C CG  . ASP A 1 55  ? -6.612  -3.017  7.230   1.00 85.94  ? 53  ASP A CG  1 
ATOM   443  O OD1 . ASP A 1 55  ? -7.483  -3.443  6.442   1.00 92.12  ? 53  ASP A OD1 1 
ATOM   444  O OD2 . ASP A 1 55  ? -6.661  -3.223  8.461   1.00 94.22  ? 53  ASP A OD2 1 
ATOM   445  N N   . LEU A 1 56  ? -8.015  -0.633  5.362   1.00 72.76  ? 54  LEU A N   1 
ATOM   446  C CA  . LEU A 1 56  ? -9.044  0.387   5.561   1.00 71.75  ? 54  LEU A CA  1 
ATOM   447  C C   . LEU A 1 56  ? -9.400  0.622   7.024   1.00 72.54  ? 54  LEU A C   1 
ATOM   448  O O   . LEU A 1 56  ? -9.733  1.742   7.401   1.00 71.93  ? 54  LEU A O   1 
ATOM   449  C CB  . LEU A 1 56  ? -10.308 0.066   4.760   1.00 71.54  ? 54  LEU A CB  1 
ATOM   450  C CG  . LEU A 1 56  ? -10.483 0.786   3.423   1.00 73.16  ? 54  LEU A CG  1 
ATOM   451  C CD1 . LEU A 1 56  ? -11.660 0.211   2.672   1.00 69.43  ? 54  LEU A CD1 1 
ATOM   452  C CD2 . LEU A 1 56  ? -10.680 2.284   3.638   1.00 82.49  ? 54  LEU A CD2 1 
ATOM   453  N N   . LYS A 1 57  ? -9.341  -0.427  7.841   1.00 78.62  ? 55  LYS A N   1 
ATOM   454  C CA  . LYS A 1 57  ? -9.669  -0.298  9.260   1.00 82.07  ? 55  LYS A CA  1 
ATOM   455  C C   . LYS A 1 57  ? -8.416  -0.080  10.096  1.00 82.37  ? 55  LYS A C   1 
ATOM   456  O O   . LYS A 1 57  ? -7.579  -0.974  10.243  1.00 85.80  ? 55  LYS A O   1 
ATOM   457  C CB  . LYS A 1 57  ? -10.483 -1.498  9.768   1.00 88.38  ? 55  LYS A CB  1 
ATOM   458  C CG  . LYS A 1 57  ? -10.779 -1.459  11.275  1.00 99.74  ? 55  LYS A CG  1 
ATOM   459  C CD  . LYS A 1 57  ? -12.216 -1.859  11.600  1.00 108.28 ? 55  LYS A CD  1 
ATOM   460  C CE  . LYS A 1 57  ? -13.168 -0.670  11.476  1.00 108.81 ? 55  LYS A CE  1 
ATOM   461  N NZ  . LYS A 1 57  ? -14.564 -1.018  11.862  1.00 108.68 ? 55  LYS A NZ  1 
ATOM   462  N N   . LEU A 1 58  ? -8.298  1.131   10.628  1.00 80.03  ? 56  LEU A N   1 
ATOM   463  C CA  . LEU A 1 58  ? -7.171  1.519   11.463  1.00 78.36  ? 56  LEU A CA  1 
ATOM   464  C C   . LEU A 1 58  ? -7.709  2.133   12.759  1.00 80.82  ? 56  LEU A C   1 
ATOM   465  O O   . LEU A 1 58  ? -8.785  2.736   12.745  1.00 84.14  ? 56  LEU A O   1 
ATOM   466  C CB  . LEU A 1 58  ? -6.262  2.497   10.703  1.00 77.13  ? 56  LEU A CB  1 
ATOM   467  C CG  . LEU A 1 58  ? -5.510  1.961   9.475   1.00 76.05  ? 56  LEU A CG  1 
ATOM   468  C CD1 . LEU A 1 58  ? -4.848  3.098   8.708   1.00 71.72  ? 56  LEU A CD1 1 
ATOM   469  C CD2 . LEU A 1 58  ? -4.487  0.885   9.845   1.00 75.34  ? 56  LEU A CD2 1 
ATOM   470  N N   . PRO A 1 59  ? -6.977  1.966   13.884  1.00 80.19  ? 57  PRO A N   1 
ATOM   471  C CA  . PRO A 1 59  ? -7.490  2.385   15.197  1.00 79.55  ? 57  PRO A CA  1 
ATOM   472  C C   . PRO A 1 59  ? -7.618  3.895   15.442  1.00 80.23  ? 57  PRO A C   1 
ATOM   473  O O   . PRO A 1 59  ? -8.342  4.293   16.359  1.00 81.42  ? 57  PRO A O   1 
ATOM   474  C CB  . PRO A 1 59  ? -6.477  1.782   16.178  1.00 80.89  ? 57  PRO A CB  1 
ATOM   475  C CG  . PRO A 1 59  ? -5.226  1.664   15.404  1.00 79.89  ? 57  PRO A CG  1 
ATOM   476  C CD  . PRO A 1 59  ? -5.642  1.346   14.001  1.00 80.19  ? 57  PRO A CD  1 
ATOM   477  N N   . ASP A 1 60  ? -6.934  4.720   14.648  1.00 74.84  ? 58  ASP A N   1 
ATOM   478  C CA  . ASP A 1 60  ? -6.962  6.174   14.857  1.00 69.39  ? 58  ASP A CA  1 
ATOM   479  C C   . ASP A 1 60  ? -7.738  6.974   13.803  1.00 70.97  ? 58  ASP A C   1 
ATOM   480  O O   . ASP A 1 60  ? -8.258  8.053   14.100  1.00 74.44  ? 58  ASP A O   1 
ATOM   481  C CB  . ASP A 1 60  ? -5.548  6.743   15.049  1.00 67.71  ? 58  ASP A CB  1 
ATOM   482  C CG  . ASP A 1 60  ? -4.603  6.404   13.906  1.00 65.24  ? 58  ASP A CG  1 
ATOM   483  O OD1 . ASP A 1 60  ? -3.509  7.004   13.857  1.00 66.48  ? 58  ASP A OD1 1 
ATOM   484  O OD2 . ASP A 1 60  ? -4.934  5.543   13.064  1.00 66.99  ? 58  ASP A OD2 1 
ATOM   485  N N   . MET A 1 61  ? -7.819  6.436   12.588  1.00 68.92  ? 59  MET A N   1 
ATOM   486  C CA  . MET A 1 61  ? -8.482  7.103   11.460  1.00 65.33  ? 59  MET A CA  1 
ATOM   487  C C   . MET A 1 61  ? -8.899  6.068   10.413  1.00 70.38  ? 59  MET A C   1 
ATOM   488  O O   . MET A 1 61  ? -8.719  4.869   10.617  1.00 73.44  ? 59  MET A O   1 
ATOM   489  C CB  . MET A 1 61  ? -7.556  8.168   10.832  1.00 66.26  ? 59  MET A CB  1 
ATOM   490  C CG  . MET A 1 61  ? -6.259  7.615   10.236  1.00 54.66  ? 59  MET A CG  1 
ATOM   491  S SD  . MET A 1 61  ? -4.926  8.815   10.119  1.00 53.08  ? 59  MET A SD  1 
ATOM   492  C CE  . MET A 1 61  ? -5.124  9.368   8.456   1.00 49.97  ? 59  MET A CE  1 
ATOM   493  N N   . SER A 1 62  ? -9.450  6.538   9.295   1.00 76.61  ? 60  SER A N   1 
ATOM   494  C CA  . SER A 1 62  ? -9.797  5.672   8.167   1.00 78.79  ? 60  SER A CA  1 
ATOM   495  C C   . SER A 1 62  ? -8.580  5.397   7.282   1.00 80.04  ? 60  SER A C   1 
ATOM   496  O O   . SER A 1 62  ? -7.590  6.131   7.333   1.00 84.16  ? 60  SER A O   1 
ATOM   497  C CB  . SER A 1 62  ? -10.917 6.309   7.335   1.00 78.55  ? 60  SER A CB  1 
ATOM   498  O OG  . SER A 1 62  ? -11.194 5.549   6.171   1.00 84.17  ? 60  SER A OG  1 
ATOM   499  N N   . GLY A 1 63  ? -8.657  4.336   6.481   1.00 78.68  ? 61  GLY A N   1 
ATOM   500  C CA  . GLY A 1 63  ? -7.637  4.045   5.475   1.00 75.52  ? 61  GLY A CA  1 
ATOM   501  C C   . GLY A 1 63  ? -7.719  5.076   4.369   1.00 78.24  ? 61  GLY A C   1 
ATOM   502  O O   . GLY A 1 63  ? -6.700  5.577   3.892   1.00 73.07  ? 61  GLY A O   1 
ATOM   503  N N   . GLU A 1 64  ? -8.954  5.404   3.993   1.00 80.31  ? 62  GLU A N   1 
ATOM   504  C CA  . GLU A 1 64  ? -9.271  6.464   3.037   1.00 84.02  ? 62  GLU A CA  1 
ATOM   505  C C   . GLU A 1 64  ? -8.599  7.797   3.384   1.00 83.06  ? 62  GLU A C   1 
ATOM   506  O O   . GLU A 1 64  ? -8.187  8.541   2.490   1.00 86.77  ? 62  GLU A O   1 
ATOM   507  C CB  . GLU A 1 64  ? -10.790 6.643   2.975   1.00 84.90  ? 62  GLU A CB  1 
ATOM   508  C CG  . GLU A 1 64  ? -11.302 7.483   1.816   1.00 90.82  ? 62  GLU A CG  1 
ATOM   509  C CD  . GLU A 1 64  ? -12.793 7.311   1.581   1.00 91.49  ? 62  GLU A CD  1 
ATOM   510  O OE1 . GLU A 1 64  ? -13.355 8.081   0.773   1.00 96.58  ? 62  GLU A OE1 1 
ATOM   511  O OE2 . GLU A 1 64  ? -13.404 6.407   2.196   1.00 99.43  ? 62  GLU A OE2 1 
ATOM   512  N N   . ASP A 1 65  ? -8.483  8.078   4.682   1.00 77.53  ? 63  ASP A N   1 
ATOM   513  C CA  . ASP A 1 65  ? -7.843  9.294   5.175   1.00 75.41  ? 63  ASP A CA  1 
ATOM   514  C C   . ASP A 1 65  ? -6.349  9.356   4.850   1.00 75.19  ? 63  ASP A C   1 
ATOM   515  O O   . ASP A 1 65  ? -5.805  10.444  4.659   1.00 76.00  ? 63  ASP A O   1 
ATOM   516  C CB  . ASP A 1 65  ? -8.054  9.440   6.685   1.00 78.10  ? 63  ASP A CB  1 
ATOM   517  C CG  . ASP A 1 65  ? -9.484  9.792   7.060   1.00 83.36  ? 63  ASP A CG  1 
ATOM   518  O OD1 . ASP A 1 65  ? -9.897  9.442   8.186   1.00 86.27  ? 63  ASP A OD1 1 
ATOM   519  O OD2 . ASP A 1 65  ? -10.193 10.421  6.246   1.00 87.89  ? 63  ASP A OD2 1 
ATOM   520  N N   . VAL A 1 66  ? -5.699  8.193   4.785   1.00 74.63  ? 64  VAL A N   1 
ATOM   521  C CA  . VAL A 1 66  ? -4.290  8.103   4.379   1.00 70.50  ? 64  VAL A CA  1 
ATOM   522  C C   . VAL A 1 66  ? -4.150  8.383   2.877   1.00 70.76  ? 64  VAL A C   1 
ATOM   523  O O   . VAL A 1 66  ? -3.256  9.127   2.463   1.00 69.12  ? 64  VAL A O   1 
ATOM   524  C CB  . VAL A 1 66  ? -3.650  6.728   4.757   1.00 71.64  ? 64  VAL A CB  1 
ATOM   525  C CG1 . VAL A 1 66  ? -2.174  6.673   4.362   1.00 69.21  ? 64  VAL A CG1 1 
ATOM   526  C CG2 . VAL A 1 66  ? -3.796  6.450   6.250   1.00 63.45  ? 64  VAL A CG2 1 
ATOM   527  N N   . LEU A 1 67  ? -5.053  7.806   2.079   1.00 70.10  ? 65  LEU A N   1 
ATOM   528  C CA  . LEU A 1 67  ? -5.117  8.048   0.631   1.00 68.35  ? 65  LEU A CA  1 
ATOM   529  C C   . LEU A 1 67  ? -5.352  9.528   0.342   1.00 72.50  ? 65  LEU A C   1 
ATOM   530  O O   . LEU A 1 67  ? -4.723  10.091  -0.555  1.00 79.61  ? 65  LEU A O   1 
ATOM   531  C CB  . LEU A 1 67  ? -6.244  7.226   -0.009  1.00 64.99  ? 65  LEU A CB  1 
ATOM   532  C CG  . LEU A 1 67  ? -6.152  6.605   -1.417  1.00 67.93  ? 65  LEU A CG  1 
ATOM   533  C CD1 . LEU A 1 67  ? -7.556  6.264   -1.895  1.00 63.58  ? 65  LEU A CD1 1 
ATOM   534  C CD2 . LEU A 1 67  ? -5.428  7.447   -2.483  1.00 61.30  ? 65  LEU A CD2 1 
ATOM   535  N N   . ASP A 1 68  ? -6.253  10.141  1.112   1.00 72.89  ? 66  ASP A N   1 
ATOM   536  C CA  . ASP A 1 68  ? -6.565  11.569  1.005   1.00 71.25  ? 66  ASP A CA  1 
ATOM   537  C C   . ASP A 1 68  ? -5.347  12.460  1.250   1.00 68.73  ? 66  ASP A C   1 
ATOM   538  O O   . ASP A 1 68  ? -5.231  13.526  0.650   1.00 69.69  ? 66  ASP A O   1 
ATOM   539  C CB  . ASP A 1 68  ? -7.688  11.952  1.977   1.00 71.49  ? 66  ASP A CB  1 
ATOM   540  C CG  . ASP A 1 68  ? -9.064  11.500  1.508   1.00 71.47  ? 66  ASP A CG  1 
ATOM   541  O OD1 . ASP A 1 68  ? -10.059 11.820  2.197   1.00 72.38  ? 66  ASP A OD1 1 
ATOM   542  O OD2 . ASP A 1 68  ? -9.159  10.826  0.461   1.00 72.03  ? 66  ASP A OD2 1 
ATOM   543  N N   . TRP A 1 69  ? -4.449  12.008  2.127   1.00 67.02  ? 67  TRP A N   1 
ATOM   544  C CA  . TRP A 1 69  ? -3.236  12.744  2.477   1.00 69.45  ? 67  TRP A CA  1 
ATOM   545  C C   . TRP A 1 69  ? -2.218  12.725  1.339   1.00 73.45  ? 67  TRP A C   1 
ATOM   546  O O   . TRP A 1 69  ? -1.474  13.689  1.152   1.00 80.68  ? 67  TRP A O   1 
ATOM   547  C CB  . TRP A 1 69  ? -2.627  12.153  3.749   1.00 66.85  ? 67  TRP A CB  1 
ATOM   548  C CG  . TRP A 1 69  ? -1.422  12.875  4.299   1.00 69.55  ? 67  TRP A CG  1 
ATOM   549  C CD1 . TRP A 1 69  ? -0.116  12.703  3.928   1.00 64.62  ? 67  TRP A CD1 1 
ATOM   550  C CD2 . TRP A 1 69  ? -1.411  13.848  5.353   1.00 72.51  ? 67  TRP A CD2 1 
ATOM   551  N NE1 . TRP A 1 69  ? 0.703   13.519  4.671   1.00 62.09  ? 67  TRP A NE1 1 
ATOM   552  C CE2 . TRP A 1 69  ? -0.065  14.231  5.553   1.00 69.70  ? 67  TRP A CE2 1 
ATOM   553  C CE3 . TRP A 1 69  ? -2.409  14.440  6.141   1.00 70.78  ? 67  TRP A CE3 1 
ATOM   554  C CZ2 . TRP A 1 69  ? 0.308   15.177  6.511   1.00 72.59  ? 67  TRP A CZ2 1 
ATOM   555  C CZ3 . TRP A 1 69  ? -2.038  15.381  7.091   1.00 65.59  ? 67  TRP A CZ3 1 
ATOM   556  C CH2 . TRP A 1 69  ? -0.691  15.741  7.268   1.00 71.47  ? 67  TRP A CH2 1 
ATOM   557  N N   . ILE A 1 70  ? -2.193  11.622  0.594   1.00 73.51  ? 68  ILE A N   1 
ATOM   558  C CA  . ILE A 1 70  ? -1.283  11.439  -0.539  1.00 70.88  ? 68  ILE A CA  1 
ATOM   559  C C   . ILE A 1 70  ? -1.680  12.342  -1.708  1.00 71.52  ? 68  ILE A C   1 
ATOM   560  O O   . ILE A 1 70  ? -0.825  12.948  -2.355  1.00 74.00  ? 68  ILE A O   1 
ATOM   561  C CB  . ILE A 1 70  ? -1.234  9.954   -0.957  1.00 66.32  ? 68  ILE A CB  1 
ATOM   562  C CG1 . ILE A 1 70  ? -0.462  9.158   0.090   1.00 62.40  ? 68  ILE A CG1 1 
ATOM   563  C CG2 . ILE A 1 70  ? -0.582  9.770   -2.318  1.00 74.57  ? 68  ILE A CG2 1 
ATOM   564  C CD1 . ILE A 1 70  ? -0.989  7.775   0.296   1.00 69.20  ? 68  ILE A CD1 1 
ATOM   565  N N   . ASN A 1 71  ? -2.984  12.443  -1.947  1.00 71.10  ? 69  ASN A N   1 
ATOM   566  C CA  . ASN A 1 71  ? -3.527  13.326  -2.973  1.00 71.03  ? 69  ASN A CA  1 
ATOM   567  C C   . ASN A 1 71  ? -3.367  14.808  -2.648  1.00 73.31  ? 69  ASN A C   1 
ATOM   568  O O   . ASN A 1 71  ? -3.180  15.620  -3.552  1.00 78.52  ? 69  ASN A O   1 
ATOM   569  C CB  . ASN A 1 71  ? -5.000  13.003  -3.231  1.00 64.74  ? 69  ASN A CB  1 
ATOM   570  C CG  . ASN A 1 71  ? -5.219  11.557  -3.626  1.00 62.77  ? 69  ASN A CG  1 
ATOM   571  O OD1 . ASN A 1 71  ? -4.311  10.890  -4.130  1.00 68.94  ? 69  ASN A OD1 1 
ATOM   572  N ND2 . ASN A 1 71  ? -6.430  11.061  -3.396  1.00 59.21  ? 69  ASN A ND2 1 
ATOM   573  N N   . GLN A 1 72  ? -3.436  15.155  -1.366  1.00 75.78  ? 70  GLN A N   1 
ATOM   574  C CA  . GLN A 1 72  ? -3.296  16.549  -0.943  1.00 82.39  ? 70  GLN A CA  1 
ATOM   575  C C   . GLN A 1 72  ? -1.852  17.039  -0.996  1.00 84.67  ? 70  GLN A C   1 
ATOM   576  O O   . GLN A 1 72  ? -1.584  18.134  -1.479  1.00 89.14  ? 70  GLN A O   1 
ATOM   577  C CB  . GLN A 1 72  ? -3.888  16.779  0.453   1.00 81.10  ? 70  GLN A CB  1 
ATOM   578  C CG  . GLN A 1 72  ? -5.402  17.003  0.470   1.00 82.85  ? 70  GLN A CG  1 
ATOM   579  C CD  . GLN A 1 72  ? -5.826  18.320  -0.171  1.00 83.80  ? 70  GLN A CD  1 
ATOM   580  O OE1 . GLN A 1 72  ? -6.653  18.335  -1.086  1.00 84.35  ? 70  GLN A OE1 1 
ATOM   581  N NE2 . GLN A 1 72  ? -5.259  19.428  0.304   1.00 73.68  ? 70  GLN A NE2 1 
ATOM   582  N N   . ASN A 1 73  ? -0.921  16.224  -0.514  1.00 84.74  ? 71  ASN A N   1 
ATOM   583  C CA  . ASN A 1 73  ? 0.479   16.630  -0.486  1.00 89.12  ? 71  ASN A CA  1 
ATOM   584  C C   . ASN A 1 73  ? 1.303   16.157  -1.681  1.00 91.73  ? 71  ASN A C   1 
ATOM   585  O O   . ASN A 1 73  ? 2.532   16.297  -1.684  1.00 93.81  ? 71  ASN A O   1 
ATOM   586  C CB  . ASN A 1 73  ? 1.126   16.220  0.836   1.00 90.33  ? 71  ASN A CB  1 
ATOM   587  C CG  . ASN A 1 73  ? 0.587   17.009  2.009   1.00 95.34  ? 71  ASN A CG  1 
ATOM   588  O OD1 . ASN A 1 73  ? 0.704   18.235  2.053   1.00 97.06  ? 71  ASN A OD1 1 
ATOM   589  N ND2 . ASN A 1 73  ? -0.010  16.311  2.965   1.00 97.94  ? 71  ASN A ND2 1 
ATOM   590  N N   . ASP A 1 74  ? 0.610   15.621  -2.690  1.00 93.03  ? 72  ASP A N   1 
ATOM   591  C CA  . ASP A 1 74  ? 1.217   15.084  -3.921  1.00 100.77 ? 72  ASP A CA  1 
ATOM   592  C C   . ASP A 1 74  ? 2.438   14.177  -3.721  1.00 99.19  ? 72  ASP A C   1 
ATOM   593  O O   . ASP A 1 74  ? 3.537   14.464  -4.213  1.00 99.95  ? 72  ASP A O   1 
ATOM   594  C CB  . ASP A 1 74  ? 1.513   16.199  -4.936  1.00 105.94 ? 72  ASP A CB  1 
ATOM   595  C CG  . ASP A 1 74  ? 0.549   16.192  -6.113  1.00 116.65 ? 72  ASP A CG  1 
ATOM   596  O OD1 . ASP A 1 74  ? -0.119  15.159  -6.352  1.00 118.94 ? 72  ASP A OD1 1 
ATOM   597  O OD2 . ASP A 1 74  ? 0.470   17.224  -6.813  1.00 125.96 ? 72  ASP A OD2 1 
ATOM   598  N N   . ILE A 1 75  ? 2.241   13.091  -2.982  1.00 93.17  ? 73  ILE A N   1 
ATOM   599  C CA  . ILE A 1 75  ? 3.284   12.097  -2.826  1.00 87.94  ? 73  ILE A CA  1 
ATOM   600  C C   . ILE A 1 75  ? 3.162   11.127  -3.995  1.00 89.83  ? 73  ILE A C   1 
ATOM   601  O O   . ILE A 1 75  ? 2.062   10.651  -4.283  1.00 89.14  ? 73  ILE A O   1 
ATOM   602  C CB  . ILE A 1 75  ? 3.173   11.315  -1.495  1.00 85.03  ? 73  ILE A CB  1 
ATOM   603  C CG1 . ILE A 1 75  ? 2.490   12.146  -0.395  1.00 82.62  ? 73  ILE A CG1 1 
ATOM   604  C CG2 . ILE A 1 75  ? 4.547   10.810  -1.067  1.00 87.09  ? 73  ILE A CG2 1 
ATOM   605  C CD1 . ILE A 1 75  ? 3.378   13.171  0.302   1.00 87.78  ? 73  ILE A CD1 1 
ATOM   606  N N   . PRO A 1 76  ? 4.282   10.859  -4.697  1.00 90.62  ? 74  PRO A N   1 
ATOM   607  C CA  . PRO A 1 76  ? 4.284   9.826   -5.728  1.00 88.61  ? 74  PRO A CA  1 
ATOM   608  C C   . PRO A 1 76  ? 4.393   8.435   -5.101  1.00 86.54  ? 74  PRO A C   1 
ATOM   609  O O   . PRO A 1 76  ? 5.483   7.861   -5.028  1.00 88.06  ? 74  PRO A O   1 
ATOM   610  C CB  . PRO A 1 76  ? 5.529   10.159  -6.566  1.00 89.06  ? 74  PRO A CB  1 
ATOM   611  C CG  . PRO A 1 76  ? 6.086   11.441  -5.998  1.00 89.66  ? 74  PRO A CG  1 
ATOM   612  C CD  . PRO A 1 76  ? 5.595   11.513  -4.599  1.00 91.56  ? 74  PRO A CD  1 
ATOM   613  N N   . THR A 1 77  ? 3.260   7.914   -4.639  1.00 81.47  ? 75  THR A N   1 
ATOM   614  C CA  . THR A 1 77  ? 3.197   6.616   -3.987  1.00 76.04  ? 75  THR A CA  1 
ATOM   615  C C   . THR A 1 77  ? 1.941   5.876   -4.431  1.00 76.12  ? 75  THR A C   1 
ATOM   616  O O   . THR A 1 77  ? 0.823   6.365   -4.243  1.00 83.38  ? 75  THR A O   1 
ATOM   617  C CB  . THR A 1 77  ? 3.179   6.750   -2.450  1.00 75.04  ? 75  THR A CB  1 
ATOM   618  O OG1 . THR A 1 77  ? 4.305   7.520   -2.014  1.00 79.30  ? 75  THR A OG1 1 
ATOM   619  C CG2 . THR A 1 77  ? 3.245   5.385   -1.805  1.00 76.62  ? 75  THR A CG2 1 
ATOM   620  N N   . SER A 1 78  ? 2.138   4.702   -5.027  1.00 66.40  ? 76  SER A N   1 
ATOM   621  C CA  . SER A 1 78  ? 1.039   3.831   -5.410  1.00 60.73  ? 76  SER A CA  1 
ATOM   622  C C   . SER A 1 78  ? 0.379   3.251   -4.167  1.00 56.63  ? 76  SER A C   1 
ATOM   623  O O   . SER A 1 78  ? 1.052   2.820   -3.239  1.00 60.87  ? 76  SER A O   1 
ATOM   624  C CB  . SER A 1 78  ? 1.540   2.706   -6.313  1.00 59.73  ? 76  SER A CB  1 
ATOM   625  O OG  . SER A 1 78  ? 2.025   3.221   -7.538  1.00 70.66  ? 76  SER A OG  1 
ATOM   626  N N   . VAL A 1 79  ? -0.946  3.272   -4.143  1.00 52.71  ? 77  VAL A N   1 
ATOM   627  C CA  . VAL A 1 79  ? -1.686  2.719   -3.022  1.00 57.18  ? 77  VAL A CA  1 
ATOM   628  C C   . VAL A 1 79  ? -2.484  1.524   -3.499  1.00 55.25  ? 77  VAL A C   1 
ATOM   629  O O   . VAL A 1 79  ? -3.299  1.650   -4.408  1.00 68.84  ? 77  VAL A O   1 
ATOM   630  C CB  . VAL A 1 79  ? -2.669  3.749   -2.417  1.00 52.80  ? 77  VAL A CB  1 
ATOM   631  C CG1 . VAL A 1 79  ? -3.352  3.176   -1.184  1.00 42.65  ? 77  VAL A CG1 1 
ATOM   632  C CG2 . VAL A 1 79  ? -1.956  5.034   -2.074  1.00 42.24  ? 77  VAL A CG2 1 
ATOM   633  N N   . ILE A 1 80  ? -2.241  0.360   -2.910  1.00 53.34  ? 78  ILE A N   1 
ATOM   634  C CA  . ILE A 1 80  ? -3.185  -0.743  -3.067  1.00 55.88  ? 78  ILE A CA  1 
ATOM   635  C C   . ILE A 1 80  ? -3.912  -0.955  -1.741  1.00 56.11  ? 78  ILE A C   1 
ATOM   636  O O   . ILE A 1 80  ? -3.301  -0.905  -0.673  1.00 62.45  ? 78  ILE A O   1 
ATOM   637  C CB  . ILE A 1 80  ? -2.550  -2.045  -3.659  1.00 53.48  ? 78  ILE A CB  1 
ATOM   638  C CG1 . ILE A 1 80  ? -1.770  -2.842  -2.619  1.00 51.14  ? 78  ILE A CG1 1 
ATOM   639  C CG2 . ILE A 1 80  ? -1.663  -1.723  -4.868  1.00 54.62  ? 78  ILE A CG2 1 
ATOM   640  C CD1 . ILE A 1 80  ? -1.389  -4.234  -3.079  1.00 54.85  ? 78  ILE A CD1 1 
ATOM   641  N N   . ILE A 1 81  ? -5.225  -1.126  -1.802  1.00 58.42  ? 79  ILE A N   1 
ATOM   642  C CA  . ILE A 1 81  ? -5.992  -1.368  -0.586  1.00 57.26  ? 79  ILE A CA  1 
ATOM   643  C C   . ILE A 1 81  ? -6.129  -2.868  -0.367  1.00 58.95  ? 79  ILE A C   1 
ATOM   644  O O   . ILE A 1 81  ? -6.270  -3.634  -1.316  1.00 63.87  ? 79  ILE A O   1 
ATOM   645  C CB  . ILE A 1 81  ? -7.364  -0.621  -0.576  1.00 55.86  ? 79  ILE A CB  1 
ATOM   646  C CG1 . ILE A 1 81  ? -7.178  0.840   -0.190  1.00 57.59  ? 79  ILE A CG1 1 
ATOM   647  C CG2 . ILE A 1 81  ? -8.329  -1.197  0.447   1.00 67.69  ? 79  ILE A CG2 1 
ATOM   648  C CD1 . ILE A 1 81  ? -7.016  1.760   -1.347  1.00 56.75  ? 79  ILE A CD1 1 
ATOM   649  N N   . ALA A 1 82  ? -6.029  -3.273  0.893   1.00 64.47  ? 80  ALA A N   1 
ATOM   650  C CA  . ALA A 1 82  ? -6.283  -4.637  1.307   1.00 63.99  ? 80  ALA A CA  1 
ATOM   651  C C   . ALA A 1 82  ? -7.177  -4.552  2.532   1.00 68.39  ? 80  ALA A C   1 
ATOM   652  O O   . ALA A 1 82  ? -6.748  -4.062  3.571   1.00 72.42  ? 80  ALA A O   1 
ATOM   653  C CB  . ALA A 1 82  ? -4.984  -5.314  1.647   1.00 59.74  ? 80  ALA A CB  1 
ATOM   654  N N   . THR A 1 83  ? -8.421  -5.009  2.413   1.00 74.25  ? 81  THR A N   1 
ATOM   655  C CA  . THR A 1 83  ? -9.387  -4.851  3.503   1.00 81.60  ? 81  THR A CA  1 
ATOM   656  C C   . THR A 1 83  ? -10.423 -5.972  3.618   1.00 87.06  ? 81  THR A C   1 
ATOM   657  O O   . THR A 1 83  ? -10.659 -6.731  2.670   1.00 87.34  ? 81  THR A O   1 
ATOM   658  C CB  . THR A 1 83  ? -10.117 -3.478  3.425   1.00 81.71  ? 81  THR A CB  1 
ATOM   659  O OG1 . THR A 1 83  ? -10.923 -3.286  4.594   1.00 87.74  ? 81  THR A OG1 1 
ATOM   660  C CG2 . THR A 1 83  ? -11.000 -3.404  2.198   1.00 83.24  ? 81  THR A CG2 1 
ATOM   661  N N   . ALA A 1 84  ? -11.012 -6.070  4.808   1.00 93.55  ? 82  ALA A N   1 
ATOM   662  C CA  . ALA A 1 84  ? -12.210 -6.863  5.035   1.00 99.17  ? 82  ALA A CA  1 
ATOM   663  C C   . ALA A 1 84  ? -13.408 -5.915  5.015   1.00 104.35 ? 82  ALA A C   1 
ATOM   664  O O   . ALA A 1 84  ? -13.253 -4.706  5.237   1.00 102.53 ? 82  ALA A O   1 
ATOM   665  C CB  . ALA A 1 84  ? -12.123 -7.596  6.366   1.00 96.77  ? 82  ALA A CB  1 
ATOM   666  N N   . HIS A 1 85  ? -14.587 -6.479  4.746   1.00 111.43 ? 83  HIS A N   1 
ATOM   667  C CA  . HIS A 1 85  ? -15.851 -5.739  4.591   1.00 118.75 ? 83  HIS A CA  1 
ATOM   668  C C   . HIS A 1 85  ? -15.744 -4.578  3.586   1.00 118.33 ? 83  HIS A C   1 
ATOM   669  O O   . HIS A 1 85  ? -15.980 -3.414  3.922   1.00 120.92 ? 83  HIS A O   1 
ATOM   670  C CB  . HIS A 1 85  ? -16.412 -5.284  5.951   1.00 122.87 ? 83  HIS A CB  1 
ATOM   671  C CG  . HIS A 1 85  ? -17.908 -5.282  6.017   1.00 133.62 ? 83  HIS A CG  1 
ATOM   672  N ND1 . HIS A 1 85  ? -18.648 -6.434  6.187   1.00 137.41 ? 83  HIS A ND1 1 
ATOM   673  C CD2 . HIS A 1 85  ? -18.806 -4.269  5.940   1.00 137.11 ? 83  HIS A CD2 1 
ATOM   674  C CE1 . HIS A 1 85  ? -19.934 -6.131  6.209   1.00 137.31 ? 83  HIS A CE1 1 
ATOM   675  N NE2 . HIS A 1 85  ? -20.056 -4.824  6.061   1.00 139.43 ? 83  HIS A NE2 1 
ATOM   676  N N   . GLY A 1 86  ? -15.358 -4.918  2.360   1.00 115.99 ? 84  GLY A N   1 
ATOM   677  C CA  . GLY A 1 86  ? -15.300 -3.963  1.261   1.00 113.01 ? 84  GLY A CA  1 
ATOM   678  C C   . GLY A 1 86  ? -16.347 -4.309  0.222   1.00 112.48 ? 84  GLY A C   1 
ATOM   679  O O   . GLY A 1 86  ? -16.511 -5.478  -0.137  1.00 112.63 ? 84  GLY A O   1 
ATOM   680  N N   . SER A 1 87  ? -17.064 -3.294  -0.252  1.00 110.37 ? 85  SER A N   1 
ATOM   681  C CA  . SER A 1 87  ? -18.107 -3.483  -1.261  1.00 104.34 ? 85  SER A CA  1 
ATOM   682  C C   . SER A 1 87  ? -17.651 -2.999  -2.638  1.00 100.80 ? 85  SER A C   1 
ATOM   683  O O   . SER A 1 87  ? -16.544 -2.472  -2.785  1.00 99.39  ? 85  SER A O   1 
ATOM   684  C CB  . SER A 1 87  ? -19.404 -2.780  -0.838  1.00 103.06 ? 85  SER A CB  1 
ATOM   685  O OG  . SER A 1 87  ? -19.198 -1.392  -0.633  1.00 96.45  ? 85  SER A OG  1 
ATOM   686  N N   . VAL A 1 88  ? -18.510 -3.202  -3.637  1.00 97.24  ? 86  VAL A N   1 
ATOM   687  C CA  . VAL A 1 88  ? -18.279 -2.726  -5.001  1.00 91.77  ? 86  VAL A CA  1 
ATOM   688  C C   . VAL A 1 88  ? -18.175 -1.200  -5.016  1.00 91.41  ? 86  VAL A C   1 
ATOM   689  O O   . VAL A 1 88  ? -17.222 -0.650  -5.567  1.00 92.20  ? 86  VAL A O   1 
ATOM   690  C CB  . VAL A 1 88  ? -19.385 -3.240  -5.973  1.00 92.24  ? 86  VAL A CB  1 
ATOM   691  C CG1 . VAL A 1 88  ? -19.404 -2.457  -7.288  1.00 94.30  ? 86  VAL A CG1 1 
ATOM   692  C CG2 . VAL A 1 88  ? -19.202 -4.731  -6.246  1.00 90.28  ? 86  VAL A CG2 1 
ATOM   693  N N   . ASP A 1 89  ? -19.134 -0.537  -4.370  1.00 92.94  ? 87  ASP A N   1 
ATOM   694  C CA  . ASP A 1 89  ? -19.176 0.925   -4.275  1.00 94.70  ? 87  ASP A CA  1 
ATOM   695  C C   . ASP A 1 89  ? -17.941 1.528   -3.618  1.00 93.32  ? 87  ASP A C   1 
ATOM   696  O O   . ASP A 1 89  ? -17.437 2.549   -4.080  1.00 96.36  ? 87  ASP A O   1 
ATOM   697  C CB  . ASP A 1 89  ? -20.430 1.382   -3.524  1.00 99.35  ? 87  ASP A CB  1 
ATOM   698  C CG  . ASP A 1 89  ? -21.654 1.452   -4.417  1.00 108.83 ? 87  ASP A CG  1 
ATOM   699  O OD1 . ASP A 1 89  ? -21.549 2.000   -5.535  1.00 114.93 ? 87  ASP A OD1 1 
ATOM   700  O OD2 . ASP A 1 89  ? -22.726 0.969   -3.993  1.00 115.73 ? 87  ASP A OD2 1 
ATOM   701  N N   . LEU A 1 90  ? -17.461 0.891   -2.549  1.00 90.99  ? 88  LEU A N   1 
ATOM   702  C CA  . LEU A 1 90  ? -16.266 1.348   -1.837  1.00 88.26  ? 88  LEU A CA  1 
ATOM   703  C C   . LEU A 1 90  ? -14.989 1.170   -2.651  1.00 83.14  ? 88  LEU A C   1 
ATOM   704  O O   . LEU A 1 90  ? -14.108 2.034   -2.620  1.00 80.11  ? 88  LEU A O   1 
ATOM   705  C CB  . LEU A 1 90  ? -16.138 0.663   -0.466  1.00 90.78  ? 88  LEU A CB  1 
ATOM   706  C CG  . LEU A 1 90  ? -16.502 1.459   0.802   1.00 96.36  ? 88  LEU A CG  1 
ATOM   707  C CD1 . LEU A 1 90  ? -15.469 2.553   1.099   1.00 92.04  ? 88  LEU A CD1 1 
ATOM   708  C CD2 . LEU A 1 90  ? -17.924 2.047   0.760   1.00 96.31  ? 88  LEU A CD2 1 
ATOM   709  N N   . ALA A 1 91  ? -14.903 0.054   -3.378  1.00 77.56  ? 89  ALA A N   1 
ATOM   710  C CA  . ALA A 1 91  ? -13.776 -0.229  -4.264  1.00 71.28  ? 89  ALA A CA  1 
ATOM   711  C C   . ALA A 1 91  ? -13.694 0.813   -5.373  1.00 71.97  ? 89  ALA A C   1 
ATOM   712  O O   . ALA A 1 91  ? -12.640 1.418   -5.583  1.00 70.38  ? 89  ALA A O   1 
ATOM   713  C CB  . ALA A 1 91  ? -13.893 -1.630  -4.852  1.00 66.60  ? 89  ALA A CB  1 
ATOM   714  N N   . VAL A 1 92  ? -14.826 1.027   -6.045  1.00 70.37  ? 90  VAL A N   1 
ATOM   715  C CA  . VAL A 1 92  ? -14.960 1.996   -7.135  1.00 67.49  ? 90  VAL A CA  1 
ATOM   716  C C   . VAL A 1 92  ? -14.519 3.388   -6.693  1.00 70.01  ? 90  VAL A C   1 
ATOM   717  O O   . VAL A 1 92  ? -13.668 4.011   -7.339  1.00 66.09  ? 90  VAL A O   1 
ATOM   718  C CB  . VAL A 1 92  ? -16.418 2.008   -7.702  1.00 67.09  ? 90  VAL A CB  1 
ATOM   719  C CG1 . VAL A 1 92  ? -16.688 3.232   -8.565  1.00 59.32  ? 90  VAL A CG1 1 
ATOM   720  C CG2 . VAL A 1 92  ? -16.676 0.754   -8.503  1.00 61.56  ? 90  VAL A CG2 1 
ATOM   721  N N   . ASN A 1 93  ? -15.064 3.839   -5.565  1.00 73.77  ? 91  ASN A N   1 
ATOM   722  C CA  . ASN A 1 93  ? -14.792 5.177   -5.045  1.00 79.46  ? 91  ASN A CA  1 
ATOM   723  C C   . ASN A 1 93  ? -13.347 5.385   -4.588  1.00 74.75  ? 91  ASN A C   1 
ATOM   724  O O   . ASN A 1 93  ? -12.810 6.488   -4.694  1.00 71.94  ? 91  ASN A O   1 
ATOM   725  C CB  . ASN A 1 93  ? -15.787 5.535   -3.935  1.00 86.21  ? 91  ASN A CB  1 
ATOM   726  C CG  . ASN A 1 93  ? -17.228 5.647   -4.448  1.00 98.03  ? 91  ASN A CG  1 
ATOM   727  O OD1 . ASN A 1 93  ? -17.473 6.034   -5.596  1.00 101.11 ? 91  ASN A OD1 1 
ATOM   728  N ND2 . ASN A 1 93  ? -18.186 5.301   -3.593  1.00 102.06 ? 91  ASN A ND2 1 
ATOM   729  N N   . LEU A 1 94  ? -12.718 4.314   -4.107  1.00 72.02  ? 92  LEU A N   1 
ATOM   730  C CA  . LEU A 1 94  ? -11.311 4.358   -3.721  1.00 65.47  ? 92  LEU A CA  1 
ATOM   731  C C   . LEU A 1 94  ? -10.373 4.374   -4.919  1.00 64.63  ? 92  LEU A C   1 
ATOM   732  O O   . LEU A 1 94  ? -9.391  5.115   -4.909  1.00 61.26  ? 92  LEU A O   1 
ATOM   733  C CB  . LEU A 1 94  ? -10.960 3.212   -2.770  1.00 64.94  ? 92  LEU A CB  1 
ATOM   734  C CG  . LEU A 1 94  ? -10.779 3.522   -1.275  1.00 65.63  ? 92  LEU A CG  1 
ATOM   735  C CD1 . LEU A 1 94  ? -11.596 4.720   -0.786  1.00 61.03  ? 92  LEU A CD1 1 
ATOM   736  C CD2 . LEU A 1 94  ? -11.091 2.287   -0.446  1.00 60.47  ? 92  LEU A CD2 1 
ATOM   737  N N   . ILE A 1 95  ? -10.680 3.569   -5.943  1.00 66.46  ? 93  ILE A N   1 
ATOM   738  C CA  . ILE A 1 95  ? -9.890  3.539   -7.185  1.00 63.48  ? 93  ILE A CA  1 
ATOM   739  C C   . ILE A 1 95  ? -9.974  4.893   -7.889  1.00 65.63  ? 93  ILE A C   1 
ATOM   740  O O   . ILE A 1 95  ? -8.969  5.403   -8.400  1.00 67.47  ? 93  ILE A O   1 
ATOM   741  C CB  . ILE A 1 95  ? -10.321 2.384   -8.144  1.00 60.12  ? 93  ILE A CB  1 
ATOM   742  C CG1 . ILE A 1 95  ? -10.080 1.009   -7.505  1.00 56.57  ? 93  ILE A CG1 1 
ATOM   743  C CG2 . ILE A 1 95  ? -9.597  2.471   -9.497  1.00 52.65  ? 93  ILE A CG2 1 
ATOM   744  C CD1 . ILE A 1 95  ? -8.621  0.669   -7.218  1.00 62.49  ? 93  ILE A CD1 1 
ATOM   745  N N   . GLN A 1 96  ? -11.171 5.478   -7.870  1.00 69.02  ? 94  GLN A N   1 
ATOM   746  C CA  . GLN A 1 96  ? -11.403 6.826   -8.384  1.00 74.89  ? 94  GLN A CA  1 
ATOM   747  C C   . GLN A 1 96  ? -10.593 7.873   -7.621  1.00 73.27  ? 94  GLN A C   1 
ATOM   748  O O   . GLN A 1 96  ? -10.113 8.841   -8.211  1.00 71.97  ? 94  GLN A O   1 
ATOM   749  C CB  . GLN A 1 96  ? -12.893 7.168   -8.333  1.00 76.47  ? 94  GLN A CB  1 
ATOM   750  C CG  . GLN A 1 96  ? -13.714 6.595   -9.480  1.00 82.54  ? 94  GLN A CG  1 
ATOM   751  C CD  . GLN A 1 96  ? -15.158 7.070   -9.453  1.00 86.46  ? 94  GLN A CD  1 
ATOM   752  O OE1 . GLN A 1 96  ? -15.973 6.589   -8.659  1.00 86.25  ? 94  GLN A OE1 1 
ATOM   753  N NE2 . GLN A 1 96  ? -15.481 8.021   -10.323 1.00 93.48  ? 94  GLN A NE2 1 
ATOM   754  N N   . LYS A 1 97  ? -10.427 7.656   -6.315  1.00 75.73  ? 95  LYS A N   1 
ATOM   755  C CA  . LYS A 1 97  ? -9.619  8.529   -5.460  1.00 72.58  ? 95  LYS A CA  1 
ATOM   756  C C   . LYS A 1 97  ? -8.102  8.360   -5.650  1.00 71.68  ? 95  LYS A C   1 
ATOM   757  O O   . LYS A 1 97  ? -7.308  9.047   -5.002  1.00 74.77  ? 95  LYS A O   1 
ATOM   758  C CB  . LYS A 1 97  ? -10.004 8.353   -3.984  1.00 71.56  ? 95  LYS A CB  1 
ATOM   759  C CG  . LYS A 1 97  ? -11.195 9.199   -3.544  1.00 70.55  ? 95  LYS A CG  1 
ATOM   760  C CD  . LYS A 1 97  ? -11.337 9.229   -2.028  1.00 73.68  ? 95  LYS A CD  1 
ATOM   761  C CE  . LYS A 1 97  ? -12.283 10.338  -1.579  1.00 82.71  ? 95  LYS A CE  1 
ATOM   762  N NZ  . LYS A 1 97  ? -12.211 10.600  -0.109  1.00 81.91  ? 95  LYS A NZ  1 
ATOM   763  N N   . GLY A 1 98  ? -7.704  7.450   -6.534  1.00 65.79  ? 96  GLY A N   1 
ATOM   764  C CA  . GLY A 1 98  ? -6.302  7.312   -6.906  1.00 67.43  ? 96  GLY A CA  1 
ATOM   765  C C   . GLY A 1 98  ? -5.637  6.014   -6.495  1.00 67.52  ? 96  GLY A C   1 
ATOM   766  O O   . GLY A 1 98  ? -4.440  5.831   -6.738  1.00 69.40  ? 96  GLY A O   1 
ATOM   767  N N   . ALA A 1 99  ? -6.404  5.119   -5.866  1.00 58.11  ? 97  ALA A N   1 
ATOM   768  C CA  . ALA A 1 99  ? -5.916  3.786   -5.513  1.00 48.80  ? 97  ALA A CA  1 
ATOM   769  C C   . ALA A 1 99  ? -5.618  2.997   -6.773  1.00 49.72  ? 97  ALA A C   1 
ATOM   770  O O   . ALA A 1 99  ? -6.308  3.142   -7.783  1.00 56.39  ? 97  ALA A O   1 
ATOM   771  C CB  . ALA A 1 99  ? -6.932  3.056   -4.686  1.00 49.63  ? 97  ALA A CB  1 
ATOM   772  N N   . GLU A 1 100 ? -4.590  2.163   -6.715  1.00 50.92  ? 98  GLU A N   1 
ATOM   773  C CA  . GLU A 1 100 ? -4.152  1.450   -7.899  1.00 54.73  ? 98  GLU A CA  1 
ATOM   774  C C   . GLU A 1 100 ? -4.638  -0.004  -7.938  1.00 53.31  ? 98  GLU A C   1 
ATOM   775  O O   . GLU A 1 100 ? -4.601  -0.634  -8.993  1.00 59.39  ? 98  GLU A O   1 
ATOM   776  C CB  . GLU A 1 100 ? -2.636  1.559   -8.055  1.00 55.06  ? 98  GLU A CB  1 
ATOM   777  C CG  . GLU A 1 100 ? -2.229  2.076   -9.420  1.00 79.94  ? 98  GLU A CG  1 
ATOM   778  C CD  . GLU A 1 100 ? -0.851  2.706   -9.427  1.00 104.25 ? 98  GLU A CD  1 
ATOM   779  O OE1 . GLU A 1 100 ? 0.154   1.966   -9.323  1.00 115.70 ? 98  GLU A OE1 1 
ATOM   780  O OE2 . GLU A 1 100 ? -0.774  3.947   -9.552  1.00 111.20 ? 98  GLU A OE2 1 
ATOM   781  N N   . ASP A 1 101 ? -5.100  -0.512  -6.793  1.00 55.50  ? 99  ASP A N   1 
ATOM   782  C CA  . ASP A 1 101 ? -5.744  -1.832  -6.681  1.00 52.00  ? 99  ASP A CA  1 
ATOM   783  C C   . ASP A 1 101 ? -6.511  -1.927  -5.361  1.00 54.94  ? 99  ASP A C   1 
ATOM   784  O O   . ASP A 1 101 ? -6.293  -1.136  -4.444  1.00 55.79  ? 99  ASP A O   1 
ATOM   785  C CB  . ASP A 1 101 ? -4.722  -2.973  -6.770  1.00 50.69  ? 99  ASP A CB  1 
ATOM   786  C CG  . ASP A 1 101 ? -5.327  -4.285  -7.280  1.00 60.44  ? 99  ASP A CG  1 
ATOM   787  O OD1 . ASP A 1 101 ? -6.568  -4.442  -7.302  1.00 55.94  ? 99  ASP A OD1 1 
ATOM   788  O OD2 . ASP A 1 101 ? -4.541  -5.178  -7.659  1.00 62.78  ? 99  ASP A OD2 1 
ATOM   789  N N   . PHE A 1 102 ? -7.407  -2.906  -5.285  1.00 59.24  ? 100 PHE A N   1 
ATOM   790  C CA  . PHE A 1 102 ? -8.245  -3.143  -4.120  1.00 64.51  ? 100 PHE A CA  1 
ATOM   791  C C   . PHE A 1 102 ? -8.311  -4.654  -3.943  1.00 71.02  ? 100 PHE A C   1 
ATOM   792  O O   . PHE A 1 102 ? -9.100  -5.336  -4.601  1.00 79.17  ? 100 PHE A O   1 
ATOM   793  C CB  . PHE A 1 102 ? -9.637  -2.554  -4.371  1.00 61.24  ? 100 PHE A CB  1 
ATOM   794  C CG  . PHE A 1 102 ? -10.539 -2.530  -3.167  1.00 57.92  ? 100 PHE A CG  1 
ATOM   795  C CD1 . PHE A 1 102 ? -10.714 -1.355  -2.448  1.00 56.64  ? 100 PHE A CD1 1 
ATOM   796  C CD2 . PHE A 1 102 ? -11.260 -3.661  -2.784  1.00 67.68  ? 100 PHE A CD2 1 
ATOM   797  C CE1 . PHE A 1 102 ? -11.567 -1.314  -1.348  1.00 66.68  ? 100 PHE A CE1 1 
ATOM   798  C CE2 . PHE A 1 102 ? -12.110 -3.632  -1.682  1.00 61.19  ? 100 PHE A CE2 1 
ATOM   799  C CZ  . PHE A 1 102 ? -12.268 -2.454  -0.968  1.00 64.44  ? 100 PHE A CZ  1 
ATOM   800  N N   . LEU A 1 103 ? -7.457  -5.177  -3.071  1.00 75.43  ? 101 LEU A N   1 
ATOM   801  C CA  . LEU A 1 103 ? -7.417  -6.604  -2.798  1.00 77.29  ? 101 LEU A CA  1 
ATOM   802  C C   . LEU A 1 103 ? -8.397  -6.921  -1.686  1.00 78.38  ? 101 LEU A C   1 
ATOM   803  O O   . LEU A 1 103 ? -8.586  -6.123  -0.772  1.00 78.06  ? 101 LEU A O   1 
ATOM   804  C CB  . LEU A 1 103 ? -6.005  -7.051  -2.406  1.00 80.82  ? 101 LEU A CB  1 
ATOM   805  C CG  . LEU A 1 103 ? -4.795  -6.644  -3.263  1.00 83.49  ? 101 LEU A CG  1 
ATOM   806  C CD1 . LEU A 1 103 ? -3.546  -7.342  -2.753  1.00 82.51  ? 101 LEU A CD1 1 
ATOM   807  C CD2 . LEU A 1 103 ? -4.991  -6.942  -4.745  1.00 85.27  ? 101 LEU A CD2 1 
ATOM   808  N N   . GLU A 1 104 ? -9.025  -8.086  -1.769  1.00 86.98  ? 102 GLU A N   1 
ATOM   809  C CA  . GLU A 1 104 ? -10.031 -8.462  -0.787  1.00 94.70  ? 102 GLU A CA  1 
ATOM   810  C C   . GLU A 1 104 ? -9.529  -9.578  0.117   1.00 95.91  ? 102 GLU A C   1 
ATOM   811  O O   . GLU A 1 104 ? -9.066  -10.619 -0.364  1.00 95.17  ? 102 GLU A O   1 
ATOM   812  C CB  . GLU A 1 104 ? -11.338 -8.860  -1.475  1.00 98.15  ? 102 GLU A CB  1 
ATOM   813  C CG  . GLU A 1 104 ? -12.572 -8.669  -0.606  1.00 103.33 ? 102 GLU A CG  1 
ATOM   814  C CD  . GLU A 1 104 ? -13.822 -8.359  -1.411  1.00 107.45 ? 102 GLU A CD  1 
ATOM   815  O OE1 . GLU A 1 104 ? -13.881 -8.723  -2.608  1.00 106.86 ? 102 GLU A OE1 1 
ATOM   816  O OE2 . GLU A 1 104 ? -14.752 -7.748  -0.842  1.00 105.61 ? 102 GLU A OE2 1 
ATOM   817  N N   . LYS A 1 105 ? -9.614  -9.334  1.425   1.00 96.90  ? 103 LYS A N   1 
ATOM   818  C CA  A LYS A 1 105 ? -9.194  -10.307 2.427   0.50 98.10  ? 103 LYS A CA  1 
ATOM   819  C CA  B LYS A 1 105 ? -9.197  -10.307 2.428   0.50 98.13  ? 103 LYS A CA  1 
ATOM   820  C C   . LYS A 1 105 ? -10.138 -11.512 2.444   1.00 99.86  ? 103 LYS A C   1 
ATOM   821  O O   . LYS A 1 105 ? -11.359 -11.344 2.388   1.00 102.04 ? 103 LYS A O   1 
ATOM   822  C CB  A LYS A 1 105 ? -9.111  -9.669  3.819   0.50 97.64  ? 103 LYS A CB  1 
ATOM   823  C CB  B LYS A 1 105 ? -9.133  -9.660  3.813   0.50 97.71  ? 103 LYS A CB  1 
ATOM   824  C CG  A LYS A 1 105 ? -7.988  -8.650  3.987   0.50 94.33  ? 103 LYS A CG  1 
ATOM   825  C CG  B LYS A 1 105 ? -7.954  -8.724  4.010   0.50 94.44  ? 103 LYS A CG  1 
ATOM   826  C CD  A LYS A 1 105 ? -7.477  -8.634  5.421   0.50 92.09  ? 103 LYS A CD  1 
ATOM   827  C CD  B LYS A 1 105 ? -7.890  -8.228  5.442   0.50 92.68  ? 103 LYS A CD  1 
ATOM   828  C CE  A LYS A 1 105 ? -6.811  -7.314  5.772   0.50 88.10  ? 103 LYS A CE  1 
ATOM   829  C CE  B LYS A 1 105 ? -6.718  -7.296  5.648   0.50 87.38  ? 103 LYS A CE  1 
ATOM   830  N NZ  A LYS A 1 105 ? -7.788  -6.312  6.283   0.50 89.83  ? 103 LYS A NZ  1 
ATOM   831  N NZ  B LYS A 1 105 ? -6.644  -6.815  7.055   0.50 89.10  ? 103 LYS A NZ  1 
ATOM   832  N N   . PRO A 1 106 ? -9.579  -12.743 2.512   1.00 101.59 ? 104 PRO A N   1 
ATOM   833  C CA  . PRO A 1 106 ? -8.162  -13.133 2.576   1.00 102.61 ? 104 PRO A CA  1 
ATOM   834  C C   . PRO A 1 106 ? -7.454  -13.112 1.219   1.00 100.73 ? 104 PRO A C   1 
ATOM   835  O O   . PRO A 1 106 ? -8.059  -13.418 0.190   1.00 105.14 ? 104 PRO A O   1 
ATOM   836  C CB  . PRO A 1 106 ? -8.214  -14.554 3.146   1.00 108.29 ? 104 PRO A CB  1 
ATOM   837  C CG  . PRO A 1 106 ? -9.552  -15.082 2.756   1.00 107.60 ? 104 PRO A CG  1 
ATOM   838  C CD  . PRO A 1 106 ? -10.474 -13.916 2.535   1.00 103.25 ? 104 PRO A CD  1 
ATOM   839  N N   . ILE A 1 107 ? -6.181  -12.730 1.239   1.00 95.85  ? 105 ILE A N   1 
ATOM   840  C CA  . ILE A 1 107 ? -5.397  -12.551 0.023   1.00 92.74  ? 105 ILE A CA  1 
ATOM   841  C C   . ILE A 1 107 ? -4.441  -13.723 -0.151  1.00 91.76  ? 105 ILE A C   1 
ATOM   842  O O   . ILE A 1 107 ? -3.819  -14.171 0.814   1.00 93.75  ? 105 ILE A O   1 
ATOM   843  C CB  . ILE A 1 107 ? -4.592  -11.225 0.066   1.00 91.61  ? 105 ILE A CB  1 
ATOM   844  C CG1 . ILE A 1 107 ? -5.463  -10.083 0.591   1.00 88.39  ? 105 ILE A CG1 1 
ATOM   845  C CG2 . ILE A 1 107 ? -4.030  -10.866 -1.315  1.00 96.47  ? 105 ILE A CG2 1 
ATOM   846  C CD1 . ILE A 1 107 ? -4.681  -8.885  1.022   1.00 81.83  ? 105 ILE A CD1 1 
ATOM   847  N N   . ASN A 1 108 ? -4.332  -14.213 -1.384  1.00 92.60  ? 106 ASN A N   1 
ATOM   848  C CA  . ASN A 1 108 ? -3.382  -15.267 -1.730  1.00 96.57  ? 106 ASN A CA  1 
ATOM   849  C C   . ASN A 1 108 ? -1.942  -14.765 -1.654  1.00 95.57  ? 106 ASN A C   1 
ATOM   850  O O   . ASN A 1 108 ? -1.698  -13.554 -1.666  1.00 93.83  ? 106 ASN A O   1 
ATOM   851  C CB  . ASN A 1 108 ? -3.659  -15.812 -3.139  1.00 98.51  ? 106 ASN A CB  1 
ATOM   852  C CG  . ASN A 1 108 ? -5.139  -16.055 -3.402  1.00 107.52 ? 106 ASN A CG  1 
ATOM   853  O OD1 . ASN A 1 108 ? -5.984  -15.188 -3.162  1.00 112.27 ? 106 ASN A OD1 1 
ATOM   854  N ND2 . ASN A 1 108 ? -5.455  -17.236 -3.921  1.00 114.73 ? 106 ASN A ND2 1 
ATOM   855  N N   . ALA A 1 109 ? -0.997  -15.700 -1.569  1.00 98.73  ? 107 ALA A N   1 
ATOM   856  C CA  . ALA A 1 109 ? 0.429   -15.379 -1.594  1.00 99.98  ? 107 ALA A CA  1 
ATOM   857  C C   . ALA A 1 109 ? 0.780   -14.646 -2.882  1.00 100.80 ? 107 ALA A C   1 
ATOM   858  O O   . ALA A 1 109 ? 1.422   -13.598 -2.851  1.00 101.86 ? 107 ALA A O   1 
ATOM   859  C CB  . ALA A 1 109 ? 1.269   -16.647 -1.459  1.00 99.37  ? 107 ALA A CB  1 
ATOM   860  N N   . ASP A 1 110 ? 0.310   -15.192 -4.002  1.00 100.26 ? 108 ASP A N   1 
ATOM   861  C CA  . ASP A 1 110 ? 0.626   -14.671 -5.324  1.00 98.64  ? 108 ASP A CA  1 
ATOM   862  C C   . ASP A 1 110 ? -0.389  -13.672 -5.873  1.00 93.05  ? 108 ASP A C   1 
ATOM   863  O O   . ASP A 1 110 ? -0.220  -13.178 -6.981  1.00 93.44  ? 108 ASP A O   1 
ATOM   864  C CB  . ASP A 1 110 ? 0.835   -15.825 -6.314  1.00 103.91 ? 108 ASP A CB  1 
ATOM   865  C CG  . ASP A 1 110 ? 2.290   -16.262 -6.399  1.00 115.53 ? 108 ASP A CG  1 
ATOM   866  O OD1 . ASP A 1 110 ? 3.083   -15.563 -7.070  1.00 120.58 ? 108 ASP A OD1 1 
ATOM   867  O OD2 . ASP A 1 110 ? 2.639   -17.306 -5.803  1.00 118.33 ? 108 ASP A OD2 1 
ATOM   868  N N   . ARG A 1 111 ? -1.441  -13.380 -5.113  1.00 89.11  ? 109 ARG A N   1 
ATOM   869  C CA  . ARG A 1 111 ? -2.339  -12.283 -5.472  1.00 85.72  ? 109 ARG A CA  1 
ATOM   870  C C   . ARG A 1 111 ? -1.691  -10.970 -5.072  1.00 82.28  ? 109 ARG A C   1 
ATOM   871  O O   . ARG A 1 111 ? -1.647  -10.020 -5.857  1.00 78.80  ? 109 ARG A O   1 
ATOM   872  C CB  . ARG A 1 111 ? -3.708  -12.418 -4.798  1.00 84.83  ? 109 ARG A CB  1 
ATOM   873  C CG  . ARG A 1 111 ? -4.774  -13.146 -5.622  1.00 100.43 ? 109 ARG A CG  1 
ATOM   874  C CD  . ARG A 1 111 ? -5.057  -12.484 -6.981  1.00 110.14 ? 109 ARG A CD  1 
ATOM   875  N NE  . ARG A 1 111 ? -5.328  -11.046 -6.888  1.00 109.69 ? 109 ARG A NE  1 
ATOM   876  C CZ  . ARG A 1 111 ? -6.539  -10.503 -6.767  1.00 107.29 ? 109 ARG A CZ  1 
ATOM   877  N NH1 . ARG A 1 111 ? -7.625  -11.266 -6.713  1.00 107.55 ? 109 ARG A NH1 1 
ATOM   878  N NH2 . ARG A 1 111 ? -6.664  -9.184  -6.698  1.00 100.35 ? 109 ARG A NH2 1 
ATOM   879  N N   . LEU A 1 112 ? -1.187  -10.942 -3.841  1.00 79.77  ? 110 LEU A N   1 
ATOM   880  C CA  . LEU A 1 112 ? -0.490  -9.792  -3.300  1.00 75.45  ? 110 LEU A CA  1 
ATOM   881  C C   . LEU A 1 112 ? 0.833   -9.607  -4.026  1.00 72.41  ? 110 LEU A C   1 
ATOM   882  O O   . LEU A 1 112 ? 1.150   -8.503  -4.459  1.00 77.02  ? 110 LEU A O   1 
ATOM   883  C CB  . LEU A 1 112 ? -0.256  -9.975  -1.799  1.00 77.03  ? 110 LEU A CB  1 
ATOM   884  C CG  . LEU A 1 112 ? 0.566   -8.912  -1.063  1.00 81.27  ? 110 LEU A CG  1 
ATOM   885  C CD1 . LEU A 1 112 ? -0.222  -7.617  -0.884  1.00 76.17  ? 110 LEU A CD1 1 
ATOM   886  C CD2 . LEU A 1 112 ? 1.046   -9.443  0.284   1.00 79.78  ? 110 LEU A CD2 1 
ATOM   887  N N   . LYS A 1 113 ? 1.581   -10.699 -4.169  1.00 67.33  ? 111 LYS A N   1 
ATOM   888  C CA  . LYS A 1 113 ? 2.897   -10.694 -4.809  1.00 65.21  ? 111 LYS A CA  1 
ATOM   889  C C   . LYS A 1 113 ? 2.853   -10.158 -6.243  1.00 65.90  ? 111 LYS A C   1 
ATOM   890  O O   . LYS A 1 113 ? 3.711   -9.368  -6.631  1.00 65.24  ? 111 LYS A O   1 
ATOM   891  C CB  . LYS A 1 113 ? 3.498   -12.101 -4.776  1.00 66.68  ? 111 LYS A CB  1 
ATOM   892  C CG  . LYS A 1 113 ? 5.000   -12.166 -4.957  1.00 71.05  ? 111 LYS A CG  1 
ATOM   893  C CD  . LYS A 1 113 ? 5.612   -13.288 -4.123  1.00 81.12  ? 111 LYS A CD  1 
ATOM   894  C CE  . LYS A 1 113 ? 5.385   -14.660 -4.741  1.00 87.24  ? 111 LYS A CE  1 
ATOM   895  N NZ  . LYS A 1 113 ? 5.968   -15.749 -3.906  1.00 91.57  ? 111 LYS A NZ  1 
ATOM   896  N N   . THR A 1 114 ? 1.842   -10.576 -7.007  1.00 66.47  ? 112 THR A N   1 
ATOM   897  C CA  . THR A 1 114 ? 1.633   -10.104 -8.379  1.00 64.22  ? 112 THR A CA  1 
ATOM   898  C C   . THR A 1 114 ? 1.278   -8.620  -8.408  1.00 62.28  ? 112 THR A C   1 
ATOM   899  O O   . THR A 1 114 ? 1.919   -7.844  -9.121  1.00 66.94  ? 112 THR A O   1 
ATOM   900  C CB  . THR A 1 114 ? 0.547   -10.945 -9.114  1.00 65.35  ? 112 THR A CB  1 
ATOM   901  O OG1 . THR A 1 114 ? 1.007   -12.295 -9.257  1.00 67.73  ? 112 THR A OG1 1 
ATOM   902  C CG2 . THR A 1 114 ? 0.220   -10.381 -10.498 1.00 65.97  ? 112 THR A CG2 1 
ATOM   903  N N   . SER A 1 115 ? 0.278   -8.235  -7.614  1.00 59.49  ? 113 SER A N   1 
ATOM   904  C CA  . SER A 1 115 ? -0.213  -6.856  -7.580  1.00 58.20  ? 113 SER A CA  1 
ATOM   905  C C   . SER A 1 115 ? 0.850   -5.833  -7.175  1.00 60.85  ? 113 SER A C   1 
ATOM   906  O O   . SER A 1 115 ? 0.949   -4.770  -7.794  1.00 68.29  ? 113 SER A O   1 
ATOM   907  C CB  . SER A 1 115 ? -1.418  -6.732  -6.653  1.00 52.84  ? 113 SER A CB  1 
ATOM   908  O OG  . SER A 1 115 ? -1.955  -5.423  -6.715  1.00 53.24  ? 113 SER A OG  1 
ATOM   909  N N   . VAL A 1 116 ? 1.630   -6.163  -6.145  1.00 56.74  ? 114 VAL A N   1 
ATOM   910  C CA  . VAL A 1 116 ? 2.708   -5.297  -5.666  1.00 50.44  ? 114 VAL A CA  1 
ATOM   911  C C   . VAL A 1 116 ? 3.754   -5.103  -6.766  1.00 54.72  ? 114 VAL A C   1 
ATOM   912  O O   . VAL A 1 116 ? 4.145   -3.971  -7.053  1.00 52.04  ? 114 VAL A O   1 
ATOM   913  C CB  . VAL A 1 116 ? 3.356   -5.833  -4.354  1.00 50.02  ? 114 VAL A CB  1 
ATOM   914  C CG1 . VAL A 1 116 ? 4.613   -5.043  -3.998  1.00 44.26  ? 114 VAL A CG1 1 
ATOM   915  C CG2 . VAL A 1 116 ? 2.363   -5.771  -3.193  1.00 48.38  ? 114 VAL A CG2 1 
ATOM   916  N N   . ALA A 1 117 ? 4.153   -6.205  -7.402  1.00 53.98  ? 115 ALA A N   1 
ATOM   917  C CA  . ALA A 1 117 ? 5.166   -6.189  -8.457  1.00 55.12  ? 115 ALA A CA  1 
ATOM   918  C C   . ALA A 1 117 ? 4.718   -5.427  -9.703  1.00 59.58  ? 115 ALA A C   1 
ATOM   919  O O   . ALA A 1 117 ? 5.517   -4.703  -10.313 1.00 57.12  ? 115 ALA A O   1 
ATOM   920  C CB  . ALA A 1 117 ? 5.580   -7.606  -8.820  1.00 52.40  ? 115 ALA A CB  1 
ATOM   921  N N   . LEU A 1 118 ? 3.443   -5.587  -10.058 1.00 57.22  ? 116 LEU A N   1 
ATOM   922  C CA  . LEU A 1 118 ? 2.858   -4.914  -11.220 1.00 59.92  ? 116 LEU A CA  1 
ATOM   923  C C   . LEU A 1 118 ? 2.818   -3.396  -11.058 1.00 59.16  ? 116 LEU A C   1 
ATOM   924  O O   . LEU A 1 118 ? 3.245   -2.664  -11.951 1.00 62.14  ? 116 LEU A O   1 
ATOM   925  C CB  . LEU A 1 118 ? 1.447   -5.450  -11.519 1.00 59.58  ? 116 LEU A CB  1 
ATOM   926  C CG  . LEU A 1 118 ? 0.632   -4.781  -12.642 1.00 63.87  ? 116 LEU A CG  1 
ATOM   927  C CD1 . LEU A 1 118 ? 1.287   -4.954  -14.016 1.00 68.25  ? 116 LEU A CD1 1 
ATOM   928  C CD2 . LEU A 1 118 ? -0.803  -5.290  -12.671 1.00 65.48  ? 116 LEU A CD2 1 
ATOM   929  N N   . HIS A 1 119 ? 2.316   -2.932  -9.917  1.00 54.63  ? 117 HIS A N   1 
ATOM   930  C CA  . HIS A 1 119 ? 2.142   -1.501  -9.686  1.00 54.80  ? 117 HIS A CA  1 
ATOM   931  C C   . HIS A 1 119 ? 3.442   -0.776  -9.334  1.00 59.02  ? 117 HIS A C   1 
ATOM   932  O O   . HIS A 1 119 ? 3.564   0.439   -9.539  1.00 58.66  ? 117 HIS A O   1 
ATOM   933  C CB  . HIS A 1 119 ? 1.049   -1.273  -8.653  1.00 52.61  ? 117 HIS A CB  1 
ATOM   934  C CG  . HIS A 1 119 ? -0.272  -1.832  -9.077  1.00 60.53  ? 117 HIS A CG  1 
ATOM   935  N ND1 . HIS A 1 119 ? -0.787  -3.001  -8.559  1.00 59.92  ? 117 HIS A ND1 1 
ATOM   936  C CD2 . HIS A 1 119 ? -1.157  -1.411  -10.011 1.00 51.50  ? 117 HIS A CD2 1 
ATOM   937  C CE1 . HIS A 1 119 ? -1.947  -3.261  -9.136  1.00 64.31  ? 117 HIS A CE1 1 
ATOM   938  N NE2 . HIS A 1 119 ? -2.194  -2.311  -10.021 1.00 60.53  ? 117 HIS A NE2 1 
ATOM   939  N N   . LEU A 1 120 ? 4.409   -1.546  -8.833  1.00 55.99  ? 118 LEU A N   1 
ATOM   940  C CA  . LEU A 1 120 ? 5.779   -1.097  -8.662  1.00 53.68  ? 118 LEU A CA  1 
ATOM   941  C C   . LEU A 1 120 ? 6.441   -0.869  -10.027 1.00 60.83  ? 118 LEU A C   1 
ATOM   942  O O   . LEU A 1 120 ? 7.161   0.113   -10.204 1.00 54.73  ? 118 LEU A O   1 
ATOM   943  C CB  . LEU A 1 120 ? 6.560   -2.134  -7.863  1.00 51.54  ? 118 LEU A CB  1 
ATOM   944  C CG  . LEU A 1 120 ? 7.603   -1.696  -6.835  1.00 50.55  ? 118 LEU A CG  1 
ATOM   945  C CD1 . LEU A 1 120 ? 7.046   -0.691  -5.847  1.00 38.18  ? 118 LEU A CD1 1 
ATOM   946  C CD2 . LEU A 1 120 ? 8.102   -2.920  -6.106  1.00 52.42  ? 118 LEU A CD2 1 
ATOM   947  N N   . LYS A 1 121 ? 6.177   -1.775  -10.977 1.00 67.02  ? 119 LYS A N   1 
ATOM   948  C CA  . LYS A 1 121 ? 6.655   -1.663  -12.366 1.00 71.05  ? 119 LYS A CA  1 
ATOM   949  C C   . LYS A 1 121 ? 6.151   -0.418  -13.096 1.00 71.92  ? 119 LYS A C   1 
ATOM   950  O O   . LYS A 1 121 ? 6.957   0.336   -13.645 1.00 77.05  ? 119 LYS A O   1 
ATOM   951  C CB  . LYS A 1 121 ? 6.277   -2.902  -13.186 1.00 71.86  ? 119 LYS A CB  1 
ATOM   952  C CG  . LYS A 1 121 ? 7.275   -4.036  -13.133 1.00 73.92  ? 119 LYS A CG  1 
ATOM   953  C CD  . LYS A 1 121 ? 6.948   -5.120  -14.165 1.00 77.76  ? 119 LYS A CD  1 
ATOM   954  C CE  . LYS A 1 121 ? 5.939   -6.137  -13.636 1.00 84.18  ? 119 LYS A CE  1 
ATOM   955  N NZ  . LYS A 1 121 ? 5.863   -7.357  -14.488 1.00 80.24  ? 119 LYS A NZ  1 
ATOM   956  N N   . ARG A 1 122 ? 4.831   -0.214  -13.108 1.00 69.35  ? 120 ARG A N   1 
ATOM   957  C CA  . ARG A 1 122 ? 4.223   0.948   -13.771 1.00 68.19  ? 120 ARG A CA  1 
ATOM   958  C C   . ARG A 1 122 ? 4.789   2.258   -13.241 1.00 69.18  ? 120 ARG A C   1 
ATOM   959  O O   . ARG A 1 122 ? 5.122   3.153   -14.019 1.00 72.95  ? 120 ARG A O   1 
ATOM   960  C CB  . ARG A 1 122 ? 2.700   0.958   -13.609 1.00 70.71  ? 120 ARG A CB  1 
ATOM   961  C CG  . ARG A 1 122 ? 1.915   0.227   -14.693 1.00 76.15  ? 120 ARG A CG  1 
ATOM   962  C CD  . ARG A 1 122 ? 1.391   -1.099  -14.176 1.00 88.01  ? 120 ARG A CD  1 
ATOM   963  N NE  . ARG A 1 122 ? 0.050   -1.422  -14.669 1.00 105.36 ? 120 ARG A NE  1 
ATOM   964  C CZ  . ARG A 1 122 ? -1.088  -1.002  -14.114 1.00 111.21 ? 120 ARG A CZ  1 
ATOM   965  N NH1 . ARG A 1 122 ? -1.076  -0.215  -13.041 1.00 109.70 ? 120 ARG A NH1 1 
ATOM   966  N NH2 . ARG A 1 122 ? -2.252  -1.365  -14.639 1.00 109.04 ? 120 ARG A NH2 1 
ATOM   967  N N   . ALA A 1 123 ? 4.905   2.348   -11.918 1.00 69.40  ? 121 ALA A N   1 
ATOM   968  C CA  . ALA A 1 123 ? 5.433   3.533   -11.253 1.00 71.48  ? 121 ALA A CA  1 
ATOM   969  C C   . ALA A 1 123 ? 6.918   3.745   -11.537 1.00 71.79  ? 121 ALA A C   1 
ATOM   970  O O   . ALA A 1 123 ? 7.357   4.886   -11.708 1.00 73.35  ? 121 ALA A O   1 
ATOM   971  C CB  . ALA A 1 123 ? 5.181   3.458   -9.752  1.00 76.40  ? 121 ALA A CB  1 
ATOM   972  N N   . LYS A 1 124 ? 7.678   2.650   -11.586 1.00 69.11  ? 122 LYS A N   1 
ATOM   973  C CA  . LYS A 1 124 ? 9.105   2.712   -11.896 1.00 65.28  ? 122 LYS A CA  1 
ATOM   974  C C   . LYS A 1 124 ? 9.340   3.143   -13.342 1.00 69.92  ? 122 LYS A C   1 
ATOM   975  O O   . LYS A 1 124 ? 10.180  4.004   -13.593 1.00 73.32  ? 122 LYS A O   1 
ATOM   976  C CB  . LYS A 1 124 ? 9.803   1.380   -11.603 1.00 63.19  ? 122 LYS A CB  1 
ATOM   977  C CG  . LYS A 1 124 ? 11.322  1.377   -11.819 1.00 64.11  ? 122 LYS A CG  1 
ATOM   978  C CD  . LYS A 1 124 ? 12.046  2.232   -10.789 1.00 69.14  ? 122 LYS A CD  1 
ATOM   979  C CE  . LYS A 1 124 ? 13.509  2.400   -11.143 1.00 68.62  ? 122 LYS A CE  1 
ATOM   980  N NZ  . LYS A 1 124 ? 14.096  3.564   -10.432 1.00 65.76  ? 122 LYS A NZ  1 
ATOM   981  N N   . LEU A 1 125 ? 8.572   2.574   -14.273 1.00 68.97  ? 123 LEU A N   1 
ATOM   982  C CA  . LEU A 1 125 ? 8.698   2.882   -15.699 1.00 76.01  ? 123 LEU A CA  1 
ATOM   983  C C   . LEU A 1 125 ? 8.384   4.347   -16.008 1.00 81.67  ? 123 LEU A C   1 
ATOM   984  O O   . LEU A 1 125 ? 9.023   4.959   -16.863 1.00 87.83  ? 123 LEU A O   1 
ATOM   985  C CB  . LEU A 1 125 ? 7.790   1.970   -16.527 1.00 76.58  ? 123 LEU A CB  1 
ATOM   986  C CG  . LEU A 1 125 ? 8.325   1.311   -17.808 1.00 83.37  ? 123 LEU A CG  1 
ATOM   987  C CD1 . LEU A 1 125 ? 7.262   0.376   -18.368 1.00 89.80  ? 123 LEU A CD1 1 
ATOM   988  C CD2 . LEU A 1 125 ? 8.783   2.295   -18.886 1.00 75.12  ? 123 LEU A CD2 1 
ATOM   989  N N   . GLU A 1 126 ? 7.407   4.908   -15.301 1.00 86.15  ? 124 GLU A N   1 
ATOM   990  C CA  . GLU A 1 126 ? 7.057   6.315   -15.472 1.00 88.77  ? 124 GLU A CA  1 
ATOM   991  C C   . GLU A 1 126 ? 8.038   7.253   -14.769 1.00 88.00  ? 124 GLU A C   1 
ATOM   992  O O   . GLU A 1 126 ? 8.128   8.429   -15.115 1.00 90.77  ? 124 GLU A O   1 
ATOM   993  C CB  . GLU A 1 126 ? 5.625   6.583   -15.011 1.00 91.34  ? 124 GLU A CB  1 
ATOM   994  C CG  . GLU A 1 126 ? 4.573   5.924   -15.894 1.00 103.44 ? 124 GLU A CG  1 
ATOM   995  C CD  . GLU A 1 126 ? 3.352   6.795   -16.112 1.00 114.67 ? 124 GLU A CD  1 
ATOM   996  O OE1 . GLU A 1 126 ? 2.953   7.530   -15.180 1.00 118.51 ? 124 GLU A OE1 1 
ATOM   997  O OE2 . GLU A 1 126 ? 2.788   6.742   -17.227 1.00 116.77 ? 124 GLU A OE2 1 
ATOM   998  N N   . ASP A 1 127 ? 8.770   6.728   -13.790 1.00 87.73  ? 125 ASP A N   1 
ATOM   999  C CA  . ASP A 1 127 ? 9.782   7.510   -13.086 1.00 90.63  ? 125 ASP A CA  1 
ATOM   1000 C C   . ASP A 1 127 ? 11.043  7.698   -13.927 1.00 92.36  ? 125 ASP A C   1 
ATOM   1001 O O   . ASP A 1 127 ? 11.548  8.817   -14.046 1.00 93.71  ? 125 ASP A O   1 
ATOM   1002 C CB  . ASP A 1 127 ? 10.134  6.872   -11.736 1.00 93.45  ? 125 ASP A CB  1 
ATOM   1003 C CG  . ASP A 1 127 ? 11.330  7.539   -11.058 1.00 98.81  ? 125 ASP A CG  1 
ATOM   1004 O OD1 . ASP A 1 127 ? 12.339  6.841   -10.806 1.00 103.02 ? 125 ASP A OD1 1 
ATOM   1005 O OD2 . ASP A 1 127 ? 11.266  8.759   -10.784 1.00 100.67 ? 125 ASP A OD2 1 
ATOM   1006 N N   . LEU A 1 128 ? 11.535  6.611   -14.521 1.00 92.25  ? 126 LEU A N   1 
ATOM   1007 C CA  . LEU A 1 128 ? 12.843  6.627   -15.197 1.00 95.76  ? 126 LEU A CA  1 
ATOM   1008 C C   . LEU A 1 128 ? 12.891  7.342   -16.557 1.00 97.30  ? 126 LEU A C   1 
ATOM   1009 O O   . LEU A 1 128 ? 13.948  7.411   -17.189 1.00 98.38  ? 126 LEU A O   1 
ATOM   1010 C CB  . LEU A 1 128 ? 13.470  5.218   -15.274 1.00 92.70  ? 126 LEU A CB  1 
ATOM   1011 C CG  . LEU A 1 128 ? 12.644  3.955   -15.541 1.00 89.07  ? 126 LEU A CG  1 
ATOM   1012 C CD1 . LEU A 1 128 ? 12.211  3.818   -16.995 1.00 96.02  ? 126 LEU A CD1 1 
ATOM   1013 C CD2 . LEU A 1 128 ? 13.400  2.719   -15.081 1.00 84.88  ? 126 LEU A CD2 1 
ATOM   1014 N N   . VAL A 1 129 ? 11.757  7.882   -16.993 1.00 99.07  ? 127 VAL A N   1 
ATOM   1015 C CA  . VAL A 1 129 ? 11.741  8.733   -18.181 1.00 103.20 ? 127 VAL A CA  1 
ATOM   1016 C C   . VAL A 1 129 ? 11.931  10.221  -17.830 1.00 107.83 ? 127 VAL A C   1 
ATOM   1017 O O   . VAL A 1 129 ? 12.430  10.996  -18.649 1.00 108.73 ? 127 VAL A O   1 
ATOM   1018 C CB  . VAL A 1 129 ? 10.501  8.474   -19.093 1.00 102.22 ? 127 VAL A CB  1 
ATOM   1019 C CG1 . VAL A 1 129 ? 10.595  7.094   -19.743 1.00 89.70  ? 127 VAL A CG1 1 
ATOM   1020 C CG2 . VAL A 1 129 ? 9.197   8.610   -18.320 1.00 106.25 ? 127 VAL A CG2 1 
ATOM   1021 N N   . GLU A 1 130 ? 11.552  10.604  -16.607 1.00 112.56 ? 128 GLU A N   1 
ATOM   1022 C CA  . GLU A 1 130 ? 11.773  11.967  -16.098 1.00 116.37 ? 128 GLU A CA  1 
ATOM   1023 C C   . GLU A 1 130 ? 12.818  12.006  -14.972 1.00 118.26 ? 128 GLU A C   1 
ATOM   1024 O O   . GLU A 1 130 ? 12.523  12.435  -13.853 1.00 115.94 ? 128 GLU A O   1 
ATOM   1025 C CB  . GLU A 1 130 ? 10.461  12.603  -15.615 1.00 116.77 ? 128 GLU A CB  1 
ATOM   1026 C CG  . GLU A 1 130 ? 9.519   13.065  -16.721 1.00 120.42 ? 128 GLU A CG  1 
ATOM   1027 C CD  . GLU A 1 130 ? 8.537   11.991  -17.157 1.00 121.27 ? 128 GLU A CD  1 
ATOM   1028 O OE1 . GLU A 1 130 ? 8.225   11.926  -18.364 1.00 122.67 ? 128 GLU A OE1 1 
ATOM   1029 O OE2 . GLU A 1 130 ? 8.073   11.211  -16.297 1.00 119.58 ? 128 GLU A OE2 1 
ATOM   1030 N N   . GLY A 1 131 ? 14.035  11.564  -15.278 1.00 123.49 ? 129 GLY A N   1 
ATOM   1031 C CA  . GLY A 1 131 ? 15.126  11.547  -14.301 1.00 129.02 ? 129 GLY A CA  1 
ATOM   1032 C C   . GLY A 1 131 ? 16.489  11.291  -14.922 1.00 134.45 ? 129 GLY A C   1 
ATOM   1033 O O   . GLY A 1 131 ? 16.633  10.415  -15.781 1.00 136.28 ? 129 GLY A O   1 
ATOM   1034 N N   . HIS A 1 132 ? 17.487  12.060  -14.485 1.00 137.81 ? 130 HIS A N   1 
ATOM   1035 C CA  . HIS A 1 132 ? 18.862  11.931  -14.983 1.00 138.87 ? 130 HIS A CA  1 
ATOM   1036 C C   . HIS A 1 132 ? 19.904  12.278  -13.918 1.00 137.77 ? 130 HIS A C   1 
ATOM   1037 O O   . HIS A 1 132 ? 19.689  12.063  -12.723 1.00 136.47 ? 130 HIS A O   1 
ATOM   1038 C CB  . HIS A 1 132 ? 19.077  12.793  -16.236 1.00 139.44 ? 130 HIS A CB  1 
ATOM   1039 C CG  . HIS A 1 132 ? 18.667  14.225  -16.068 1.00 142.98 ? 130 HIS A CG  1 
ATOM   1040 N ND1 . HIS A 1 132 ? 19.484  15.171  -15.486 1.00 145.92 ? 130 HIS A ND1 1 
ATOM   1041 C CD2 . HIS A 1 132 ? 17.527  14.871  -16.409 1.00 143.73 ? 130 HIS A CD2 1 
ATOM   1042 C CE1 . HIS A 1 132 ? 18.865  16.338  -15.474 1.00 146.79 ? 130 HIS A CE1 1 
ATOM   1043 N NE2 . HIS A 1 132 ? 17.676  16.183  -16.028 1.00 144.59 ? 130 HIS A NE2 1 
HETATM 1044 O O   . HOH B 2 .   ? 13.391  -5.817  3.874   1.00 58.11  ? 136 HOH A O   1 
HETATM 1045 O O   . HOH B 2 .   ? 14.417  -3.606  5.747   1.00 50.56  ? 137 HOH A O   1 
HETATM 1046 O O   . HOH B 2 .   ? 4.389   1.847   14.355  1.00 81.81  ? 138 HOH A O   1 
HETATM 1047 O O   . HOH B 2 .   ? -9.729  -3.770  7.251   1.00 47.51  ? 139 HOH A O   1 
HETATM 1048 O O   . HOH B 2 .   ? -7.354  -9.437  9.547   1.00 74.57  ? 140 HOH A O   1 
HETATM 1049 O O   . HOH B 2 .   ? 6.282   -4.803  12.816  0.50 52.71  ? 141 HOH A O   1 
HETATM 1050 O O   . HOH B 2 .   ? 10.253  7.274   9.226   1.00 66.27  ? 142 HOH A O   1 
HETATM 1051 O O   . HOH B 2 .   ? -8.581  12.633  5.167   1.00 62.32  ? 143 HOH A O   1 
HETATM 1052 O O   . HOH B 2 .   ? -8.288  12.622  -1.987  1.00 58.56  ? 144 HOH A O   1 
HETATM 1053 O O   . HOH B 2 .   ? -0.222  9.309   -5.701  1.00 70.78  ? 145 HOH A O   1 
HETATM 1054 O O   . HOH B 2 .   ? -1.671  7.002   -5.381  1.00 71.40  ? 146 HOH A O   1 
HETATM 1055 O O   . HOH B 2 .   ? -7.323  -11.192 -3.044  1.00 79.84  ? 147 HOH A O   1 
HETATM 1056 O O   . HOH B 2 .   ? 13.890  4.793   6.395   0.50 63.38  ? 148 HOH A O   1 
HETATM 1057 O O   . HOH B 2 .   ? -3.514  -9.965  15.584  1.00 63.84  ? 149 HOH A O   1 
HETATM 1058 O O   . HOH B 2 .   ? 10.391  -7.765  0.980   1.00 70.76  ? 150 HOH A O   1 
HETATM 1059 O O   . HOH B 2 .   ? 7.268   12.232  13.336  1.00 56.70  ? 151 HOH A O   1 
HETATM 1060 O O   . HOH B 2 .   ? 8.259   10.933  11.625  1.00 54.67  ? 152 HOH A O   1 
HETATM 1061 O O   . HOH B 2 .   ? 3.017   19.381  0.535   1.00 62.62  ? 153 HOH A O   1 
# 
